data_3ZX3
#
_entry.id   3ZX3
#
_cell.length_a   163.133
_cell.length_b   81.136
_cell.length_c   165.465
_cell.angle_alpha   90.00
_cell.angle_beta   117.61
_cell.angle_gamma   90.00
#
_symmetry.space_group_name_H-M   'C 1 2 1'
#
loop_
_entity.id
_entity.type
_entity.pdbx_description
1 polymer 'ECTONUCLEOSIDE TRIPHOSPHATE DIPHOSPHOHYDROLASE 1'
2 non-polymer 'CHLORIDE ION'
3 non-polymer 'ACETIC ACID'
4 non-polymer 'SODIUM ION'
5 water water
#
_entity_poly.entity_id   1
_entity_poly.type   'polypeptide(L)'
_entity_poly.pdbx_seq_one_letter_code
;MAHHHHHHVGTGSNDDDDKSPDPTHNKPLPENVKYGIVLDAGSSHTNLYIYKWPAEKENDTGVVQQLEECQVKGPGISKY
AQKTDEIAAYLAECMKMSTERIPASKQHQTPVYLGATAGMRLLRMESKQSADEVLAAVSRSLKSYPFDFQGAKIITGQEE
GAYGWITINYLLGRFKTPGGSTFGALDLGGASTQITFVPLNSTLEAPETSLQFRLYGTDYTVYTHSFLCYGKDQALWQKL
AQDIQVSSGGILKDPCFYPGYKKVVNVSELYGTPCTKRFEKKLPFNQFQVQGTGDYEQCHQSILKIFNNSHCPYSQCAFN
GVFLPPLQGSFGAFSAFYFVMDFFKKMANDSVSSQEKMTEITKNFCSKPWEEVKASYPTVKEKYLSEYCFSGTYILSLLL
QGYNFTGTSWDQIHFMGKIKDSNAGWTLGYMLNLTNMIPAEQPLSPPLPHST
;
_entity_poly.pdbx_strand_id   A,B,C,D
#
# COMPACT_ATOMS: atom_id res chain seq x y z
N ASN A 32 27.31 6.34 65.15
CA ASN A 32 28.61 5.72 65.54
C ASN A 32 29.20 4.76 64.46
N VAL A 33 29.36 3.48 64.76
CA VAL A 33 29.78 2.49 63.76
C VAL A 33 28.53 1.84 63.17
N LYS A 34 28.59 1.43 61.90
CA LYS A 34 27.52 0.68 61.22
C LYS A 34 28.14 -0.61 60.72
N TYR A 35 27.32 -1.64 60.50
CA TYR A 35 27.79 -2.99 60.11
C TYR A 35 26.98 -3.48 58.95
N GLY A 36 27.51 -4.40 58.16
CA GLY A 36 26.74 -4.99 57.10
C GLY A 36 27.37 -6.33 56.86
N ILE A 37 26.54 -7.32 56.55
CA ILE A 37 26.96 -8.72 56.28
C ILE A 37 26.61 -9.07 54.84
N VAL A 38 27.60 -9.61 54.13
CA VAL A 38 27.48 -10.14 52.77
C VAL A 38 27.99 -11.58 52.69
N LEU A 39 27.10 -12.45 52.28
CA LEU A 39 27.50 -13.80 52.02
C LEU A 39 27.80 -13.98 50.54
N ASP A 40 28.99 -14.47 50.25
CA ASP A 40 29.44 -14.82 48.90
C ASP A 40 29.31 -16.33 48.77
N ALA A 41 28.22 -16.72 48.12
CA ALA A 41 27.90 -18.12 47.85
C ALA A 41 28.55 -18.56 46.51
N GLY A 42 29.82 -18.97 46.57
CA GLY A 42 30.60 -19.28 45.39
C GLY A 42 30.59 -20.75 45.18
N SER A 43 31.20 -21.26 44.11
CA SER A 43 31.05 -22.68 43.79
C SER A 43 31.81 -23.63 44.67
N SER A 44 32.87 -23.16 45.30
CA SER A 44 33.71 -23.93 46.23
C SER A 44 33.22 -23.94 47.64
N HIS A 45 32.77 -22.79 48.09
CA HIS A 45 32.48 -22.53 49.51
CA HIS A 45 32.30 -22.62 49.46
C HIS A 45 31.59 -21.32 49.59
N THR A 46 30.80 -21.21 50.66
CA THR A 46 30.22 -19.90 51.03
C THR A 46 31.14 -19.14 52.01
N ASN A 47 31.39 -17.83 51.76
CA ASN A 47 32.12 -16.97 52.74
C ASN A 47 31.21 -15.83 53.22
N LEU A 48 31.18 -15.63 54.54
CA LEU A 48 30.46 -14.51 55.12
C LEU A 48 31.45 -13.41 55.39
N TYR A 49 31.08 -12.19 55.02
CA TYR A 49 31.91 -11.04 55.30
C TYR A 49 31.12 -10.10 56.15
N ILE A 50 31.74 -9.57 57.20
CA ILE A 50 31.19 -8.46 58.01
C ILE A 50 32.00 -7.25 57.68
N TYR A 51 31.33 -6.19 57.24
CA TYR A 51 31.88 -4.91 56.97
C TYR A 51 31.49 -3.92 58.04
N LYS A 52 32.33 -2.93 58.31
CA LYS A 52 31.94 -1.82 59.23
C LYS A 52 32.47 -0.48 58.71
N TRP A 53 31.79 0.61 59.08
CA TRP A 53 32.14 1.95 58.59
C TRP A 53 31.59 2.99 59.55
N PRO A 54 32.28 4.15 59.66
CA PRO A 54 31.71 5.24 60.44
C PRO A 54 30.25 5.53 59.99
N ALA A 55 29.32 5.64 60.94
CA ALA A 55 27.98 6.11 60.60
C ALA A 55 28.12 7.46 59.84
N GLU A 56 27.40 7.53 58.70
CA GLU A 56 27.59 8.52 57.60
C GLU A 56 27.12 9.95 57.87
N LYS A 57 27.81 10.61 58.78
CA LYS A 57 27.53 11.99 59.15
C LYS A 57 27.85 13.05 58.06
N GLU A 58 27.25 14.22 58.22
CA GLU A 58 27.50 15.35 57.34
C GLU A 58 28.90 16.00 57.49
N ASN A 59 29.39 16.13 58.72
CA ASN A 59 30.73 16.68 59.01
C ASN A 59 31.95 15.78 58.74
N ASP A 60 31.75 14.70 57.96
CA ASP A 60 32.82 13.91 57.30
C ASP A 60 32.38 12.91 56.22
N THR A 61 33.37 12.22 55.64
CA THR A 61 33.16 10.89 55.03
C THR A 61 34.32 10.01 55.50
N GLY A 62 34.03 8.72 55.61
CA GLY A 62 34.96 7.66 56.06
C GLY A 62 34.73 6.39 55.23
N VAL A 63 35.46 5.34 55.55
CA VAL A 63 35.50 4.22 54.63
C VAL A 63 34.86 2.94 55.16
N VAL A 64 34.44 2.09 54.25
CA VAL A 64 33.95 0.80 54.64
C VAL A 64 35.17 -0.06 54.70
N GLN A 65 35.26 -0.90 55.73
CA GLN A 65 36.33 -1.90 55.76
C GLN A 65 35.86 -3.26 56.23
N GLN A 66 36.58 -4.27 55.81
CA GLN A 66 36.30 -5.60 56.19
C GLN A 66 36.66 -5.71 57.64
N LEU A 67 35.72 -6.18 58.43
CA LEU A 67 35.94 -6.42 59.85
C LEU A 67 36.24 -7.89 60.12
N GLU A 68 35.47 -8.81 59.59
CA GLU A 68 35.75 -10.18 59.90
C GLU A 68 35.27 -11.02 58.71
N GLU A 69 35.86 -12.20 58.47
CA GLU A 69 35.40 -13.12 57.43
C GLU A 69 35.16 -14.48 58.06
N CYS A 70 34.20 -15.26 57.57
CA CYS A 70 34.03 -16.62 58.01
C CYS A 70 33.85 -17.51 56.77
N GLN A 71 34.48 -18.67 56.73
CA GLN A 71 34.22 -19.60 55.64
C GLN A 71 33.33 -20.69 56.16
N VAL A 72 32.17 -20.85 55.55
CA VAL A 72 31.24 -21.91 55.90
C VAL A 72 31.90 -23.24 55.61
N LYS A 73 31.87 -24.17 56.57
CA LYS A 73 32.35 -25.57 56.36
C LYS A 73 31.45 -26.23 55.32
N GLY A 74 32.05 -26.96 54.40
CA GLY A 74 31.30 -27.66 53.35
C GLY A 74 31.50 -27.07 51.98
N PRO A 75 30.82 -27.63 51.01
CA PRO A 75 30.83 -27.24 49.58
C PRO A 75 30.00 -25.98 49.37
N GLY A 76 29.82 -25.56 48.12
CA GLY A 76 28.99 -24.43 47.81
C GLY A 76 27.53 -24.84 47.96
N ILE A 77 26.63 -23.84 48.09
CA ILE A 77 25.21 -24.08 48.36
C ILE A 77 24.49 -24.94 47.32
N SER A 78 24.89 -24.90 46.06
CA SER A 78 24.27 -25.73 45.05
C SER A 78 24.33 -27.20 45.35
N LYS A 79 25.25 -27.62 46.20
CA LYS A 79 25.29 -29.01 46.57
C LYS A 79 24.17 -29.35 47.54
N TYR A 80 23.42 -28.35 47.98
CA TYR A 80 22.24 -28.61 48.85
C TYR A 80 20.90 -28.80 48.18
N ALA A 81 20.92 -28.81 46.86
CA ALA A 81 19.72 -28.83 46.04
C ALA A 81 18.69 -29.89 46.50
N GLN A 82 19.16 -31.03 47.00
CA GLN A 82 18.26 -32.09 47.34
C GLN A 82 18.24 -32.23 48.81
N LYS A 83 18.67 -31.19 49.51
CA LYS A 83 18.61 -31.23 50.95
C LYS A 83 18.59 -29.84 51.50
N THR A 84 17.63 -29.05 51.07
CA THR A 84 17.58 -27.64 51.47
C THR A 84 17.22 -27.53 52.94
N ASP A 85 16.75 -28.64 53.50
CA ASP A 85 16.39 -28.66 54.94
C ASP A 85 17.63 -28.56 55.82
N GLU A 86 18.78 -28.74 55.20
CA GLU A 86 20.03 -28.67 55.90
C GLU A 86 20.71 -27.30 55.70
N ILE A 87 20.11 -26.41 54.94
CA ILE A 87 20.76 -25.12 54.68
C ILE A 87 20.96 -24.30 55.93
N ALA A 88 19.96 -24.31 56.78
CA ALA A 88 19.92 -23.63 58.06
C ALA A 88 21.14 -23.94 58.91
N ALA A 89 21.26 -25.24 59.18
CA ALA A 89 22.38 -25.82 59.86
C ALA A 89 23.69 -25.45 59.17
N TYR A 90 23.77 -25.55 57.84
CA TYR A 90 24.96 -25.22 57.09
C TYR A 90 25.46 -23.80 57.37
N LEU A 91 24.55 -22.84 57.45
CA LEU A 91 24.90 -21.44 57.66
C LEU A 91 25.05 -21.02 59.14
N ALA A 92 24.69 -21.90 60.07
CA ALA A 92 24.53 -21.50 61.45
C ALA A 92 25.83 -20.98 62.10
N GLU A 93 26.96 -21.68 61.91
CA GLU A 93 28.19 -21.34 62.62
C GLU A 93 28.65 -19.93 62.28
N CYS A 94 28.61 -19.60 61.01
CA CYS A 94 29.06 -18.31 60.57
C CYS A 94 28.04 -17.24 60.88
N MET A 95 26.77 -17.58 60.86
CA MET A 95 25.79 -16.66 61.37
C MET A 95 25.90 -16.33 62.87
N LYS A 96 26.22 -17.32 63.69
CA LYS A 96 26.52 -17.13 65.10
C LYS A 96 27.72 -16.25 65.34
N MET A 97 28.74 -16.40 64.51
CA MET A 97 29.91 -15.52 64.60
C MET A 97 29.44 -14.08 64.49
N SER A 98 28.50 -13.84 63.59
CA SER A 98 28.03 -12.48 63.29
C SER A 98 27.19 -11.90 64.42
N THR A 99 26.30 -12.71 64.97
CA THR A 99 25.55 -12.24 66.13
C THR A 99 26.45 -12.11 67.35
N GLU A 100 27.44 -13.01 67.52
CA GLU A 100 28.43 -12.85 68.57
C GLU A 100 29.23 -11.56 68.34
N ARG A 101 29.59 -11.22 67.11
CA ARG A 101 30.50 -10.10 66.79
C ARG A 101 29.82 -8.75 66.73
N ILE A 102 28.61 -8.69 66.24
CA ILE A 102 28.03 -7.36 66.08
C ILE A 102 27.24 -7.10 67.34
N PRO A 103 27.44 -5.93 68.04
CA PRO A 103 26.68 -5.60 69.25
C PRO A 103 25.16 -5.70 69.02
N ALA A 104 24.44 -6.27 70.00
CA ALA A 104 22.98 -6.52 69.87
C ALA A 104 22.12 -5.30 69.44
N SER A 105 22.57 -4.13 69.94
CA SER A 105 21.90 -2.85 69.74
C SER A 105 22.18 -2.34 68.35
N LYS A 106 23.12 -2.96 67.66
CA LYS A 106 23.40 -2.58 66.32
C LYS A 106 22.85 -3.58 65.30
N GLN A 107 22.30 -4.71 65.79
CA GLN A 107 21.91 -5.81 64.87
C GLN A 107 20.68 -5.55 64.00
N HIS A 108 19.57 -5.17 64.61
CA HIS A 108 18.35 -4.99 63.82
CA HIS A 108 18.31 -4.90 63.87
C HIS A 108 18.55 -4.07 62.65
N GLN A 109 19.46 -3.12 62.75
CA GLN A 109 19.66 -2.18 61.68
C GLN A 109 20.81 -2.60 60.72
N THR A 110 21.40 -3.76 60.95
CA THR A 110 22.50 -4.26 60.13
C THR A 110 21.91 -5.07 58.97
N PRO A 111 22.21 -4.69 57.67
CA PRO A 111 21.76 -5.49 56.52
C PRO A 111 22.52 -6.82 56.32
N VAL A 112 21.80 -7.88 55.93
CA VAL A 112 22.44 -9.13 55.49
C VAL A 112 21.96 -9.47 54.07
N TYR A 113 22.89 -9.70 53.17
CA TYR A 113 22.58 -10.09 51.81
C TYR A 113 23.40 -11.35 51.46
N LEU A 114 22.83 -12.32 50.74
CA LEU A 114 23.63 -13.39 50.13
C LEU A 114 23.57 -13.20 48.60
N GLY A 115 24.73 -13.17 47.92
CA GLY A 115 24.86 -13.21 46.45
C GLY A 115 25.49 -14.55 46.07
N ALA A 116 24.82 -15.36 45.24
CA ALA A 116 25.41 -16.55 44.67
C ALA A 116 25.90 -16.26 43.26
N THR A 117 26.91 -17.00 42.86
CA THR A 117 27.59 -16.80 41.60
C THR A 117 27.48 -18.04 40.68
N ALA A 118 28.56 -18.43 40.00
CA ALA A 118 28.46 -19.25 38.84
C ALA A 118 28.02 -20.63 39.23
N GLY A 119 28.33 -21.11 40.42
CA GLY A 119 27.88 -22.44 40.82
C GLY A 119 26.35 -22.53 40.77
N MET A 120 25.68 -21.51 41.31
CA MET A 120 24.28 -21.41 41.26
C MET A 120 23.69 -21.11 39.89
N ARG A 121 24.39 -20.38 39.01
CA ARG A 121 23.95 -20.20 37.63
C ARG A 121 23.92 -21.57 36.94
N LEU A 122 24.89 -22.44 37.25
CA LEU A 122 24.89 -23.77 36.67
C LEU A 122 23.77 -24.64 37.22
N LEU A 123 23.52 -24.54 38.49
CA LEU A 123 22.41 -25.27 39.04
C LEU A 123 21.08 -24.79 38.44
N ARG A 124 20.91 -23.50 38.25
CA ARG A 124 19.75 -22.95 37.62
C ARG A 124 19.59 -23.43 36.18
N MET A 125 20.67 -23.63 35.44
CA MET A 125 20.57 -24.14 34.11
C MET A 125 20.08 -25.56 34.13
N GLU A 126 20.50 -26.34 35.11
CA GLU A 126 20.08 -27.70 35.28
C GLU A 126 18.62 -27.75 35.66
N SER A 127 18.24 -26.96 36.64
CA SER A 127 16.91 -27.00 37.17
C SER A 127 16.60 -25.69 37.82
N LYS A 128 15.75 -24.87 37.20
CA LYS A 128 15.27 -23.60 37.79
C LYS A 128 14.61 -23.77 39.16
N GLN A 129 13.81 -24.82 39.29
CA GLN A 129 13.18 -25.13 40.54
C GLN A 129 14.14 -25.48 41.68
N SER A 130 15.21 -26.23 41.44
CA SER A 130 16.22 -26.51 42.51
C SER A 130 16.85 -25.28 43.01
N ALA A 131 17.25 -24.46 42.06
CA ALA A 131 17.88 -23.20 42.39
C ALA A 131 16.98 -22.38 43.27
N ASP A 132 15.71 -22.26 42.90
CA ASP A 132 14.75 -21.53 43.66
C ASP A 132 14.50 -22.11 45.03
N GLU A 133 14.45 -23.43 45.13
CA GLU A 133 14.26 -24.07 46.44
C GLU A 133 15.51 -23.85 47.29
N VAL A 134 16.72 -23.82 46.69
CA VAL A 134 17.90 -23.45 47.46
C VAL A 134 17.83 -22.02 48.01
N LEU A 135 17.50 -21.08 47.16
CA LEU A 135 17.49 -19.69 47.54
C LEU A 135 16.37 -19.35 48.54
N ALA A 136 15.23 -20.03 48.47
CA ALA A 136 14.17 -19.82 49.44
C ALA A 136 14.55 -20.36 50.84
N ALA A 137 15.27 -21.48 50.91
CA ALA A 137 15.72 -22.03 52.18
C ALA A 137 16.79 -21.10 52.83
N VAL A 138 17.66 -20.50 52.01
CA VAL A 138 18.59 -19.44 52.42
C VAL A 138 17.86 -18.21 52.97
N SER A 139 16.88 -17.68 52.25
CA SER A 139 16.09 -16.56 52.79
C SER A 139 15.46 -16.94 54.14
N ARG A 140 14.81 -18.10 54.18
CA ARG A 140 14.15 -18.57 55.37
C ARG A 140 15.10 -18.56 56.51
N SER A 141 16.27 -19.18 56.33
CA SER A 141 17.33 -19.15 57.36
C SER A 141 17.79 -17.72 57.77
N LEU A 142 18.21 -16.94 56.79
CA LEU A 142 18.68 -15.62 57.09
C LEU A 142 17.61 -14.78 57.72
N LYS A 143 16.37 -14.87 57.25
CA LYS A 143 15.28 -14.03 57.82
C LYS A 143 15.07 -14.27 59.34
N SER A 144 15.56 -15.43 59.80
CA SER A 144 15.34 -15.90 61.17
C SER A 144 16.34 -15.25 62.14
N TYR A 145 17.29 -14.49 61.61
CA TYR A 145 18.28 -13.81 62.47
C TYR A 145 17.78 -12.42 62.82
N PRO A 146 18.46 -11.71 63.77
CA PRO A 146 18.09 -10.34 64.10
C PRO A 146 18.52 -9.26 63.12
N PHE A 147 19.16 -9.61 62.03
CA PHE A 147 19.58 -8.61 61.07
C PHE A 147 18.47 -8.24 60.09
N ASP A 148 18.72 -7.17 59.35
CA ASP A 148 17.81 -6.66 58.32
C ASP A 148 18.01 -7.37 56.93
N PHE A 149 17.28 -8.48 56.71
CA PHE A 149 17.36 -9.26 55.45
C PHE A 149 17.19 -8.40 54.19
N GLN A 150 18.14 -8.45 53.29
CA GLN A 150 18.10 -7.64 52.13
C GLN A 150 18.01 -8.50 50.93
N GLY A 151 18.03 -9.82 51.09
CA GLY A 151 17.81 -10.66 49.93
C GLY A 151 18.82 -11.76 49.71
N ALA A 152 18.40 -12.81 48.98
CA ALA A 152 19.28 -13.88 48.65
C ALA A 152 19.12 -14.08 47.17
N LYS A 153 20.11 -13.76 46.33
CA LYS A 153 19.93 -13.73 44.88
C LYS A 153 21.06 -14.43 44.19
N ILE A 154 20.86 -14.88 42.95
CA ILE A 154 22.01 -15.21 42.06
C ILE A 154 22.41 -13.93 41.34
N ILE A 155 23.62 -13.40 41.57
CA ILE A 155 23.96 -12.09 40.99
C ILE A 155 24.36 -12.39 39.58
N THR A 156 24.27 -11.40 38.71
CA THR A 156 24.69 -11.64 37.31
C THR A 156 26.23 -11.70 37.11
N GLY A 157 26.65 -12.29 36.01
CA GLY A 157 28.06 -12.27 35.66
C GLY A 157 28.57 -10.83 35.51
N GLN A 158 27.81 -9.92 34.90
CA GLN A 158 28.25 -8.52 34.77
C GLN A 158 28.30 -7.84 36.09
N GLU A 159 27.30 -8.04 36.96
CA GLU A 159 27.37 -7.53 38.32
C GLU A 159 28.57 -8.04 39.09
N GLU A 160 28.81 -9.36 39.08
CA GLU A 160 29.94 -9.91 39.74
C GLU A 160 31.23 -9.22 39.25
N GLY A 161 31.41 -9.10 37.95
CA GLY A 161 32.56 -8.47 37.44
C GLY A 161 32.65 -7.00 37.83
N ALA A 162 31.60 -6.22 37.60
CA ALA A 162 31.59 -4.76 37.94
C ALA A 162 31.87 -4.52 39.42
N TYR A 163 31.23 -5.29 40.29
CA TYR A 163 31.44 -5.10 41.69
C TYR A 163 32.89 -5.38 42.15
N GLY A 164 33.58 -6.32 41.51
CA GLY A 164 34.98 -6.60 41.78
C GLY A 164 35.85 -5.45 41.34
N TRP A 165 35.52 -4.85 40.21
CA TRP A 165 36.19 -3.63 39.74
C TRP A 165 35.94 -2.47 40.71
N ILE A 166 34.71 -2.37 41.21
CA ILE A 166 34.43 -1.37 42.23
C ILE A 166 35.29 -1.59 43.49
N THR A 167 35.29 -2.80 44.04
CA THR A 167 36.07 -3.16 45.22
C THR A 167 37.53 -2.74 45.06
N ILE A 168 38.18 -3.20 44.02
CA ILE A 168 39.60 -2.89 43.89
C ILE A 168 39.87 -1.41 43.57
N ASN A 169 39.12 -0.70 42.75
CA ASN A 169 39.40 0.70 42.57
C ASN A 169 39.09 1.60 43.83
N TYR A 170 38.08 1.18 44.58
CA TYR A 170 37.72 1.87 45.78
C TYR A 170 38.93 1.69 46.72
N LEU A 171 39.41 0.46 46.86
CA LEU A 171 40.45 0.15 47.87
C LEU A 171 41.77 0.71 47.42
N LEU A 172 41.98 0.85 46.10
CA LEU A 172 43.19 1.51 45.60
C LEU A 172 43.06 3.01 45.59
N GLY A 173 41.94 3.56 46.04
CA GLY A 173 41.75 5.00 46.16
C GLY A 173 41.52 5.74 44.84
N ARG A 174 41.21 4.96 43.80
CA ARG A 174 41.12 5.48 42.42
C ARG A 174 39.87 6.34 42.19
N PHE A 175 38.88 6.25 43.08
CA PHE A 175 37.67 7.04 42.89
C PHE A 175 37.81 8.52 43.39
N LYS A 176 39.03 9.07 43.31
CA LYS A 176 39.27 10.56 43.19
C LYS A 176 40.27 10.97 42.11
N GLY A 180 41.05 10.45 36.88
CA GLY A 180 42.22 9.62 36.65
C GLY A 180 41.84 8.18 36.26
N SER A 181 42.83 7.31 36.14
CA SER A 181 42.52 6.05 35.56
C SER A 181 42.32 4.97 36.59
N THR A 182 41.66 3.91 36.17
CA THR A 182 41.25 2.89 37.08
C THR A 182 41.97 1.66 36.75
N PHE A 183 42.02 0.70 37.64
CA PHE A 183 42.57 -0.58 37.29
C PHE A 183 41.48 -1.55 36.73
N GLY A 184 41.85 -2.39 35.76
CA GLY A 184 41.03 -3.51 35.35
C GLY A 184 40.97 -4.57 36.42
N ALA A 185 40.04 -5.49 36.32
CA ALA A 185 39.83 -6.46 37.35
C ALA A 185 39.72 -7.81 36.65
N LEU A 186 40.54 -8.76 37.13
CA LEU A 186 40.52 -10.20 36.73
C LEU A 186 40.19 -11.10 37.90
N ASP A 187 39.11 -11.86 37.77
CA ASP A 187 38.58 -12.61 38.88
C ASP A 187 38.50 -14.03 38.35
N LEU A 188 39.05 -14.95 39.13
CA LEU A 188 38.96 -16.37 38.77
C LEU A 188 38.39 -17.18 39.93
N GLY A 189 37.36 -17.97 39.66
CA GLY A 189 36.82 -18.84 40.65
C GLY A 189 36.79 -20.22 40.13
N GLY A 190 36.02 -21.05 40.80
CA GLY A 190 35.90 -22.45 40.41
C GLY A 190 35.09 -22.65 39.16
N ALA A 191 34.03 -21.85 39.01
CA ALA A 191 33.02 -22.03 37.93
C ALA A 191 33.05 -21.00 36.77
N SER A 192 33.44 -19.77 37.06
CA SER A 192 33.56 -18.79 36.03
C SER A 192 34.80 -17.90 36.25
N THR A 193 35.12 -17.10 35.24
CA THR A 193 36.10 -16.07 35.31
C THR A 193 35.62 -14.78 34.64
N GLN A 194 35.98 -13.65 35.25
CA GLN A 194 35.52 -12.35 34.83
C GLN A 194 36.72 -11.51 34.44
N ILE A 195 36.49 -10.69 33.43
CA ILE A 195 37.41 -9.58 33.06
C ILE A 195 36.59 -8.27 32.86
N THR A 196 36.99 -7.20 33.57
CA THR A 196 36.29 -5.92 33.64
C THR A 196 37.34 -4.76 33.52
N PHE A 197 37.17 -3.84 32.60
CA PHE A 197 38.10 -2.68 32.45
C PHE A 197 37.45 -1.60 31.65
N VAL A 198 37.89 -0.37 31.84
CA VAL A 198 37.49 0.74 31.00
C VAL A 198 38.37 0.70 29.73
N PRO A 199 37.81 0.51 28.54
CA PRO A 199 38.71 0.44 27.37
C PRO A 199 39.08 1.84 26.79
N LEU A 200 40.01 1.90 25.84
CA LEU A 200 40.43 3.17 25.29
C LEU A 200 39.25 3.84 24.64
N ASN A 201 38.51 3.06 23.88
CA ASN A 201 37.40 3.60 23.11
C ASN A 201 36.11 2.83 23.51
N SER A 202 35.07 3.53 23.94
CA SER A 202 33.75 2.89 24.17
C SER A 202 33.01 2.59 22.81
N THR A 203 32.63 1.32 22.58
CA THR A 203 31.92 0.91 21.35
C THR A 203 30.54 0.19 21.57
N LEU A 204 29.73 0.19 20.49
CA LEU A 204 28.52 -0.64 20.39
C LEU A 204 28.87 -1.98 19.79
N GLU A 205 30.15 -2.45 19.95
CA GLU A 205 30.57 -3.69 19.30
C GLU A 205 29.80 -4.78 19.90
N ALA A 206 29.71 -4.81 21.22
CA ALA A 206 28.89 -5.80 21.85
C ALA A 206 28.26 -5.13 23.04
N PRO A 207 27.14 -4.39 22.83
CA PRO A 207 26.71 -3.47 23.89
C PRO A 207 26.18 -4.24 25.05
N GLU A 208 25.99 -5.51 24.88
CA GLU A 208 25.68 -6.27 26.05
C GLU A 208 26.93 -6.62 26.85
N THR A 209 28.10 -6.15 26.41
CA THR A 209 29.29 -6.32 27.26
C THR A 209 29.63 -5.04 28.00
N SER A 210 28.86 -3.98 27.83
CA SER A 210 29.09 -2.68 28.47
C SER A 210 28.22 -2.50 29.66
N LEU A 211 28.74 -1.79 30.64
CA LEU A 211 28.00 -1.48 31.88
C LEU A 211 28.38 -0.08 32.24
N GLN A 212 27.38 0.80 32.35
CA GLN A 212 27.60 2.21 32.69
C GLN A 212 27.02 2.40 34.10
N PHE A 213 27.72 3.06 35.02
CA PHE A 213 27.12 3.36 36.37
C PHE A 213 27.80 4.57 36.98
N ARG A 214 27.12 5.20 37.96
CA ARG A 214 27.68 6.42 38.58
C ARG A 214 28.22 6.14 39.99
N LEU A 215 29.39 6.70 40.29
CA LEU A 215 30.04 6.55 41.59
C LEU A 215 30.74 7.88 41.89
N TYR A 216 30.38 8.54 43.00
CA TYR A 216 31.02 9.83 43.39
C TYR A 216 31.05 10.91 42.25
N GLY A 217 29.87 11.09 41.63
CA GLY A 217 29.65 12.06 40.51
C GLY A 217 30.11 11.69 39.10
N THR A 218 30.80 10.56 38.99
CA THR A 218 31.21 10.05 37.69
C THR A 218 30.41 8.86 37.16
N ASP A 219 29.90 9.01 35.95
CA ASP A 219 29.33 7.93 35.21
C ASP A 219 30.56 7.17 34.63
N TYR A 220 30.57 5.84 34.77
CA TYR A 220 31.66 5.02 34.25
C TYR A 220 31.12 4.04 33.23
N THR A 221 31.88 3.79 32.16
CA THR A 221 31.55 2.78 31.16
C THR A 221 32.61 1.70 31.03
N VAL A 222 32.29 0.51 31.59
CA VAL A 222 33.25 -0.57 31.62
C VAL A 222 32.81 -1.62 30.64
N TYR A 223 33.78 -2.22 29.99
CA TYR A 223 33.65 -3.59 29.42
C TYR A 223 33.69 -4.64 30.53
N THR A 224 32.71 -5.56 30.52
CA THR A 224 32.76 -6.61 31.50
C THR A 224 32.16 -7.87 30.89
N HIS A 225 32.84 -8.95 31.11
CA HIS A 225 32.32 -10.26 30.72
C HIS A 225 32.71 -11.35 31.71
N SER A 226 31.75 -12.26 32.03
CA SER A 226 31.93 -13.49 32.76
C SER A 226 31.85 -14.72 31.86
N PHE A 227 32.92 -15.50 31.86
CA PHE A 227 32.96 -16.69 31.05
C PHE A 227 32.52 -17.92 31.90
N LEU A 228 31.24 -18.23 31.86
CA LEU A 228 30.71 -19.39 32.55
C LEU A 228 31.37 -20.69 32.07
N CYS A 229 31.79 -21.56 33.00
CA CYS A 229 32.46 -22.83 32.70
C CYS A 229 33.94 -22.69 32.56
N TYR A 230 34.44 -21.47 32.69
CA TYR A 230 35.87 -21.19 32.54
C TYR A 230 36.55 -20.76 33.86
N GLY A 231 35.87 -20.94 34.96
CA GLY A 231 36.59 -21.01 36.20
C GLY A 231 37.46 -22.27 36.16
N LYS A 232 38.34 -22.37 37.14
CA LYS A 232 39.43 -23.36 37.07
C LYS A 232 38.98 -24.75 37.28
N ASP A 233 37.98 -24.94 38.10
CA ASP A 233 37.41 -26.32 38.28
C ASP A 233 36.55 -26.83 37.16
N GLN A 234 35.65 -25.99 36.64
CA GLN A 234 34.90 -26.33 35.44
C GLN A 234 35.77 -26.47 34.27
N ALA A 235 36.81 -25.66 34.15
CA ALA A 235 37.74 -25.90 33.02
C ALA A 235 38.40 -27.28 33.10
N LEU A 236 38.75 -27.75 34.30
CA LEU A 236 39.33 -29.08 34.43
C LEU A 236 38.30 -30.14 34.06
N TRP A 237 37.02 -30.02 34.49
CA TRP A 237 36.02 -31.00 34.07
CA TRP A 237 36.00 -30.99 34.08
C TRP A 237 35.89 -31.02 32.58
N GLN A 238 35.89 -29.85 31.93
CA GLN A 238 35.82 -29.81 30.47
C GLN A 238 37.01 -30.60 29.84
N LYS A 239 38.20 -30.38 30.39
CA LYS A 239 39.39 -31.01 29.83
CA LYS A 239 39.43 -31.00 29.89
C LYS A 239 39.34 -32.52 30.02
N LEU A 240 38.92 -32.98 31.20
CA LEU A 240 38.80 -34.38 31.42
C LEU A 240 37.77 -35.03 30.53
N ALA A 241 36.60 -34.39 30.36
CA ALA A 241 35.56 -34.89 29.49
C ALA A 241 36.05 -34.89 28.09
N GLN A 242 36.76 -33.83 27.73
CA GLN A 242 37.27 -33.82 26.38
C GLN A 242 38.23 -35.03 26.06
N ASP A 243 39.04 -35.42 27.05
CA ASP A 243 40.19 -36.26 26.85
C ASP A 243 39.90 -37.72 27.14
N ILE A 244 38.95 -38.00 28.02
CA ILE A 244 38.62 -39.39 28.35
C ILE A 244 38.28 -40.25 27.15
N GLN A 245 38.92 -41.43 27.13
CA GLN A 245 38.78 -42.34 26.02
C GLN A 245 37.92 -43.51 26.40
N VAL A 246 36.92 -43.83 25.58
CA VAL A 246 36.12 -45.08 25.66
C VAL A 246 36.96 -46.34 25.70
N SER A 247 38.07 -46.20 24.98
CA SER A 247 39.11 -47.23 24.71
C SER A 247 40.00 -47.66 25.94
N SER A 248 39.99 -46.83 26.99
CA SER A 248 41.10 -46.67 27.90
C SER A 248 41.12 -47.69 28.98
N GLY A 249 40.04 -48.41 29.10
CA GLY A 249 40.01 -49.34 30.19
C GLY A 249 39.87 -48.63 31.51
N GLY A 250 39.36 -47.37 31.52
CA GLY A 250 39.15 -46.67 32.75
C GLY A 250 40.35 -45.92 33.33
N ILE A 251 41.28 -45.54 32.45
CA ILE A 251 42.49 -44.82 32.84
C ILE A 251 42.57 -43.61 31.96
N LEU A 252 42.98 -42.45 32.48
CA LEU A 252 43.33 -41.32 31.63
C LEU A 252 44.67 -40.85 32.07
N LYS A 253 45.67 -41.03 31.23
CA LYS A 253 46.97 -40.40 31.52
C LYS A 253 46.83 -38.89 31.26
N ASP A 254 47.30 -38.05 32.17
CA ASP A 254 47.04 -36.64 32.09
C ASP A 254 48.30 -35.81 32.42
N PRO A 255 48.82 -34.98 31.44
CA PRO A 255 50.09 -34.27 31.67
C PRO A 255 49.94 -33.16 32.67
N CYS A 256 48.72 -32.81 33.07
CA CYS A 256 48.45 -31.71 33.97
C CYS A 256 48.56 -32.07 35.45
N PHE A 257 48.85 -33.33 35.74
CA PHE A 257 49.10 -33.77 37.10
C PHE A 257 50.47 -34.42 37.21
N TYR A 258 51.01 -34.33 38.43
CA TYR A 258 52.37 -34.81 38.77
C TYR A 258 52.59 -36.23 38.41
N PRO A 259 53.80 -36.57 38.02
CA PRO A 259 54.11 -37.96 37.86
C PRO A 259 53.70 -38.73 39.12
N GLY A 260 53.04 -39.88 38.96
CA GLY A 260 52.60 -40.68 40.09
C GLY A 260 51.30 -40.28 40.76
N TYR A 261 50.73 -39.14 40.37
CA TYR A 261 49.44 -38.73 40.91
C TYR A 261 48.34 -39.63 40.35
N LYS A 262 47.45 -40.07 41.23
CA LYS A 262 46.28 -40.87 40.87
C LYS A 262 45.01 -40.41 41.52
N LYS A 263 43.93 -40.28 40.80
CA LYS A 263 42.67 -39.94 41.44
C LYS A 263 41.55 -40.54 40.63
N VAL A 264 40.65 -41.21 41.30
CA VAL A 264 39.51 -41.84 40.66
C VAL A 264 38.40 -40.78 40.47
N VAL A 265 37.79 -40.74 39.27
CA VAL A 265 36.72 -39.77 38.84
C VAL A 265 35.45 -40.51 38.50
N ASN A 266 34.33 -40.15 39.14
CA ASN A 266 33.04 -40.72 38.84
C ASN A 266 32.46 -40.03 37.57
N VAL A 267 32.05 -40.81 36.58
CA VAL A 267 31.62 -40.30 35.28
C VAL A 267 30.31 -39.54 35.43
N SER A 268 29.46 -40.04 36.32
CA SER A 268 28.26 -39.30 36.66
C SER A 268 28.48 -37.89 37.22
N GLU A 269 29.52 -37.70 38.00
CA GLU A 269 29.88 -36.38 38.52
CA GLU A 269 29.83 -36.39 38.50
C GLU A 269 30.44 -35.53 37.39
N LEU A 270 31.31 -36.13 36.59
CA LEU A 270 31.89 -35.46 35.44
C LEU A 270 30.82 -34.92 34.44
N TYR A 271 29.84 -35.74 34.16
CA TYR A 271 28.81 -35.31 33.29
C TYR A 271 27.65 -34.64 34.07
N GLY A 272 27.83 -34.27 35.34
CA GLY A 272 26.76 -33.72 36.16
C GLY A 272 26.73 -32.19 36.13
N THR A 273 27.55 -31.62 35.29
CA THR A 273 27.62 -30.20 35.09
C THR A 273 27.30 -29.85 33.62
N PRO A 274 26.57 -28.75 33.37
CA PRO A 274 26.29 -28.24 32.05
C PRO A 274 27.58 -28.05 31.24
N CYS A 275 28.67 -27.77 31.91
CA CYS A 275 29.95 -27.43 31.26
C CYS A 275 30.55 -28.58 30.44
N THR A 276 30.20 -29.80 30.74
CA THR A 276 30.74 -30.90 29.99
C THR A 276 29.75 -31.50 28.97
N LYS A 277 28.53 -30.95 28.86
CA LYS A 277 27.53 -31.46 27.92
C LYS A 277 28.03 -31.63 26.50
N ARG A 278 28.74 -30.67 25.98
CA ARG A 278 29.31 -30.84 24.66
C ARG A 278 30.27 -31.98 24.47
N PHE A 279 30.96 -32.49 25.50
CA PHE A 279 31.85 -33.65 25.37
C PHE A 279 31.27 -35.00 25.78
N GLU A 280 30.01 -35.04 26.21
CA GLU A 280 29.43 -36.28 26.73
C GLU A 280 29.47 -37.35 25.68
N LYS A 281 29.92 -38.55 26.03
CA LYS A 281 29.93 -39.70 25.14
C LYS A 281 29.47 -40.92 25.97
N LYS A 282 29.06 -42.03 25.35
CA LYS A 282 28.83 -43.21 26.17
C LYS A 282 30.15 -43.87 26.44
N LEU A 283 30.35 -44.18 27.71
CA LEU A 283 31.60 -44.70 28.18
C LEU A 283 31.27 -46.05 28.76
N PRO A 284 32.16 -47.04 28.52
CA PRO A 284 31.87 -48.39 28.93
C PRO A 284 32.26 -48.66 30.37
N PHE A 285 32.57 -47.59 31.11
CA PHE A 285 32.92 -47.64 32.50
C PHE A 285 32.22 -46.46 33.24
N ASN A 286 32.04 -46.64 34.52
CA ASN A 286 31.32 -45.78 35.43
C ASN A 286 32.29 -44.83 36.10
N GLN A 287 33.58 -45.08 35.96
CA GLN A 287 34.52 -44.45 36.85
C GLN A 287 35.85 -44.65 36.19
N PHE A 288 36.78 -43.75 36.40
CA PHE A 288 38.10 -43.83 35.76
C PHE A 288 39.15 -43.21 36.62
N GLN A 289 40.36 -43.75 36.52
CA GLN A 289 41.47 -43.16 37.25
C GLN A 289 42.32 -42.21 36.38
N VAL A 290 42.44 -40.94 36.82
CA VAL A 290 43.45 -40.00 36.31
C VAL A 290 44.86 -40.40 36.83
N GLN A 291 45.82 -40.49 35.90
CA GLN A 291 47.22 -40.84 36.19
C GLN A 291 48.07 -39.72 35.65
N GLY A 292 48.72 -38.99 36.57
CA GLY A 292 49.56 -37.85 36.26
C GLY A 292 50.78 -38.23 35.45
N THR A 293 51.15 -37.41 34.47
CA THR A 293 52.34 -37.63 33.72
C THR A 293 53.25 -36.46 33.73
N GLY A 294 52.86 -35.40 34.42
CA GLY A 294 53.68 -34.20 34.67
C GLY A 294 54.47 -33.59 33.51
N ASP A 295 53.78 -33.06 32.48
CA ASP A 295 54.44 -32.44 31.34
C ASP A 295 53.70 -31.12 31.03
N TYR A 296 54.34 -30.02 31.44
CA TYR A 296 53.73 -28.67 31.33
C TYR A 296 53.31 -28.36 29.87
N GLU A 297 54.18 -28.67 28.92
CA GLU A 297 53.88 -28.33 27.52
C GLU A 297 52.67 -29.07 26.95
N GLN A 298 52.59 -30.37 27.22
CA GLN A 298 51.43 -31.17 26.86
C GLN A 298 50.21 -30.73 27.60
N CYS A 299 50.37 -30.35 28.88
CA CYS A 299 49.30 -29.79 29.66
C CYS A 299 48.76 -28.51 29.02
N HIS A 300 49.67 -27.63 28.67
CA HIS A 300 49.30 -26.39 27.99
CA HIS A 300 49.30 -26.41 27.99
C HIS A 300 48.49 -26.66 26.74
N GLN A 301 48.99 -27.55 25.89
CA GLN A 301 48.32 -27.87 24.64
C GLN A 301 46.93 -28.44 24.90
N SER A 302 46.81 -29.31 25.88
CA SER A 302 45.52 -29.94 26.18
CA SER A 302 45.53 -29.95 26.22
C SER A 302 44.50 -28.93 26.67
N ILE A 303 44.95 -27.93 27.42
CA ILE A 303 44.12 -26.87 27.87
C ILE A 303 43.60 -26.03 26.72
N LEU A 304 44.51 -25.70 25.80
CA LEU A 304 44.16 -24.80 24.71
C LEU A 304 43.01 -25.39 23.97
N LYS A 305 42.84 -26.72 24.04
CA LYS A 305 41.78 -27.40 23.30
C LYS A 305 40.32 -27.18 23.79
N ILE A 306 40.09 -26.69 24.99
CA ILE A 306 38.74 -26.43 25.38
C ILE A 306 38.35 -24.99 25.04
N PHE A 307 39.28 -24.25 24.44
CA PHE A 307 38.99 -22.92 23.96
C PHE A 307 38.72 -22.93 22.43
N ASN A 308 37.68 -22.22 22.00
CA ASN A 308 37.47 -22.08 20.55
C ASN A 308 37.92 -20.70 20.09
N ASN A 309 38.86 -20.63 19.13
CA ASN A 309 39.31 -19.33 18.60
C ASN A 309 38.94 -19.02 17.11
N SER A 310 38.20 -19.95 16.53
CA SER A 310 37.75 -19.95 15.13
C SER A 310 36.59 -19.03 14.69
N HIS A 311 35.85 -18.44 15.62
CA HIS A 311 34.73 -17.62 15.22
C HIS A 311 34.80 -16.31 15.99
N CYS A 312 34.94 -15.21 15.28
CA CYS A 312 34.92 -13.96 15.93
C CYS A 312 34.13 -12.96 15.12
N PRO A 313 32.83 -12.80 15.48
CA PRO A 313 31.97 -11.80 14.78
C PRO A 313 32.21 -10.32 15.19
N TYR A 314 33.42 -10.04 15.69
CA TYR A 314 33.94 -8.70 16.10
C TYR A 314 35.33 -8.41 15.55
N SER A 315 35.76 -7.18 15.83
CA SER A 315 37.09 -6.70 15.50
C SER A 315 38.10 -7.76 16.07
N GLN A 316 38.00 -8.11 17.36
CA GLN A 316 38.82 -9.14 17.96
C GLN A 316 38.07 -9.70 19.19
N CYS A 317 38.51 -10.83 19.68
CA CYS A 317 37.79 -11.62 20.66
C CYS A 317 38.73 -12.18 21.65
N ALA A 318 38.17 -12.67 22.76
CA ALA A 318 38.84 -13.42 23.77
C ALA A 318 38.95 -14.86 23.32
N PHE A 319 37.85 -15.57 23.43
CA PHE A 319 37.77 -16.95 22.91
C PHE A 319 36.26 -17.20 22.83
N ASN A 320 35.90 -18.30 22.18
CA ASN A 320 34.51 -18.69 22.01
C ASN A 320 33.64 -17.58 21.42
N GLY A 321 34.21 -16.84 20.46
CA GLY A 321 33.54 -15.75 19.77
C GLY A 321 33.08 -14.60 20.64
N VAL A 322 33.72 -14.42 21.76
CA VAL A 322 33.28 -13.32 22.64
C VAL A 322 34.11 -12.04 22.42
N PHE A 323 33.46 -10.92 22.18
CA PHE A 323 34.16 -9.66 21.99
C PHE A 323 35.13 -9.41 23.16
N LEU A 324 36.34 -8.92 22.84
CA LEU A 324 37.22 -8.30 23.86
C LEU A 324 37.85 -7.06 23.25
N PRO A 325 37.66 -5.91 23.85
CA PRO A 325 38.38 -4.74 23.41
C PRO A 325 39.90 -4.87 23.57
N PRO A 326 40.69 -4.03 22.87
CA PRO A 326 42.13 -4.09 23.20
C PRO A 326 42.42 -3.74 24.67
N LEU A 327 43.37 -4.44 25.28
CA LEU A 327 43.67 -4.24 26.70
C LEU A 327 44.19 -2.84 26.92
N GLN A 328 43.99 -2.33 28.12
CA GLN A 328 44.30 -0.96 28.40
C GLN A 328 44.47 -0.86 29.91
N GLY A 329 45.57 -0.24 30.30
CA GLY A 329 45.91 0.05 31.66
C GLY A 329 46.45 -1.10 32.42
N SER A 330 46.44 -0.93 33.74
CA SER A 330 46.90 -1.92 34.65
C SER A 330 45.73 -2.69 35.20
N PHE A 331 46.00 -3.89 35.64
CA PHE A 331 44.97 -4.86 36.10
C PHE A 331 45.30 -5.35 37.51
N GLY A 332 44.26 -5.57 38.32
CA GLY A 332 44.41 -6.35 39.53
C GLY A 332 43.81 -7.70 39.29
N ALA A 333 44.57 -8.77 39.61
CA ALA A 333 44.08 -10.12 39.46
C ALA A 333 43.92 -10.79 40.79
N PHE A 334 42.76 -11.32 41.05
CA PHE A 334 42.52 -11.73 42.42
C PHE A 334 41.74 -13.03 42.49
N SER A 335 41.28 -13.35 43.68
CA SER A 335 40.73 -14.68 43.96
C SER A 335 41.71 -15.78 43.56
N ALA A 336 41.29 -16.77 42.79
CA ALA A 336 42.20 -17.83 42.48
C ALA A 336 43.39 -17.36 41.61
N PHE A 337 43.26 -16.28 40.85
CA PHE A 337 44.48 -15.71 40.22
C PHE A 337 45.57 -15.47 41.27
N TYR A 338 45.17 -14.89 42.41
CA TYR A 338 46.10 -14.61 43.44
C TYR A 338 46.55 -15.82 44.23
N PHE A 339 45.62 -16.65 44.69
CA PHE A 339 45.98 -17.76 45.50
C PHE A 339 46.94 -18.75 44.77
N VAL A 340 46.73 -18.93 43.48
CA VAL A 340 47.58 -19.81 42.67
C VAL A 340 48.89 -19.13 42.32
N MET A 341 48.87 -17.91 41.81
CA MET A 341 50.12 -17.23 41.51
C MET A 341 51.02 -17.02 42.71
N ASP A 342 50.46 -16.65 43.84
CA ASP A 342 51.25 -16.42 44.96
C ASP A 342 51.98 -17.69 45.39
N PHE A 343 51.35 -18.84 45.22
CA PHE A 343 51.97 -20.10 45.58
C PHE A 343 53.21 -20.32 44.71
N PHE A 344 53.11 -20.03 43.44
CA PHE A 344 54.27 -20.21 42.56
C PHE A 344 55.28 -19.15 42.82
N LYS A 345 54.87 -17.91 43.06
CA LYS A 345 55.84 -16.86 43.39
C LYS A 345 56.65 -17.16 44.64
N LYS A 346 56.02 -17.73 45.66
CA LYS A 346 56.68 -18.09 46.89
C LYS A 346 57.73 -19.16 46.63
N MET A 347 57.53 -20.04 45.66
CA MET A 347 58.63 -20.89 45.18
C MET A 347 59.88 -20.19 44.60
N ALA A 348 59.77 -19.05 43.93
CA ALA A 348 60.93 -18.26 43.55
C ALA A 348 61.57 -17.61 44.81
N SER A 353 59.78 -11.97 38.39
CA SER A 353 58.40 -12.49 38.34
C SER A 353 57.69 -12.29 36.92
N SER A 354 58.51 -12.38 35.87
CA SER A 354 58.12 -12.33 34.46
C SER A 354 57.31 -13.53 34.00
N GLN A 355 56.74 -13.45 32.81
CA GLN A 355 56.03 -14.55 32.24
C GLN A 355 56.96 -15.72 32.01
N GLU A 356 58.18 -15.42 31.58
CA GLU A 356 59.12 -16.44 31.26
C GLU A 356 59.51 -17.19 32.53
N LYS A 357 59.74 -16.44 33.61
CA LYS A 357 60.12 -16.96 34.92
C LYS A 357 58.94 -17.78 35.51
N MET A 358 57.71 -17.28 35.42
CA MET A 358 56.58 -18.00 35.93
C MET A 358 56.30 -19.28 35.16
N THR A 359 56.57 -19.29 33.86
CA THR A 359 56.37 -20.48 33.04
C THR A 359 57.39 -21.52 33.39
N GLU A 360 58.62 -21.10 33.62
CA GLU A 360 59.66 -22.02 34.08
C GLU A 360 59.36 -22.72 35.45
N ILE A 361 58.86 -21.95 36.42
CA ILE A 361 58.61 -22.43 37.77
C ILE A 361 57.49 -23.43 37.68
N THR A 362 56.50 -23.13 36.87
CA THR A 362 55.39 -24.02 36.69
C THR A 362 55.74 -25.29 35.98
N LYS A 363 56.49 -25.21 34.91
CA LYS A 363 57.00 -26.39 34.23
C LYS A 363 57.80 -27.35 35.15
N ASN A 364 58.69 -26.79 35.94
CA ASN A 364 59.46 -27.59 36.84
CA ASN A 364 59.46 -27.56 36.88
C ASN A 364 58.59 -28.19 37.95
N PHE A 365 57.70 -27.44 38.49
CA PHE A 365 56.85 -27.98 39.51
C PHE A 365 55.97 -29.10 38.99
N CYS A 366 55.46 -28.98 37.75
CA CYS A 366 54.60 -30.00 37.15
C CYS A 366 55.30 -31.34 37.03
N SER A 367 56.61 -31.29 36.81
CA SER A 367 57.31 -32.54 36.60
C SER A 367 57.77 -33.22 37.90
N LYS A 368 57.52 -32.62 39.06
CA LYS A 368 57.95 -33.17 40.34
C LYS A 368 56.99 -34.26 40.77
N PRO A 369 57.49 -35.42 41.25
CA PRO A 369 56.54 -36.52 41.57
C PRO A 369 55.62 -36.17 42.68
N TRP A 370 54.42 -36.72 42.65
CA TRP A 370 53.40 -36.43 43.61
C TRP A 370 53.85 -36.72 45.02
N GLU A 371 54.57 -37.82 45.29
CA GLU A 371 55.04 -38.04 46.68
C GLU A 371 55.94 -36.97 47.15
N GLU A 372 56.81 -36.48 46.28
CA GLU A 372 57.76 -35.37 46.59
C GLU A 372 57.02 -34.10 46.84
N VAL A 373 56.04 -33.80 46.02
CA VAL A 373 55.22 -32.59 46.14
C VAL A 373 54.55 -32.60 47.51
N LYS A 374 53.86 -33.71 47.85
CA LYS A 374 53.23 -33.71 49.21
C LYS A 374 54.20 -33.62 50.38
N ALA A 375 55.40 -34.21 50.26
CA ALA A 375 56.37 -34.16 51.31
C ALA A 375 57.00 -32.76 51.37
N SER A 376 57.08 -32.05 50.24
CA SER A 376 57.67 -30.68 50.22
C SER A 376 56.68 -29.62 50.72
N TYR A 377 55.40 -29.86 50.59
CA TYR A 377 54.35 -28.93 51.08
C TYR A 377 53.42 -29.67 52.03
N PRO A 378 53.93 -30.15 53.17
CA PRO A 378 53.12 -31.04 53.96
C PRO A 378 51.97 -30.34 54.69
N THR A 379 51.95 -29.01 54.74
CA THR A 379 50.90 -28.30 55.45
C THR A 379 49.63 -27.99 54.58
N VAL A 380 49.74 -28.23 53.27
CA VAL A 380 48.77 -27.85 52.29
C VAL A 380 47.80 -28.99 52.07
N LYS A 381 46.53 -28.69 52.29
CA LYS A 381 45.41 -29.52 51.90
C LYS A 381 45.63 -30.16 50.55
N GLU A 382 45.57 -31.50 50.47
CA GLU A 382 45.89 -32.19 49.19
C GLU A 382 44.92 -31.85 48.07
N LYS A 383 43.69 -31.50 48.44
CA LYS A 383 42.71 -30.98 47.45
C LYS A 383 43.16 -29.72 46.65
N TYR A 384 43.94 -28.84 47.29
CA TYR A 384 44.53 -27.66 46.63
C TYR A 384 45.85 -28.05 46.00
N LEU A 385 46.76 -28.67 46.77
CA LEU A 385 48.06 -29.05 46.28
C LEU A 385 47.95 -29.91 44.99
N SER A 386 47.00 -30.82 44.92
CA SER A 386 46.91 -31.68 43.72
C SER A 386 46.61 -30.93 42.42
N GLU A 387 46.07 -29.72 42.56
CA GLU A 387 45.62 -28.92 41.43
C GLU A 387 46.53 -27.84 40.97
N TYR A 388 47.64 -27.58 41.61
CA TYR A 388 48.43 -26.36 41.32
C TYR A 388 49.09 -26.42 39.98
N CYS A 389 49.51 -27.63 39.56
CA CYS A 389 50.10 -27.76 38.22
C CYS A 389 49.07 -27.34 37.15
N PHE A 390 47.90 -27.93 37.27
CA PHE A 390 46.81 -27.69 36.33
C PHE A 390 46.44 -26.19 36.39
N SER A 391 46.24 -25.66 37.58
CA SER A 391 45.68 -24.38 37.73
C SER A 391 46.68 -23.37 37.33
N GLY A 392 47.95 -23.59 37.57
CA GLY A 392 48.93 -22.62 37.11
C GLY A 392 49.06 -22.56 35.60
N THR A 393 49.10 -23.72 34.95
CA THR A 393 49.16 -23.79 33.47
C THR A 393 47.88 -23.16 32.89
N TYR A 394 46.74 -23.34 33.54
CA TYR A 394 45.47 -22.79 33.09
C TYR A 394 45.49 -21.28 33.16
N ILE A 395 45.95 -20.74 34.27
CA ILE A 395 46.01 -19.29 34.45
C ILE A 395 46.88 -18.69 33.40
N LEU A 396 48.05 -19.30 33.19
CA LEU A 396 48.91 -18.85 32.14
C LEU A 396 48.24 -18.92 30.76
N SER A 397 47.52 -19.98 30.42
CA SER A 397 46.81 -20.03 29.14
C SER A 397 45.73 -18.96 29.02
N LEU A 398 44.90 -18.85 30.05
CA LEU A 398 43.85 -17.85 30.10
C LEU A 398 44.38 -16.41 29.91
N LEU A 399 45.45 -16.03 30.59
CA LEU A 399 45.88 -14.66 30.56
C LEU A 399 46.63 -14.40 29.31
N LEU A 400 47.42 -15.36 28.89
CA LEU A 400 48.28 -15.09 27.75
C LEU A 400 47.61 -15.34 26.42
N GLN A 401 46.95 -16.49 26.26
CA GLN A 401 46.26 -16.78 25.00
C GLN A 401 44.83 -16.28 24.99
N GLY A 402 44.11 -16.41 26.10
CA GLY A 402 42.74 -15.99 26.21
C GLY A 402 42.59 -14.48 26.11
N TYR A 403 43.37 -13.74 26.91
CA TYR A 403 43.25 -12.31 27.01
C TYR A 403 44.35 -11.59 26.34
N ASN A 404 45.36 -12.29 25.85
CA ASN A 404 46.52 -11.66 25.19
C ASN A 404 47.40 -10.74 26.02
N PHE A 405 47.64 -11.09 27.27
CA PHE A 405 48.55 -10.37 28.09
C PHE A 405 49.96 -10.80 27.85
N THR A 406 50.33 -10.89 26.60
CA THR A 406 51.68 -11.30 26.25
C THR A 406 52.69 -10.14 26.32
N GLY A 407 53.96 -10.49 26.52
CA GLY A 407 55.06 -9.53 26.39
C GLY A 407 55.02 -8.32 27.31
N THR A 408 55.06 -7.14 26.66
CA THR A 408 54.87 -5.85 27.31
C THR A 408 53.70 -5.87 28.37
N SER A 409 52.59 -6.54 28.07
CA SER A 409 51.40 -6.44 28.88
C SER A 409 51.44 -7.25 30.16
N TRP A 410 52.38 -8.19 30.28
CA TRP A 410 52.37 -9.13 31.40
C TRP A 410 52.54 -8.36 32.68
N ASP A 411 53.41 -7.38 32.62
CA ASP A 411 53.73 -6.52 33.74
C ASP A 411 52.61 -5.60 34.21
N GLN A 412 51.56 -5.47 33.40
CA GLN A 412 50.42 -4.64 33.73
CA GLN A 412 50.40 -4.65 33.74
C GLN A 412 49.45 -5.40 34.69
N ILE A 413 49.70 -6.70 34.92
CA ILE A 413 48.90 -7.49 35.89
C ILE A 413 49.50 -7.51 37.28
N HIS A 414 48.72 -7.09 38.27
CA HIS A 414 49.14 -7.12 39.66
C HIS A 414 48.30 -8.08 40.42
N PHE A 415 48.91 -9.08 40.98
CA PHE A 415 48.17 -10.10 41.70
C PHE A 415 47.94 -9.57 43.09
N MET A 416 46.70 -9.69 43.58
CA MET A 416 46.30 -9.11 44.88
C MET A 416 45.32 -10.01 45.61
N GLY A 417 45.48 -10.15 46.91
CA GLY A 417 44.49 -10.79 47.71
C GLY A 417 43.69 -9.77 48.52
N LYS A 418 44.37 -9.02 49.37
CA LYS A 418 43.78 -7.92 50.13
C LYS A 418 44.42 -6.60 49.78
N ILE A 419 43.64 -5.54 49.84
CA ILE A 419 44.14 -4.15 49.82
C ILE A 419 43.60 -3.53 51.11
N LYS A 420 44.45 -2.78 51.79
CA LYS A 420 44.11 -2.14 53.04
C LYS A 420 43.34 -3.11 53.92
N ASP A 421 43.71 -4.37 53.83
CA ASP A 421 43.15 -5.37 54.70
C ASP A 421 41.74 -5.87 54.41
N SER A 422 41.20 -5.59 53.23
CA SER A 422 39.93 -6.13 52.82
C SER A 422 40.16 -7.01 51.64
N ASN A 423 39.45 -8.14 51.52
CA ASN A 423 39.62 -9.02 50.40
C ASN A 423 39.25 -8.36 49.17
N ALA A 424 40.12 -8.42 48.17
CA ALA A 424 39.67 -8.15 46.83
C ALA A 424 38.61 -9.23 46.35
N GLY A 425 37.52 -8.81 45.71
CA GLY A 425 36.34 -9.66 45.54
C GLY A 425 35.20 -8.78 45.13
N TRP A 426 33.99 -9.33 44.99
CA TRP A 426 32.82 -8.51 44.64
C TRP A 426 32.11 -7.98 45.82
N THR A 427 32.33 -8.56 47.00
CA THR A 427 31.40 -8.33 48.09
C THR A 427 31.53 -6.92 48.62
N LEU A 428 32.73 -6.36 48.63
CA LEU A 428 32.84 -5.02 49.20
CA LEU A 428 32.88 -5.00 49.17
C LEU A 428 32.11 -3.98 48.31
N GLY A 429 32.29 -4.06 47.00
CA GLY A 429 31.52 -3.24 46.09
C GLY A 429 30.02 -3.43 46.17
N TYR A 430 29.54 -4.67 46.27
CA TYR A 430 28.16 -4.87 46.57
C TYR A 430 27.76 -4.09 47.84
N MET A 431 28.58 -4.08 48.92
CA MET A 431 28.21 -3.44 50.21
C MET A 431 28.18 -1.94 50.02
N LEU A 432 29.14 -1.40 49.31
CA LEU A 432 29.21 0.03 49.02
C LEU A 432 27.99 0.55 48.34
N ASN A 433 27.57 -0.14 47.29
CA ASN A 433 26.38 0.25 46.60
C ASN A 433 25.11 -0.01 47.45
N LEU A 434 25.00 -1.16 48.11
CA LEU A 434 23.84 -1.41 48.98
C LEU A 434 23.77 -0.48 50.15
N THR A 435 24.86 0.20 50.53
CA THR A 435 24.87 1.25 51.61
C THR A 435 24.61 2.66 51.08
N ASN A 436 24.25 2.72 49.78
CA ASN A 436 23.97 3.96 49.00
C ASN A 436 25.12 4.98 49.04
N MET A 437 26.32 4.49 48.73
CA MET A 437 27.57 5.22 48.98
C MET A 437 28.08 5.95 47.72
N ASN B 32 -13.54 20.50 31.14
CA ASN B 32 -12.60 21.53 30.58
C ASN B 32 -11.26 20.94 30.08
N VAL B 33 -10.59 21.67 29.21
CA VAL B 33 -9.57 21.03 28.43
C VAL B 33 -8.16 21.33 28.90
N LYS B 34 -7.30 20.31 28.88
CA LYS B 34 -5.83 20.46 29.00
C LYS B 34 -5.06 19.66 27.92
N TYR B 35 -4.01 20.28 27.36
CA TYR B 35 -3.11 19.75 26.29
C TYR B 35 -1.65 19.52 26.73
N GLY B 36 -1.00 18.55 26.08
CA GLY B 36 0.43 18.43 26.18
C GLY B 36 1.02 17.87 24.88
N ILE B 37 2.28 18.21 24.61
CA ILE B 37 2.99 17.90 23.38
C ILE B 37 4.30 17.13 23.69
N VAL B 38 4.56 16.11 22.88
CA VAL B 38 5.71 15.22 23.03
C VAL B 38 6.11 15.00 21.61
N LEU B 39 7.37 15.31 21.33
CA LEU B 39 7.99 14.94 20.12
C LEU B 39 8.81 13.67 20.36
N ASP B 40 8.52 12.67 19.56
CA ASP B 40 9.25 11.42 19.52
C ASP B 40 10.27 11.56 18.40
N ALA B 41 11.51 11.82 18.78
CA ALA B 41 12.58 12.00 17.82
C ALA B 41 13.26 10.63 17.61
N GLY B 42 12.73 9.86 16.68
CA GLY B 42 13.21 8.53 16.39
C GLY B 42 14.20 8.56 15.26
N SER B 43 14.81 7.44 14.95
CA SER B 43 15.85 7.39 13.95
CA SER B 43 15.87 7.44 13.96
C SER B 43 15.38 7.73 12.54
N SER B 44 14.16 7.31 12.17
CA SER B 44 13.62 7.57 10.84
C SER B 44 12.85 8.88 10.67
N HIS B 45 12.17 9.36 11.71
CA HIS B 45 11.33 10.54 11.61
CA HIS B 45 11.50 10.64 11.63
C HIS B 45 11.19 11.10 12.99
N THR B 46 10.93 12.38 13.06
CA THR B 46 10.40 12.96 14.28
C THR B 46 8.89 13.01 14.15
N ASN B 47 8.16 12.52 15.15
CA ASN B 47 6.74 12.62 15.18
C ASN B 47 6.32 13.45 16.39
N LEU B 48 5.45 14.43 16.18
CA LEU B 48 4.91 15.29 17.24
C LEU B 48 3.50 14.84 17.57
N TYR B 49 3.21 14.68 18.86
CA TYR B 49 1.86 14.27 19.27
C TYR B 49 1.29 15.31 20.18
N ILE B 50 0.05 15.74 19.93
CA ILE B 50 -0.69 16.59 20.86
C ILE B 50 -1.67 15.65 21.51
N TYR B 51 -1.65 15.62 22.84
CA TYR B 51 -2.59 14.91 23.72
C TYR B 51 -3.56 15.89 24.38
N LYS B 52 -4.75 15.41 24.70
CA LYS B 52 -5.72 16.30 25.34
C LYS B 52 -6.51 15.53 26.36
N TRP B 53 -7.02 16.20 27.39
CA TRP B 53 -7.80 15.54 28.42
C TRP B 53 -8.47 16.56 29.37
N PRO B 54 -9.53 16.14 30.11
CA PRO B 54 -10.07 16.85 31.28
C PRO B 54 -9.02 17.46 32.23
N GLY B 62 -8.12 5.92 32.75
CA GLY B 62 -7.79 6.00 31.29
C GLY B 62 -8.38 7.00 30.23
N VAL B 63 -8.27 8.33 30.46
CA VAL B 63 -9.01 9.38 29.74
C VAL B 63 -8.23 10.28 28.81
N VAL B 64 -6.89 10.26 28.88
CA VAL B 64 -6.01 11.05 27.99
C VAL B 64 -6.13 10.51 26.57
N GLN B 65 -6.13 11.42 25.58
CA GLN B 65 -6.36 11.08 24.18
C GLN B 65 -5.43 11.83 23.26
N GLN B 66 -4.95 11.15 22.21
CA GLN B 66 -4.22 11.83 21.18
C GLN B 66 -5.22 12.75 20.44
N LEU B 67 -4.87 14.02 20.33
CA LEU B 67 -5.64 14.98 19.58
C LEU B 67 -5.16 15.02 18.10
N GLU B 68 -3.86 14.94 17.84
CA GLU B 68 -3.42 14.97 16.48
C GLU B 68 -1.96 14.62 16.50
N GLU B 69 -1.47 14.04 15.42
CA GLU B 69 -0.07 13.73 15.27
C GLU B 69 0.38 14.51 14.04
N CYS B 70 1.62 14.93 14.03
CA CYS B 70 2.22 15.47 12.87
C CYS B 70 3.57 14.71 12.62
N GLN B 71 3.83 14.26 11.39
CA GLN B 71 5.09 13.69 11.08
C GLN B 71 5.92 14.76 10.44
N VAL B 72 7.08 15.00 11.01
CA VAL B 72 8.04 16.00 10.54
C VAL B 72 8.65 15.44 9.28
N LYS B 73 8.67 16.25 8.20
CA LYS B 73 9.24 15.79 6.95
C LYS B 73 10.76 15.79 7.11
N GLY B 74 11.43 14.84 6.48
CA GLY B 74 12.87 14.66 6.59
C GLY B 74 13.26 13.51 7.51
N PRO B 75 14.58 13.20 7.61
CA PRO B 75 15.00 12.15 8.50
C PRO B 75 14.96 12.51 9.95
N GLY B 76 15.59 11.67 10.76
CA GLY B 76 15.66 11.86 12.22
C GLY B 76 16.62 12.96 12.61
N ILE B 77 16.48 13.49 13.80
CA ILE B 77 17.29 14.65 14.22
C ILE B 77 18.83 14.34 14.17
N SER B 78 19.23 13.08 14.36
CA SER B 78 20.67 12.86 14.32
C SER B 78 21.27 13.07 12.96
N LYS B 79 20.45 13.20 11.90
CA LYS B 79 20.98 13.56 10.58
C LYS B 79 21.32 15.02 10.46
N TYR B 80 21.04 15.75 11.52
CA TYR B 80 21.27 17.20 11.48
C TYR B 80 22.51 17.60 12.21
N ALA B 81 23.31 16.59 12.56
CA ALA B 81 24.55 16.71 13.29
C ALA B 81 25.46 17.80 12.72
N GLN B 82 25.59 17.92 11.42
CA GLN B 82 26.40 19.04 10.98
C GLN B 82 25.56 20.09 10.34
N LYS B 83 24.28 20.08 10.64
CA LYS B 83 23.34 20.88 9.91
C LYS B 83 22.40 21.47 10.94
N THR B 84 22.92 21.88 12.10
CA THR B 84 22.06 22.21 13.24
C THR B 84 21.30 23.51 13.04
N ASP B 85 21.83 24.44 12.25
CA ASP B 85 21.08 25.62 11.81
C ASP B 85 19.75 25.32 11.07
N GLU B 86 19.63 24.14 10.45
CA GLU B 86 18.42 23.72 9.79
C GLU B 86 17.30 23.14 10.68
N ILE B 87 17.62 22.73 11.92
CA ILE B 87 16.62 22.21 12.86
C ILE B 87 15.40 23.11 13.02
N ALA B 88 15.62 24.41 13.14
CA ALA B 88 14.50 25.32 13.31
C ALA B 88 13.46 25.21 12.19
N ALA B 89 13.95 25.18 10.94
CA ALA B 89 13.09 25.15 9.78
C ALA B 89 12.44 23.80 9.76
N TYR B 90 13.16 22.78 10.21
CA TYR B 90 12.69 21.40 10.17
C TYR B 90 11.49 21.22 11.10
N LEU B 91 11.50 21.87 12.25
CA LEU B 91 10.47 21.68 13.21
C LEU B 91 9.27 22.55 12.93
N ALA B 92 9.41 23.52 12.02
CA ALA B 92 8.45 24.63 11.88
C ALA B 92 7.02 24.20 11.59
N GLU B 93 6.82 23.31 10.61
CA GLU B 93 5.47 22.90 10.16
C GLU B 93 4.66 22.25 11.27
N CYS B 94 5.26 21.34 12.02
CA CYS B 94 4.57 20.68 13.10
C CYS B 94 4.35 21.53 14.29
N MET B 95 5.25 22.47 14.51
CA MET B 95 5.05 23.36 15.63
C MET B 95 3.97 24.37 15.35
N LYS B 96 3.91 24.82 14.09
CA LYS B 96 2.91 25.77 13.59
C LYS B 96 1.54 25.09 13.71
N MET B 97 1.45 23.84 13.30
CA MET B 97 0.25 23.07 13.51
C MET B 97 -0.26 23.16 14.93
N SER B 98 0.64 23.01 15.89
CA SER B 98 0.35 22.90 17.31
C SER B 98 -0.13 24.22 17.81
N THR B 99 0.50 25.28 17.35
CA THR B 99 0.04 26.58 17.74
C THR B 99 -1.31 26.90 17.12
N GLU B 100 -1.59 26.39 15.92
CA GLU B 100 -2.90 26.58 15.34
C GLU B 100 -3.97 25.75 16.04
N ARG B 101 -3.59 24.61 16.60
CA ARG B 101 -4.58 23.72 17.11
C ARG B 101 -4.85 24.01 18.52
N ILE B 102 -3.87 24.33 19.33
CA ILE B 102 -4.17 24.57 20.75
C ILE B 102 -4.58 26.03 20.91
N PRO B 103 -5.67 26.32 21.64
CA PRO B 103 -6.14 27.71 21.75
C PRO B 103 -5.11 28.55 22.48
N ALA B 104 -4.94 29.79 22.03
CA ALA B 104 -3.86 30.63 22.54
C ALA B 104 -4.01 30.81 24.05
N SER B 105 -5.27 30.98 24.45
CA SER B 105 -5.75 30.92 25.85
C SER B 105 -5.09 29.75 26.67
N LYS B 106 -4.51 28.73 26.01
CA LYS B 106 -4.05 27.48 26.68
C LYS B 106 -2.61 27.10 26.42
N GLN B 107 -1.96 27.86 25.56
CA GLN B 107 -0.65 27.52 25.11
C GLN B 107 0.43 27.53 26.23
N HIS B 108 0.27 28.44 27.19
CA HIS B 108 1.30 28.65 28.19
C HIS B 108 1.39 27.64 29.27
N GLN B 109 0.26 27.06 29.66
CA GLN B 109 0.27 25.92 30.58
C GLN B 109 0.43 24.58 29.91
N THR B 110 0.66 24.59 28.59
CA THR B 110 0.83 23.38 27.85
C THR B 110 2.32 23.04 27.75
N PRO B 111 2.73 21.88 28.33
CA PRO B 111 4.13 21.48 28.34
C PRO B 111 4.52 20.90 27.02
N VAL B 112 5.77 21.09 26.65
CA VAL B 112 6.34 20.48 25.44
C VAL B 112 7.65 19.78 25.81
N TYR B 113 7.73 18.49 25.45
CA TYR B 113 8.87 17.59 25.68
C TYR B 113 9.35 17.01 24.37
N LEU B 114 10.65 16.82 24.20
CA LEU B 114 11.17 15.99 23.14
C LEU B 114 11.92 14.91 23.81
N GLY B 115 11.70 13.70 23.35
CA GLY B 115 12.43 12.54 23.81
C GLY B 115 13.00 11.89 22.61
N ALA B 116 14.30 11.69 22.59
CA ALA B 116 14.92 11.13 21.40
C ALA B 116 15.35 9.75 21.78
N THR B 117 15.43 8.90 20.78
CA THR B 117 15.66 7.51 21.08
C THR B 117 16.96 6.94 20.44
N ALA B 118 16.94 5.71 19.93
CA ALA B 118 18.15 5.01 19.57
C ALA B 118 18.98 5.69 18.48
N GLY B 119 18.35 6.41 17.55
CA GLY B 119 19.15 7.23 16.57
C GLY B 119 20.14 8.14 17.28
N MET B 120 19.66 8.86 18.27
CA MET B 120 20.48 9.78 19.04
C MET B 120 21.38 9.08 20.05
N ARG B 121 21.03 7.89 20.52
CA ARG B 121 21.97 7.10 21.28
C ARG B 121 23.22 6.77 20.42
N LEU B 122 23.03 6.41 19.17
CA LEU B 122 24.13 6.11 18.27
C LEU B 122 24.95 7.34 18.00
N LEU B 123 24.29 8.45 17.73
CA LEU B 123 25.04 9.71 17.51
C LEU B 123 25.90 10.10 18.76
N ARG B 124 25.37 9.95 19.98
CA ARG B 124 26.08 10.22 21.23
CA ARG B 124 26.07 10.21 21.24
C ARG B 124 27.31 9.37 21.38
N MET B 125 27.24 8.13 20.86
CA MET B 125 28.37 7.15 20.80
C MET B 125 29.41 7.64 19.83
N GLU B 126 29.01 7.99 18.58
CA GLU B 126 29.81 8.49 17.43
C GLU B 126 30.47 9.79 17.85
N SER B 127 29.75 10.63 18.58
CA SER B 127 30.21 11.94 19.00
C SER B 127 29.31 12.64 20.01
N LYS B 128 29.73 12.71 21.28
CA LYS B 128 28.90 13.29 22.34
C LYS B 128 28.66 14.79 22.09
N GLN B 129 29.63 15.38 21.42
CA GLN B 129 29.62 16.75 20.97
C GLN B 129 28.40 17.06 20.09
N SER B 130 28.37 16.37 18.94
CA SER B 130 27.31 16.44 17.97
C SER B 130 25.93 16.20 18.55
N ALA B 131 25.79 15.13 19.31
CA ALA B 131 24.53 14.83 19.88
C ALA B 131 24.06 16.00 20.71
N ASP B 132 24.99 16.52 21.51
CA ASP B 132 24.72 17.74 22.31
C ASP B 132 24.41 19.01 21.56
N GLU B 133 25.12 19.28 20.50
CA GLU B 133 24.71 20.39 19.65
C GLU B 133 23.28 20.24 19.06
N VAL B 134 22.86 19.01 18.73
CA VAL B 134 21.52 18.73 18.18
C VAL B 134 20.48 18.97 19.26
N LEU B 135 20.73 18.42 20.45
CA LEU B 135 19.83 18.67 21.58
C LEU B 135 19.69 20.17 21.90
N ALA B 136 20.78 20.92 21.71
CA ALA B 136 20.85 22.36 21.97
C ALA B 136 20.01 23.06 20.91
N ALA B 137 20.23 22.70 19.64
CA ALA B 137 19.49 23.28 18.51
C ALA B 137 18.00 22.95 18.59
N VAL B 138 17.63 21.73 18.99
CA VAL B 138 16.25 21.39 19.18
C VAL B 138 15.61 22.21 20.28
N SER B 139 16.33 22.38 21.41
CA SER B 139 15.88 23.12 22.61
C SER B 139 15.59 24.58 22.33
N ARG B 140 16.51 25.22 21.62
CA ARG B 140 16.43 26.62 21.27
C ARG B 140 15.15 26.78 20.50
N SER B 141 15.05 26.00 19.43
CA SER B 141 13.85 26.05 18.61
C SER B 141 12.51 25.84 19.39
N LEU B 142 12.41 24.78 20.17
CA LEU B 142 11.18 24.54 20.88
C LEU B 142 10.86 25.67 21.83
N LYS B 143 11.89 26.21 22.48
CA LYS B 143 11.69 27.28 23.41
C LYS B 143 11.20 28.58 22.76
N SER B 144 11.38 28.70 21.44
CA SER B 144 10.88 29.87 20.73
C SER B 144 9.36 29.84 20.53
N TYR B 145 8.69 28.76 20.93
CA TYR B 145 7.27 28.68 20.78
C TYR B 145 6.55 29.07 22.04
N PRO B 146 5.24 29.38 21.95
CA PRO B 146 4.62 29.90 23.18
C PRO B 146 4.19 28.84 24.25
N PHE B 147 4.78 27.65 24.28
CA PHE B 147 4.38 26.63 25.25
C PHE B 147 5.31 26.51 26.43
N ASP B 148 4.95 25.66 27.40
CA ASP B 148 5.77 25.41 28.59
C ASP B 148 6.92 24.48 28.19
N PHE B 149 8.07 25.00 27.79
CA PHE B 149 9.16 24.08 27.34
C PHE B 149 9.69 23.21 28.46
N GLN B 150 9.66 21.90 28.28
CA GLN B 150 10.12 21.05 29.36
C GLN B 150 11.34 20.15 29.11
N GLY B 151 12.13 20.41 28.07
CA GLY B 151 13.40 19.71 27.91
C GLY B 151 13.39 18.84 26.68
N ALA B 152 14.59 18.63 26.16
CA ALA B 152 14.81 17.70 25.08
C ALA B 152 15.92 16.80 25.58
N LYS B 153 15.72 15.49 25.60
CA LYS B 153 16.73 14.61 26.15
C LYS B 153 16.70 13.26 25.41
N ILE B 154 17.77 12.44 25.50
CA ILE B 154 17.77 11.09 24.91
C ILE B 154 17.19 10.26 26.05
N ILE B 155 16.08 9.57 25.84
CA ILE B 155 15.48 8.75 26.89
C ILE B 155 16.22 7.45 26.84
N THR B 156 16.24 6.71 27.94
CA THR B 156 16.89 5.40 27.99
C THR B 156 16.08 4.27 27.28
N GLY B 157 16.74 3.16 26.98
CA GLY B 157 16.12 2.00 26.43
C GLY B 157 15.06 1.48 27.38
N GLN B 158 15.32 1.49 28.69
CA GLN B 158 14.27 1.06 29.62
C GLN B 158 13.16 1.99 29.70
N GLU B 159 13.39 3.29 29.66
CA GLU B 159 12.26 4.15 29.65
C GLU B 159 11.45 3.92 28.42
N GLU B 160 12.08 3.94 27.26
CA GLU B 160 11.38 3.72 26.00
C GLU B 160 10.49 2.45 26.06
N GLY B 161 10.97 1.38 26.68
CA GLY B 161 10.26 0.13 26.70
C GLY B 161 9.08 0.22 27.66
N ALA B 162 9.34 0.68 28.86
CA ALA B 162 8.33 0.73 29.95
C ALA B 162 7.20 1.65 29.55
N TYR B 163 7.50 2.80 28.94
CA TYR B 163 6.51 3.75 28.50
C TYR B 163 5.63 3.23 27.41
N GLY B 164 6.17 2.43 26.48
CA GLY B 164 5.36 1.74 25.47
C GLY B 164 4.37 0.76 26.10
N TRP B 165 4.84 0.01 27.07
CA TRP B 165 3.98 -0.91 27.77
C TRP B 165 2.89 -0.20 28.55
N ILE B 166 3.22 0.97 29.11
CA ILE B 166 2.23 1.78 29.80
C ILE B 166 1.21 2.27 28.83
N THR B 167 1.65 2.74 27.68
CA THR B 167 0.73 3.28 26.66
C THR B 167 -0.29 2.25 26.30
N ILE B 168 0.14 1.01 26.01
CA ILE B 168 -0.81 0.11 25.38
C ILE B 168 -1.81 -0.41 26.37
N ASN B 169 -1.36 -0.67 27.60
CA ASN B 169 -2.24 -1.02 28.70
C ASN B 169 -3.13 0.09 29.20
N TYR B 170 -2.69 1.35 29.16
CA TYR B 170 -3.58 2.47 29.49
C TYR B 170 -4.70 2.55 28.43
N LEU B 171 -4.29 2.63 27.17
CA LEU B 171 -5.25 2.60 26.01
C LEU B 171 -6.21 1.39 25.98
N LEU B 172 -5.71 0.19 26.29
CA LEU B 172 -6.48 -1.04 26.35
C LEU B 172 -7.39 -1.16 27.59
N GLY B 173 -7.22 -0.21 28.52
CA GLY B 173 -7.89 -0.22 29.81
C GLY B 173 -7.59 -1.46 30.62
N ARG B 174 -6.37 -1.97 30.50
CA ARG B 174 -5.96 -3.12 31.30
C ARG B 174 -5.60 -2.64 32.70
N PHE B 175 -5.50 -1.32 32.88
CA PHE B 175 -5.21 -0.78 34.20
C PHE B 175 -6.42 -0.70 35.15
N LYS B 176 -7.63 -0.43 34.62
CA LYS B 176 -8.89 -0.54 35.38
C LYS B 176 -9.22 -1.98 35.82
N GLY B 180 -5.96 -7.64 37.15
CA GLY B 180 -6.11 -7.91 35.72
C GLY B 180 -4.80 -8.33 35.01
N SER B 181 -4.90 -8.97 33.84
CA SER B 181 -3.68 -9.28 33.03
C SER B 181 -3.31 -8.08 32.17
N THR B 182 -2.04 -7.95 31.80
CA THR B 182 -1.58 -6.86 30.91
C THR B 182 -1.06 -7.43 29.59
N PHE B 183 -0.99 -6.58 28.56
CA PHE B 183 -0.36 -6.95 27.34
C PHE B 183 1.13 -6.62 27.43
N GLY B 184 1.97 -7.52 26.88
CA GLY B 184 3.38 -7.25 26.51
C GLY B 184 3.44 -6.26 25.37
N ALA B 185 4.52 -5.53 25.30
CA ALA B 185 4.81 -4.55 24.28
C ALA B 185 6.01 -4.99 23.49
N LEU B 186 5.86 -4.94 22.17
CA LEU B 186 6.96 -5.17 21.19
C LEU B 186 7.05 -3.96 20.30
N ASP B 187 8.21 -3.27 20.30
CA ASP B 187 8.41 -2.00 19.57
C ASP B 187 9.57 -2.24 18.62
N LEU B 188 9.47 -1.77 17.40
CA LEU B 188 10.57 -1.90 16.47
C LEU B 188 10.64 -0.58 15.77
N GLY B 189 11.84 -0.02 15.71
CA GLY B 189 12.10 1.20 14.97
C GLY B 189 13.25 0.96 14.01
N GLY B 190 13.79 2.06 13.49
CA GLY B 190 14.94 2.01 12.62
C GLY B 190 16.21 1.54 13.32
N ALA B 191 16.37 1.84 14.61
CA ALA B 191 17.70 1.65 15.28
C ALA B 191 17.74 0.70 16.42
N SER B 192 16.62 0.55 17.14
CA SER B 192 16.54 -0.43 18.22
C SER B 192 15.19 -1.17 18.17
N THR B 193 15.10 -2.21 19.00
CA THR B 193 13.83 -2.92 19.19
C THR B 193 13.71 -3.18 20.70
N GLN B 194 12.50 -3.02 21.24
CA GLN B 194 12.17 -3.34 22.70
C GLN B 194 11.12 -4.40 22.87
N ILE B 195 11.32 -5.19 23.93
CA ILE B 195 10.36 -6.18 24.41
C ILE B 195 10.15 -5.93 25.92
N THR B 196 8.90 -5.73 26.33
CA THR B 196 8.54 -5.39 27.69
C THR B 196 7.29 -6.18 28.05
N PHE B 197 7.27 -6.87 29.19
CA PHE B 197 6.09 -7.56 29.71
C PHE B 197 6.28 -7.99 31.13
N VAL B 198 5.19 -8.32 31.81
CA VAL B 198 5.19 -8.81 33.19
C VAL B 198 5.39 -10.33 33.18
N PRO B 199 6.55 -10.83 33.63
CA PRO B 199 6.78 -12.28 33.57
C PRO B 199 6.05 -13.03 34.70
N LEU B 200 5.91 -14.36 34.58
CA LEU B 200 5.18 -15.14 35.59
C LEU B 200 5.93 -15.01 36.88
N ASN B 201 7.25 -15.11 36.77
CA ASN B 201 8.10 -14.98 37.93
C ASN B 201 8.57 -13.54 38.01
N SER B 202 8.27 -12.90 39.13
CA SER B 202 8.69 -11.50 39.36
C SER B 202 10.17 -11.33 39.82
N THR B 203 10.82 -12.45 40.15
CA THR B 203 12.27 -12.48 40.45
C THR B 203 12.95 -12.86 39.15
N LEU B 204 13.48 -11.84 38.48
CA LEU B 204 14.01 -12.01 37.19
C LEU B 204 15.40 -12.45 37.43
N GLU B 205 16.03 -13.03 36.42
CA GLU B 205 17.38 -13.62 36.55
C GLU B 205 18.40 -12.55 36.29
N ALA B 206 18.01 -11.50 35.60
CA ALA B 206 18.80 -10.32 35.35
C ALA B 206 18.00 -9.08 35.78
N PRO B 207 18.16 -8.63 37.05
CA PRO B 207 17.31 -7.55 37.54
C PRO B 207 17.72 -6.20 36.86
N GLU B 208 18.75 -6.26 36.07
CA GLU B 208 19.07 -5.22 35.14
C GLU B 208 17.97 -5.06 34.01
N THR B 209 17.14 -6.10 33.80
CA THR B 209 16.11 -6.07 32.75
C THR B 209 14.77 -5.75 33.41
N SER B 210 14.83 -5.42 34.71
CA SER B 210 13.68 -5.45 35.59
C SER B 210 13.28 -4.05 36.12
N LEU B 211 12.00 -3.78 36.12
CA LEU B 211 11.50 -2.58 36.77
C LEU B 211 10.36 -2.97 37.70
N GLN B 212 10.30 -2.32 38.85
CA GLN B 212 9.24 -2.60 39.79
C GLN B 212 8.55 -1.32 40.10
N PHE B 213 7.24 -1.23 39.82
CA PHE B 213 6.48 -0.01 40.13
C PHE B 213 4.97 -0.22 40.56
N ARG B 214 4.25 0.85 40.88
CA ARG B 214 2.85 0.71 41.30
C ARG B 214 1.97 1.64 40.53
N LEU B 215 0.95 1.06 39.90
CA LEU B 215 0.09 1.75 39.00
C LEU B 215 -1.36 1.50 39.30
N TYR B 216 -2.00 2.50 39.87
CA TYR B 216 -3.43 2.50 39.93
C TYR B 216 -3.84 1.36 40.84
N GLY B 217 -3.09 1.18 41.93
CA GLY B 217 -3.43 0.19 42.93
C GLY B 217 -2.64 -1.10 42.95
N THR B 218 -1.76 -1.33 42.00
CA THR B 218 -1.25 -2.66 41.80
C THR B 218 0.22 -2.55 41.62
N ASP B 219 0.93 -3.51 42.18
CA ASP B 219 2.38 -3.64 42.00
C ASP B 219 2.71 -4.43 40.75
N TYR B 220 3.66 -3.94 39.94
CA TYR B 220 4.12 -4.63 38.72
C TYR B 220 5.62 -4.83 38.73
N THR B 221 6.08 -6.01 38.32
CA THR B 221 7.44 -6.19 37.89
C THR B 221 7.41 -6.56 36.46
N VAL B 222 8.04 -5.70 35.69
CA VAL B 222 8.11 -5.74 34.29
C VAL B 222 9.55 -6.04 33.85
N TYR B 223 9.70 -7.05 32.98
CA TYR B 223 10.92 -7.26 32.22
C TYR B 223 10.95 -6.29 31.05
N THR B 224 12.10 -5.66 30.80
CA THR B 224 12.20 -4.82 29.64
C THR B 224 13.61 -4.88 29.17
N HIS B 225 13.79 -4.90 27.85
CA HIS B 225 15.10 -4.79 27.21
C HIS B 225 15.06 -4.10 25.85
N SER B 226 16.05 -3.25 25.56
CA SER B 226 16.15 -2.58 24.25
C SER B 226 17.40 -3.10 23.59
N PHE B 227 17.29 -3.59 22.38
CA PHE B 227 18.44 -4.10 21.68
C PHE B 227 18.90 -3.07 20.61
N LEU B 228 19.96 -2.32 20.95
CA LEU B 228 20.49 -1.23 20.13
C LEU B 228 21.13 -1.88 18.93
N CYS B 229 20.95 -1.29 17.74
CA CYS B 229 21.48 -1.86 16.49
C CYS B 229 20.58 -2.94 15.90
N TYR B 230 19.48 -3.29 16.59
CA TYR B 230 18.55 -4.31 16.06
C TYR B 230 17.20 -3.79 15.61
N GLY B 231 17.10 -2.47 15.47
CA GLY B 231 16.06 -1.88 14.65
C GLY B 231 16.25 -2.33 13.22
N LYS B 232 15.20 -2.18 12.42
CA LYS B 232 15.23 -2.79 11.13
C LYS B 232 16.26 -2.11 10.21
N ASP B 233 16.54 -0.83 10.35
CA ASP B 233 17.50 -0.17 9.46
C ASP B 233 18.96 -0.48 9.81
N GLN B 234 19.31 -0.33 11.08
CA GLN B 234 20.63 -0.79 11.58
C GLN B 234 20.89 -2.27 11.33
N ALA B 235 19.85 -3.10 11.41
CA ALA B 235 20.04 -4.53 11.16
C ALA B 235 20.43 -4.72 9.70
N LEU B 236 19.85 -3.92 8.78
CA LEU B 236 20.20 -4.04 7.39
C LEU B 236 21.65 -3.64 7.21
N TRP B 237 22.06 -2.57 7.82
CA TRP B 237 23.45 -2.12 7.69
C TRP B 237 24.43 -3.12 8.29
N GLN B 238 24.11 -3.71 9.48
CA GLN B 238 24.93 -4.81 10.07
C GLN B 238 25.08 -5.88 9.03
N LYS B 239 23.97 -6.27 8.41
CA LYS B 239 23.97 -7.38 7.44
C LYS B 239 24.81 -7.07 6.18
N LEU B 240 24.57 -5.93 5.54
CA LEU B 240 25.38 -5.51 4.43
C LEU B 240 26.86 -5.37 4.75
N ALA B 241 27.22 -4.77 5.91
CA ALA B 241 28.64 -4.67 6.36
C ALA B 241 29.22 -6.06 6.60
N GLN B 242 28.44 -6.96 7.20
CA GLN B 242 28.92 -8.32 7.35
C GLN B 242 29.13 -9.04 6.01
N ASP B 243 28.34 -8.70 5.00
CA ASP B 243 28.31 -9.47 3.74
C ASP B 243 29.25 -8.93 2.65
N ILE B 244 29.52 -7.62 2.68
CA ILE B 244 30.41 -7.03 1.66
C ILE B 244 31.85 -7.56 1.88
N GLN B 245 32.61 -7.84 0.80
CA GLN B 245 33.93 -8.52 0.87
C GLN B 245 34.81 -7.74 -0.03
N VAL B 246 36.13 -7.82 0.18
CA VAL B 246 37.10 -7.23 -0.77
C VAL B 246 36.79 -7.81 -2.14
N SER B 247 36.41 -9.08 -2.22
CA SER B 247 36.17 -9.71 -3.54
C SER B 247 34.90 -9.19 -4.28
N SER B 248 34.02 -8.44 -3.59
CA SER B 248 32.73 -7.99 -4.11
C SER B 248 32.85 -7.12 -5.36
N GLY B 249 34.02 -6.50 -5.52
CA GLY B 249 34.27 -5.64 -6.70
C GLY B 249 33.19 -4.58 -6.86
N GLY B 250 32.72 -4.05 -5.73
CA GLY B 250 31.70 -3.01 -5.69
C GLY B 250 30.30 -3.44 -6.12
N ILE B 251 30.04 -4.75 -6.15
CA ILE B 251 28.70 -5.28 -6.42
C ILE B 251 28.39 -6.28 -5.33
N LEU B 252 27.26 -6.11 -4.66
CA LEU B 252 26.82 -7.11 -3.70
C LEU B 252 25.49 -7.75 -4.12
N LYS B 253 25.47 -9.00 -4.59
CA LYS B 253 24.17 -9.63 -4.85
C LYS B 253 23.55 -9.97 -3.51
N ASP B 254 22.30 -9.61 -3.27
CA ASP B 254 21.67 -9.77 -1.95
C ASP B 254 20.31 -10.35 -2.08
N PRO B 255 20.06 -11.50 -1.42
CA PRO B 255 18.76 -12.24 -1.56
C PRO B 255 17.52 -11.57 -0.90
N CYS B 256 17.72 -10.51 -0.14
CA CYS B 256 16.66 -9.86 0.60
C CYS B 256 16.05 -8.72 -0.21
N PHE B 257 16.51 -8.54 -1.44
CA PHE B 257 15.93 -7.52 -2.31
C PHE B 257 15.41 -8.16 -3.58
N TYR B 258 14.43 -7.51 -4.21
CA TYR B 258 13.77 -8.04 -5.40
C TYR B 258 14.73 -8.16 -6.54
N PRO B 259 14.54 -9.25 -7.36
CA PRO B 259 15.22 -9.27 -8.66
C PRO B 259 15.03 -7.93 -9.38
N GLY B 260 16.09 -7.36 -9.94
CA GLY B 260 15.96 -6.11 -10.65
C GLY B 260 16.15 -4.89 -9.78
N TYR B 261 16.12 -5.05 -8.45
CA TYR B 261 16.32 -3.94 -7.56
C TYR B 261 17.84 -3.59 -7.41
N LYS B 262 18.14 -2.29 -7.37
N LYS B 262 18.17 -2.29 -7.36
CA LYS B 262 19.49 -1.80 -7.15
CA LYS B 262 19.56 -1.83 -7.19
C LYS B 262 19.47 -0.73 -6.08
C LYS B 262 19.60 -0.65 -6.26
N LYS B 263 20.55 -0.63 -5.32
CA LYS B 263 20.67 0.40 -4.30
C LYS B 263 22.15 0.63 -4.17
N VAL B 264 22.57 1.90 -4.20
CA VAL B 264 23.98 2.25 -3.96
C VAL B 264 24.24 2.54 -2.48
N VAL B 265 25.33 1.95 -1.97
CA VAL B 265 25.70 2.03 -0.59
C VAL B 265 27.09 2.64 -0.54
N ASN B 266 27.17 3.79 0.12
CA ASN B 266 28.47 4.45 0.26
C ASN B 266 29.18 3.83 1.45
N VAL B 267 30.39 3.32 1.20
CA VAL B 267 31.12 2.64 2.26
C VAL B 267 31.37 3.52 3.50
N SER B 268 31.81 4.75 3.35
CA SER B 268 32.07 5.58 4.52
C SER B 268 30.76 5.89 5.24
N GLU B 269 29.64 5.92 4.55
CA GLU B 269 28.39 6.01 5.30
C GLU B 269 28.02 4.71 6.04
N LEU B 270 28.06 3.57 5.37
CA LEU B 270 27.86 2.27 6.01
C LEU B 270 28.66 2.10 7.34
N TYR B 271 29.89 2.60 7.33
CA TYR B 271 30.82 2.48 8.43
C TYR B 271 30.76 3.69 9.28
N GLY B 272 29.73 4.52 9.11
CA GLY B 272 29.62 5.74 9.96
C GLY B 272 28.62 5.53 11.12
N THR B 273 28.07 4.31 11.22
CA THR B 273 27.24 3.90 12.33
C THR B 273 28.04 3.01 13.27
N PRO B 274 27.89 3.18 14.57
CA PRO B 274 28.57 2.22 15.48
C PRO B 274 28.14 0.75 15.27
N CYS B 275 26.97 0.57 14.68
CA CYS B 275 26.39 -0.73 14.47
C CYS B 275 27.15 -1.62 13.50
N THR B 276 27.97 -1.08 12.63
CA THR B 276 28.76 -1.85 11.69
C THR B 276 30.26 -1.95 12.09
N LYS B 277 30.66 -1.31 13.18
CA LYS B 277 32.05 -1.22 13.52
C LYS B 277 32.67 -2.60 13.59
N ARG B 278 31.93 -3.55 14.15
CA ARG B 278 32.38 -4.94 14.29
C ARG B 278 32.59 -5.70 12.96
N PHE B 279 32.06 -5.19 11.88
CA PHE B 279 32.24 -5.81 10.59
C PHE B 279 33.14 -5.00 9.71
N GLU B 280 33.70 -3.90 10.19
CA GLU B 280 34.50 -3.06 9.25
C GLU B 280 35.69 -3.82 8.67
N LYS B 281 35.94 -3.60 7.40
CA LYS B 281 37.13 -4.07 6.74
C LYS B 281 37.61 -3.03 5.73
N LYS B 282 38.85 -3.15 5.28
CA LYS B 282 39.42 -2.28 4.26
C LYS B 282 38.89 -2.72 2.91
N LEU B 283 38.29 -1.81 2.16
CA LEU B 283 37.65 -2.21 0.91
C LEU B 283 38.28 -1.37 -0.16
N PRO B 284 38.49 -1.97 -1.34
CA PRO B 284 39.11 -1.30 -2.45
C PRO B 284 38.08 -0.65 -3.36
N PHE B 285 36.99 -0.16 -2.80
CA PHE B 285 35.96 0.63 -3.50
C PHE B 285 35.27 1.54 -2.48
N ASN B 286 34.72 2.65 -2.96
CA ASN B 286 34.09 3.68 -2.09
C ASN B 286 32.61 3.50 -1.85
N GLN B 287 32.03 2.71 -2.73
CA GLN B 287 30.61 2.49 -2.77
C GLN B 287 30.43 1.14 -3.48
N PHE B 288 29.28 0.54 -3.26
CA PHE B 288 28.92 -0.68 -3.94
C PHE B 288 27.41 -0.64 -4.16
N GLN B 289 27.00 -1.45 -5.11
CA GLN B 289 25.63 -1.53 -5.54
C GLN B 289 25.09 -2.89 -5.15
N VAL B 290 24.05 -2.86 -4.32
CA VAL B 290 23.30 -4.07 -3.97
C VAL B 290 22.39 -4.42 -5.12
N GLN B 291 22.46 -5.67 -5.54
CA GLN B 291 21.64 -6.12 -6.61
C GLN B 291 20.79 -7.22 -6.08
N GLY B 292 19.47 -7.01 -6.10
CA GLY B 292 18.56 -7.95 -5.50
C GLY B 292 18.49 -9.25 -6.23
N THR B 293 18.40 -10.33 -5.48
CA THR B 293 18.18 -11.66 -6.11
C THR B 293 16.94 -12.34 -5.52
N GLY B 294 16.18 -11.62 -4.67
CA GLY B 294 14.95 -12.15 -4.07
C GLY B 294 14.84 -13.63 -3.83
N ASP B 295 15.45 -14.11 -2.78
CA ASP B 295 15.29 -15.46 -2.35
C ASP B 295 15.14 -15.40 -0.85
N TYR B 296 13.92 -15.70 -0.41
CA TYR B 296 13.58 -15.55 0.99
C TYR B 296 14.50 -16.34 1.94
N GLU B 297 14.73 -17.60 1.63
CA GLU B 297 15.41 -18.44 2.55
C GLU B 297 16.92 -18.12 2.62
N GLN B 298 17.54 -17.67 1.54
CA GLN B 298 18.89 -17.13 1.68
C GLN B 298 18.88 -15.81 2.41
N CYS B 299 17.85 -14.98 2.20
CA CYS B 299 17.67 -13.76 3.01
C CYS B 299 17.65 -14.06 4.54
N HIS B 300 16.80 -15.02 4.91
CA HIS B 300 16.64 -15.48 6.27
CA HIS B 300 16.64 -15.46 6.27
C HIS B 300 17.95 -15.92 6.86
N GLN B 301 18.66 -16.77 6.14
CA GLN B 301 19.98 -17.19 6.60
C GLN B 301 20.98 -16.03 6.77
N SER B 302 21.08 -15.13 5.81
CA SER B 302 21.94 -13.97 5.99
C SER B 302 21.60 -13.13 7.21
N ILE B 303 20.30 -13.09 7.53
CA ILE B 303 19.79 -12.32 8.64
C ILE B 303 20.25 -12.95 9.96
N LEU B 304 20.15 -14.28 10.02
CA LEU B 304 20.44 -14.97 11.24
C LEU B 304 21.87 -14.76 11.62
N LYS B 305 22.71 -14.48 10.63
CA LYS B 305 24.11 -14.30 10.88
C LYS B 305 24.50 -13.07 11.68
N ILE B 306 23.63 -12.07 11.79
CA ILE B 306 23.89 -10.90 12.65
C ILE B 306 23.47 -11.05 14.14
N PHE B 307 22.90 -12.17 14.51
CA PHE B 307 22.50 -12.38 15.88
C PHE B 307 23.43 -13.40 16.44
N ASN B 308 23.89 -13.23 17.68
CA ASN B 308 24.73 -14.31 18.32
C ASN B 308 23.93 -15.12 19.34
N ASN B 309 23.83 -16.43 19.10
CA ASN B 309 22.87 -17.26 19.84
C ASN B 309 23.62 -18.44 20.52
N SER B 310 24.94 -18.32 20.60
CA SER B 310 25.85 -19.44 21.01
C SER B 310 26.01 -19.67 22.50
N HIS B 311 25.85 -18.60 23.29
CA HIS B 311 26.11 -18.63 24.72
C HIS B 311 24.97 -18.02 25.41
N CYS B 312 24.44 -18.70 26.40
CA CYS B 312 23.36 -18.13 27.19
C CYS B 312 23.57 -18.65 28.62
N PRO B 313 23.93 -17.74 29.56
CA PRO B 313 24.17 -18.22 30.97
C PRO B 313 22.92 -18.32 31.83
N TYR B 314 21.77 -18.05 31.18
CA TYR B 314 20.45 -17.96 31.79
C TYR B 314 19.67 -19.21 31.48
N SER B 315 18.49 -19.30 32.06
CA SER B 315 17.53 -20.37 31.71
C SER B 315 17.16 -20.33 30.20
N GLN B 316 16.84 -19.17 29.67
CA GLN B 316 16.73 -18.95 28.25
C GLN B 316 17.11 -17.49 27.95
N CYS B 317 17.50 -17.22 26.70
CA CYS B 317 17.87 -15.88 26.22
C CYS B 317 17.05 -15.41 25.02
N ALA B 318 17.11 -14.13 24.76
CA ALA B 318 16.66 -13.56 23.51
C ALA B 318 17.85 -13.79 22.54
N PHE B 319 18.86 -12.92 22.44
CA PHE B 319 19.99 -13.26 21.58
C PHE B 319 21.13 -12.53 22.23
N ASN B 320 22.35 -12.77 21.79
CA ASN B 320 23.51 -12.02 22.30
C ASN B 320 23.69 -12.11 23.85
N GLY B 321 23.32 -13.27 24.43
CA GLY B 321 23.39 -13.58 25.85
C GLY B 321 22.46 -12.82 26.79
N VAL B 322 21.49 -12.10 26.24
CA VAL B 322 20.53 -11.31 27.01
C VAL B 322 19.42 -12.25 27.53
N PHE B 323 19.20 -12.21 28.83
CA PHE B 323 18.11 -12.96 29.50
C PHE B 323 16.74 -12.59 28.88
N LEU B 324 15.86 -13.60 28.75
CA LEU B 324 14.46 -13.39 28.39
C LEU B 324 13.68 -14.36 29.21
N PRO B 325 12.73 -13.86 30.00
CA PRO B 325 11.93 -14.83 30.69
C PRO B 325 11.06 -15.64 29.70
N PRO B 326 10.45 -16.70 30.20
CA PRO B 326 9.50 -17.36 29.35
C PRO B 326 8.40 -16.33 28.95
N LEU B 327 7.97 -16.31 27.69
CA LEU B 327 6.89 -15.39 27.24
C LEU B 327 5.59 -15.69 27.93
N GLN B 328 4.86 -14.67 28.30
CA GLN B 328 3.49 -14.99 28.72
C GLN B 328 2.46 -13.94 28.33
N GLY B 329 1.26 -14.41 28.01
CA GLY B 329 0.09 -13.55 27.79
C GLY B 329 0.08 -12.98 26.40
N SER B 330 -0.78 -12.01 26.20
CA SER B 330 -0.90 -11.35 24.91
C SER B 330 0.13 -10.24 24.72
N PHE B 331 0.59 -9.98 23.48
CA PHE B 331 1.50 -8.89 23.20
C PHE B 331 0.89 -7.95 22.13
N GLY B 332 1.16 -6.65 22.17
CA GLY B 332 0.78 -5.74 21.06
C GLY B 332 2.12 -5.40 20.42
N ALA B 333 2.26 -5.52 19.10
CA ALA B 333 3.47 -5.26 18.42
C ALA B 333 3.23 -4.06 17.54
N PHE B 334 4.02 -3.01 17.72
CA PHE B 334 3.65 -1.76 17.13
C PHE B 334 4.83 -1.13 16.43
N SER B 335 4.63 0.12 16.07
CA SER B 335 5.55 0.87 15.20
C SER B 335 5.87 0.06 13.95
N ALA B 336 7.12 -0.22 13.67
CA ALA B 336 7.45 -0.88 12.42
C ALA B 336 6.98 -2.33 12.40
N PHE B 337 6.78 -2.97 13.54
CA PHE B 337 6.09 -4.29 13.52
C PHE B 337 4.74 -4.16 12.85
N TYR B 338 3.98 -3.14 13.24
CA TYR B 338 2.71 -2.92 12.60
C TYR B 338 2.72 -2.52 11.11
N PHE B 339 3.49 -1.51 10.70
CA PHE B 339 3.44 -1.05 9.34
CA PHE B 339 3.43 -1.06 9.32
C PHE B 339 3.98 -2.13 8.43
N VAL B 340 5.00 -2.87 8.88
CA VAL B 340 5.45 -3.92 7.97
C VAL B 340 4.44 -5.06 7.90
N MET B 341 4.05 -5.57 9.06
CA MET B 341 3.08 -6.65 9.09
C MET B 341 1.75 -6.30 8.38
N ASP B 342 1.30 -5.08 8.47
CA ASP B 342 0.07 -4.71 7.89
C ASP B 342 0.15 -4.85 6.37
N PHE B 343 1.31 -4.57 5.79
CA PHE B 343 1.46 -4.68 4.38
C PHE B 343 1.32 -6.13 3.98
N PHE B 344 1.94 -7.00 4.72
CA PHE B 344 1.80 -8.41 4.46
C PHE B 344 0.49 -9.01 4.78
N LYS B 345 -0.19 -8.59 5.82
CA LYS B 345 -1.43 -9.29 6.06
C LYS B 345 -2.51 -8.91 5.04
N LYS B 346 -2.34 -7.78 4.36
CA LYS B 346 -3.18 -7.38 3.26
C LYS B 346 -3.01 -8.27 2.08
N MET B 347 -2.05 -9.16 2.14
CA MET B 347 -1.96 -10.33 1.26
C MET B 347 -2.55 -11.64 1.86
N ALA B 348 -2.96 -11.65 3.14
CA ALA B 348 -3.39 -12.88 3.87
C ALA B 348 -4.83 -12.87 4.36
N ASN B 349 -5.71 -12.42 3.46
CA ASN B 349 -7.08 -12.28 3.81
C ASN B 349 -7.24 -11.33 4.95
N ASP B 350 -6.42 -10.28 4.86
CA ASP B 350 -6.38 -9.16 5.80
C ASP B 350 -6.51 -9.66 7.25
N SER B 351 -5.65 -10.61 7.60
CA SER B 351 -5.51 -11.08 8.97
C SER B 351 -4.15 -11.77 8.98
N VAL B 352 -3.45 -11.56 10.10
CA VAL B 352 -2.19 -12.23 10.41
C VAL B 352 -2.54 -13.72 10.60
N SER B 353 -1.92 -14.57 9.81
CA SER B 353 -2.29 -15.93 9.83
C SER B 353 -1.12 -16.62 10.48
N SER B 354 -1.03 -17.94 10.35
CA SER B 354 0.04 -18.74 10.98
C SER B 354 1.44 -18.21 10.65
N GLN B 355 2.45 -18.55 11.44
CA GLN B 355 3.76 -18.18 10.98
C GLN B 355 4.05 -18.83 9.65
N GLU B 356 3.53 -20.03 9.45
CA GLU B 356 3.72 -20.76 8.22
C GLU B 356 3.17 -20.00 6.99
N LYS B 357 1.96 -19.47 7.10
CA LYS B 357 1.39 -18.74 6.00
C LYS B 357 2.04 -17.38 5.82
N MET B 358 2.41 -16.70 6.92
CA MET B 358 3.14 -15.43 6.79
C MET B 358 4.47 -15.63 6.09
N THR B 359 5.17 -16.68 6.44
CA THR B 359 6.41 -17.03 5.79
C THR B 359 6.27 -17.21 4.26
N GLU B 360 5.23 -17.95 3.88
CA GLU B 360 5.02 -18.34 2.51
C GLU B 360 4.70 -17.11 1.67
N ILE B 361 3.94 -16.22 2.30
CA ILE B 361 3.58 -14.96 1.70
C ILE B 361 4.81 -14.13 1.39
N THR B 362 5.67 -13.89 2.39
CA THR B 362 6.99 -13.26 2.24
C THR B 362 7.88 -13.93 1.17
N LYS B 363 7.96 -15.24 1.22
CA LYS B 363 8.70 -15.94 0.26
C LYS B 363 8.26 -15.58 -1.16
N ASN B 364 6.95 -15.64 -1.41
CA ASN B 364 6.41 -15.37 -2.72
C ASN B 364 6.71 -13.94 -3.12
N PHE B 365 6.53 -13.04 -2.15
CA PHE B 365 6.71 -11.62 -2.38
C PHE B 365 8.13 -11.23 -2.73
N CYS B 366 9.11 -11.75 -1.98
CA CYS B 366 10.56 -11.59 -2.26
C CYS B 366 11.04 -11.97 -3.69
N SER B 367 10.39 -12.93 -4.31
CA SER B 367 10.71 -13.38 -5.64
C SER B 367 10.29 -12.43 -6.76
N LYS B 368 9.32 -11.57 -6.50
CA LYS B 368 8.68 -10.74 -7.55
C LYS B 368 9.64 -9.67 -8.07
N PRO B 369 9.74 -9.56 -9.37
CA PRO B 369 10.69 -8.54 -9.79
C PRO B 369 10.29 -7.11 -9.36
N TRP B 370 11.32 -6.30 -9.16
CA TRP B 370 11.13 -4.90 -8.71
C TRP B 370 10.16 -4.03 -9.61
N GLU B 371 10.19 -4.20 -10.93
CA GLU B 371 9.20 -3.52 -11.80
C GLU B 371 7.75 -3.96 -11.51
N GLU B 372 7.59 -5.26 -11.30
CA GLU B 372 6.32 -5.83 -10.97
C GLU B 372 5.78 -5.33 -9.62
N VAL B 373 6.66 -5.15 -8.64
CA VAL B 373 6.31 -4.87 -7.27
C VAL B 373 5.86 -3.42 -7.27
N LYS B 374 6.64 -2.55 -7.89
CA LYS B 374 6.25 -1.16 -8.11
C LYS B 374 4.89 -1.01 -8.87
N ALA B 375 4.69 -1.79 -9.96
CA ALA B 375 3.46 -1.82 -10.72
C ALA B 375 2.27 -2.30 -9.88
N SER B 376 2.49 -3.29 -9.01
CA SER B 376 1.40 -3.84 -8.14
C SER B 376 1.03 -2.97 -6.97
N TYR B 377 1.92 -2.08 -6.53
CA TYR B 377 1.65 -1.20 -5.37
C TYR B 377 2.00 0.22 -5.75
N PRO B 378 1.28 0.81 -6.72
CA PRO B 378 1.77 2.06 -7.23
C PRO B 378 1.57 3.21 -6.26
N THR B 379 0.74 3.04 -5.23
CA THR B 379 0.50 4.15 -4.28
C THR B 379 1.50 4.23 -3.12
N VAL B 380 2.35 3.21 -2.97
CA VAL B 380 3.29 3.09 -1.88
C VAL B 380 4.66 3.72 -2.26
N LYS B 381 5.14 4.62 -1.41
CA LYS B 381 6.46 5.23 -1.51
C LYS B 381 7.47 4.14 -1.69
N GLU B 382 8.31 4.25 -2.73
CA GLU B 382 9.33 3.25 -3.05
C GLU B 382 10.34 3.03 -1.92
N LYS B 383 10.61 4.07 -1.14
CA LYS B 383 11.52 3.91 0.01
C LYS B 383 11.02 2.89 0.99
N TYR B 384 9.69 2.74 1.12
CA TYR B 384 9.11 1.66 1.93
C TYR B 384 9.03 0.38 1.16
N LEU B 385 8.45 0.45 -0.02
CA LEU B 385 8.26 -0.71 -0.86
C LEU B 385 9.52 -1.54 -1.12
N SER B 386 10.61 -0.86 -1.45
CA SER B 386 11.93 -1.49 -1.70
C SER B 386 12.47 -2.31 -0.50
N GLU B 387 12.03 -1.97 0.75
CA GLU B 387 12.52 -2.59 1.99
C GLU B 387 11.64 -3.70 2.53
N TYR B 388 10.44 -3.93 1.97
CA TYR B 388 9.48 -4.92 2.56
C TYR B 388 9.93 -6.38 2.60
N CYS B 389 10.63 -6.88 1.60
CA CYS B 389 11.08 -8.22 1.63
C CYS B 389 12.10 -8.36 2.78
N PHE B 390 13.02 -7.43 2.86
CA PHE B 390 13.97 -7.47 3.96
C PHE B 390 13.25 -7.36 5.33
N SER B 391 12.44 -6.32 5.49
CA SER B 391 11.82 -6.01 6.76
C SER B 391 10.93 -7.12 7.20
N GLY B 392 10.23 -7.77 6.27
CA GLY B 392 9.31 -8.85 6.64
C GLY B 392 10.07 -10.03 7.11
N THR B 393 11.09 -10.44 6.36
CA THR B 393 11.94 -11.58 6.77
C THR B 393 12.62 -11.26 8.11
N TYR B 394 13.08 -10.02 8.24
CA TYR B 394 13.69 -9.58 9.50
C TYR B 394 12.73 -9.75 10.69
N ILE B 395 11.53 -9.20 10.55
CA ILE B 395 10.52 -9.26 11.61
C ILE B 395 10.16 -10.70 11.94
N LEU B 396 10.00 -11.56 10.93
CA LEU B 396 9.72 -12.94 11.30
C LEU B 396 10.87 -13.60 12.13
N SER B 397 12.12 -13.32 11.75
CA SER B 397 13.29 -13.92 12.48
C SER B 397 13.37 -13.38 13.89
N LEU B 398 13.24 -12.06 14.02
CA LEU B 398 13.31 -11.44 15.30
C LEU B 398 12.24 -11.96 16.27
N LEU B 399 11.02 -12.14 15.79
CA LEU B 399 9.93 -12.53 16.62
C LEU B 399 10.09 -14.02 16.91
N LEU B 400 10.38 -14.79 15.87
CA LEU B 400 10.33 -16.25 16.00
C LEU B 400 11.61 -16.86 16.57
N GLN B 401 12.78 -16.39 16.15
CA GLN B 401 13.99 -16.93 16.71
C GLN B 401 14.58 -15.99 17.79
N GLY B 402 14.52 -14.69 17.56
CA GLY B 402 14.96 -13.72 18.56
C GLY B 402 14.17 -13.82 19.83
N TYR B 403 12.90 -13.44 19.79
CA TYR B 403 12.09 -13.26 20.98
C TYR B 403 11.36 -14.56 21.27
N ASN B 404 11.69 -15.61 20.52
CA ASN B 404 11.15 -16.96 20.76
C ASN B 404 9.65 -17.10 20.67
N PHE B 405 8.96 -16.30 19.88
CA PHE B 405 7.55 -16.52 19.70
C PHE B 405 7.21 -17.70 18.84
N THR B 406 7.95 -18.77 18.88
CA THR B 406 7.55 -19.86 17.99
C THR B 406 6.39 -20.78 18.38
N GLY B 407 5.79 -21.31 17.34
CA GLY B 407 4.73 -22.28 17.38
C GLY B 407 3.41 -21.78 17.92
N THR B 408 3.10 -22.33 19.08
CA THR B 408 1.96 -21.98 19.86
C THR B 408 1.93 -20.45 20.15
N SER B 409 3.07 -19.85 20.48
CA SER B 409 3.11 -18.47 20.99
C SER B 409 2.84 -17.38 19.93
N TRP B 410 2.86 -17.75 18.68
CA TRP B 410 2.79 -16.76 17.62
C TRP B 410 1.44 -16.04 17.59
N ASP B 411 0.41 -16.78 17.94
CA ASP B 411 -0.97 -16.31 17.96
CA ASP B 411 -0.95 -16.25 17.87
C ASP B 411 -1.28 -15.22 18.95
N GLN B 412 -0.41 -15.06 19.92
CA GLN B 412 -0.74 -14.13 20.97
C GLN B 412 -0.17 -12.70 20.74
N ILE B 413 0.45 -12.53 19.58
CA ILE B 413 0.91 -11.22 19.13
C ILE B 413 -0.23 -10.51 18.37
N HIS B 414 -0.56 -9.33 18.81
CA HIS B 414 -1.54 -8.55 18.15
C HIS B 414 -0.79 -7.36 17.57
N PHE B 415 -0.81 -7.26 16.26
CA PHE B 415 -0.15 -6.11 15.62
C PHE B 415 -1.08 -4.90 15.60
N MET B 416 -0.67 -3.79 16.16
CA MET B 416 -1.63 -2.70 16.28
C MET B 416 -0.89 -1.41 16.02
N GLY B 417 -1.56 -0.51 15.34
CA GLY B 417 -1.07 0.83 15.09
C GLY B 417 -1.67 1.78 16.09
N LYS B 418 -3.00 1.89 16.09
CA LYS B 418 -3.75 2.74 16.97
C LYS B 418 -4.60 1.86 17.80
N ILE B 419 -4.79 2.33 19.02
CA ILE B 419 -5.81 1.88 19.95
C ILE B 419 -6.74 3.02 20.36
N LYS B 420 -8.03 2.86 20.08
CA LYS B 420 -9.05 3.85 20.36
C LYS B 420 -8.62 5.20 19.77
N ASP B 421 -8.17 5.19 18.53
CA ASP B 421 -7.72 6.43 17.90
C ASP B 421 -6.42 7.08 18.39
N SER B 422 -5.69 6.48 19.30
CA SER B 422 -4.42 7.01 19.74
C SER B 422 -3.31 6.03 19.37
N ASN B 423 -2.20 6.54 18.91
CA ASN B 423 -1.08 5.68 18.55
C ASN B 423 -0.49 4.90 19.66
N ALA B 424 -0.36 3.60 19.44
CA ALA B 424 0.55 2.74 20.24
C ALA B 424 2.02 3.22 20.05
N GLY B 425 2.74 3.41 21.16
CA GLY B 425 4.08 3.96 21.14
C GLY B 425 4.44 4.29 22.55
N TRP B 426 5.54 4.95 22.77
CA TRP B 426 5.97 5.30 24.18
C TRP B 426 5.51 6.68 24.61
N THR B 427 5.13 7.54 23.66
CA THR B 427 4.95 8.95 23.95
C THR B 427 3.82 9.19 24.94
N LEU B 428 2.74 8.37 24.92
CA LEU B 428 1.60 8.64 25.80
C LEU B 428 1.93 8.26 27.24
N GLY B 429 2.52 7.11 27.43
CA GLY B 429 3.03 6.72 28.74
C GLY B 429 4.05 7.66 29.36
N TYR B 430 4.84 8.32 28.53
CA TYR B 430 5.84 9.24 28.96
C TYR B 430 5.21 10.50 29.47
N MET B 431 4.28 10.98 28.69
CA MET B 431 3.44 12.10 29.01
CA MET B 431 3.55 12.14 29.10
C MET B 431 2.73 11.88 30.34
N LEU B 432 2.15 10.67 30.47
CA LEU B 432 1.32 10.40 31.64
C LEU B 432 2.15 10.45 32.85
N ASN B 433 3.26 9.72 32.86
CA ASN B 433 4.16 9.87 33.99
C ASN B 433 4.77 11.25 34.23
N LEU B 434 5.28 11.88 33.18
CA LEU B 434 5.93 13.18 33.40
C LEU B 434 5.00 14.31 33.79
N THR B 435 3.70 14.02 33.78
CA THR B 435 2.69 14.97 34.25
C THR B 435 2.11 14.46 35.60
N ASN B 436 2.88 13.57 36.23
CA ASN B 436 2.51 12.68 37.37
C ASN B 436 1.01 12.32 37.47
N MET B 437 0.46 11.99 36.31
CA MET B 437 -0.94 11.68 36.09
C MET B 437 -1.17 10.19 36.21
N ILE B 438 -0.19 9.51 36.76
CA ILE B 438 -0.33 8.12 37.04
C ILE B 438 -0.30 7.98 38.55
N PRO B 439 -1.46 7.61 39.18
CA PRO B 439 -1.53 7.32 40.63
C PRO B 439 -1.05 5.92 41.01
N ALA B 440 -0.56 5.77 42.24
CA ALA B 440 -0.22 4.46 42.76
C ALA B 440 -1.46 3.64 43.17
N GLU B 441 -2.53 4.30 43.67
CA GLU B 441 -3.86 3.64 43.94
C GLU B 441 -4.98 3.94 42.91
N VAL C 33 5.12 -22.00 -26.79
CA VAL C 33 4.60 -21.10 -25.71
C VAL C 33 4.90 -19.57 -25.95
N LYS C 34 3.83 -18.77 -26.21
CA LYS C 34 3.85 -17.44 -26.88
C LYS C 34 3.69 -16.18 -25.97
N TYR C 35 4.06 -14.98 -26.45
CA TYR C 35 4.07 -13.70 -25.71
C TYR C 35 3.48 -12.55 -26.47
N GLY C 36 2.99 -11.52 -25.78
CA GLY C 36 2.50 -10.31 -26.40
C GLY C 36 2.60 -9.19 -25.37
N ILE C 37 2.75 -7.97 -25.84
CA ILE C 37 2.93 -6.79 -25.07
C ILE C 37 1.83 -5.78 -25.51
N VAL C 38 1.12 -5.25 -24.50
CA VAL C 38 0.17 -4.12 -24.66
C VAL C 38 0.57 -2.98 -23.71
N LEU C 39 0.80 -1.79 -24.24
CA LEU C 39 0.95 -0.58 -23.42
C LEU C 39 -0.42 0.11 -23.34
N ASP C 40 -0.94 0.31 -22.14
CA ASP C 40 -2.14 1.01 -21.85
C ASP C 40 -1.70 2.46 -21.58
N ALA C 41 -1.91 3.34 -22.55
CA ALA C 41 -1.47 4.69 -22.40
C ALA C 41 -2.64 5.54 -21.87
N GLY C 42 -2.80 5.55 -20.55
CA GLY C 42 -3.89 6.22 -19.87
C GLY C 42 -3.50 7.61 -19.44
N SER C 43 -4.43 8.35 -18.86
CA SER C 43 -4.14 9.77 -18.62
C SER C 43 -3.24 10.01 -17.42
N SER C 44 -3.25 9.08 -16.48
CA SER C 44 -2.40 9.23 -15.33
C SER C 44 -1.00 8.69 -15.59
N HIS C 45 -0.92 7.56 -16.30
CA HIS C 45 0.25 6.70 -16.29
C HIS C 45 0.16 5.92 -17.52
N THR C 46 1.30 5.55 -18.09
CA THR C 46 1.37 4.46 -19.08
C THR C 46 1.74 3.20 -18.35
N ASN C 47 1.04 2.12 -18.63
CA ASN C 47 1.34 0.82 -18.03
C ASN C 47 1.60 -0.15 -19.15
N LEU C 48 2.61 -1.01 -18.96
CA LEU C 48 2.96 -1.99 -19.97
C LEU C 48 2.61 -3.34 -19.38
N TYR C 49 2.04 -4.24 -20.18
CA TYR C 49 1.71 -5.60 -19.75
C TYR C 49 2.32 -6.56 -20.71
N ILE C 50 2.94 -7.60 -20.18
CA ILE C 50 3.42 -8.68 -21.01
C ILE C 50 2.46 -9.84 -20.72
N TYR C 51 1.92 -10.46 -21.78
CA TYR C 51 1.02 -11.64 -21.66
C TYR C 51 1.72 -12.81 -22.21
N LYS C 52 1.30 -13.99 -21.79
CA LYS C 52 1.91 -15.20 -22.28
C LYS C 52 0.89 -16.30 -22.32
N TRP C 53 1.11 -17.24 -23.23
CA TRP C 53 0.14 -18.29 -23.45
C TRP C 53 0.83 -19.36 -24.22
N PRO C 54 0.31 -20.61 -24.12
CA PRO C 54 0.87 -21.69 -24.85
C PRO C 54 -0.04 -21.86 -26.06
N VAL C 63 -5.26 -20.87 -22.29
CA VAL C 63 -5.59 -19.54 -21.75
C VAL C 63 -4.43 -18.56 -21.57
N VAL C 64 -4.77 -17.30 -21.78
CA VAL C 64 -3.82 -16.21 -21.70
C VAL C 64 -3.71 -15.69 -20.26
N GLN C 65 -2.46 -15.41 -19.86
CA GLN C 65 -2.12 -14.91 -18.52
C GLN C 65 -1.17 -13.76 -18.56
N GLN C 66 -1.39 -12.81 -17.65
CA GLN C 66 -0.38 -11.79 -17.42
C GLN C 66 0.90 -12.44 -16.84
N LEU C 67 2.03 -12.09 -17.43
CA LEU C 67 3.34 -12.48 -16.95
C LEU C 67 3.93 -11.38 -16.10
N GLU C 68 3.81 -10.14 -16.54
CA GLU C 68 4.48 -9.03 -15.85
C GLU C 68 3.84 -7.69 -16.25
N GLU C 69 3.98 -6.73 -15.34
CA GLU C 69 3.56 -5.37 -15.61
C GLU C 69 4.66 -4.39 -15.25
N CYS C 70 4.70 -3.26 -15.93
CA CYS C 70 5.65 -2.16 -15.66
C CYS C 70 4.85 -0.80 -15.69
N GLN C 71 5.05 0.06 -14.71
CA GLN C 71 4.44 1.38 -14.84
C GLN C 71 5.50 2.39 -15.24
N VAL C 72 5.30 3.05 -16.36
CA VAL C 72 6.24 4.07 -16.80
C VAL C 72 6.25 5.24 -15.81
N LYS C 73 7.43 5.70 -15.43
CA LYS C 73 7.55 6.83 -14.51
C LYS C 73 7.04 8.08 -15.21
N GLY C 74 6.30 8.91 -14.50
CA GLY C 74 5.85 10.16 -15.07
C GLY C 74 4.41 10.13 -15.49
N PRO C 75 4.00 11.16 -16.26
CA PRO C 75 2.57 11.27 -16.50
C PRO C 75 2.16 10.45 -17.74
N GLY C 76 0.95 10.67 -18.27
CA GLY C 76 0.58 9.98 -19.50
C GLY C 76 1.17 10.72 -20.71
N ILE C 77 1.14 10.04 -21.84
CA ILE C 77 1.82 10.49 -23.02
C ILE C 77 1.33 11.76 -23.62
N SER C 78 0.11 12.19 -23.32
CA SER C 78 -0.39 13.41 -23.89
C SER C 78 0.35 14.59 -23.31
N LYS C 79 0.96 14.37 -22.15
CA LYS C 79 1.84 15.40 -21.59
C LYS C 79 3.17 15.58 -22.37
N TYR C 80 3.41 14.73 -23.36
CA TYR C 80 4.60 14.85 -24.18
C TYR C 80 4.38 15.59 -25.48
N ALA C 81 3.19 16.17 -25.64
CA ALA C 81 2.83 16.88 -26.87
C ALA C 81 3.87 17.94 -27.29
N GLN C 82 4.48 18.59 -26.31
CA GLN C 82 5.48 19.57 -26.60
C GLN C 82 6.90 19.07 -26.29
N LYS C 83 7.03 17.79 -25.99
CA LYS C 83 8.39 17.19 -25.79
C LYS C 83 8.46 15.79 -26.32
N THR C 84 8.10 15.67 -27.59
CA THR C 84 8.07 14.40 -28.29
C THR C 84 9.48 13.82 -28.38
N ASP C 85 10.51 14.69 -28.44
CA ASP C 85 11.92 14.32 -28.39
C ASP C 85 12.35 13.66 -27.09
N GLU C 86 11.43 13.45 -26.15
CA GLU C 86 11.76 12.78 -24.88
C GLU C 86 10.93 11.54 -24.67
N ILE C 87 10.08 11.18 -25.63
CA ILE C 87 9.26 9.98 -25.54
C ILE C 87 10.11 8.71 -25.54
N ALA C 88 11.19 8.72 -26.32
CA ALA C 88 12.14 7.62 -26.30
C ALA C 88 12.65 7.39 -24.88
N ALA C 89 13.15 8.45 -24.28
CA ALA C 89 13.60 8.44 -22.87
C ALA C 89 12.50 8.00 -21.90
N TYR C 90 11.27 8.44 -22.09
CA TYR C 90 10.11 8.04 -21.26
C TYR C 90 9.79 6.51 -21.23
N LEU C 91 9.81 5.92 -22.41
CA LEU C 91 9.52 4.52 -22.66
C LEU C 91 10.63 3.55 -22.32
N ALA C 92 11.85 4.05 -22.16
CA ALA C 92 13.03 3.16 -22.15
C ALA C 92 13.01 2.13 -20.99
N GLU C 93 12.72 2.57 -19.77
CA GLU C 93 12.79 1.68 -18.63
C GLU C 93 11.87 0.46 -18.79
N CYS C 94 10.61 0.70 -19.13
CA CYS C 94 9.70 -0.40 -19.30
C CYS C 94 9.94 -1.27 -20.55
N MET C 95 10.28 -0.64 -21.67
CA MET C 95 10.75 -1.46 -22.81
C MET C 95 12.02 -2.32 -22.54
N LYS C 96 12.97 -1.78 -21.75
CA LYS C 96 14.18 -2.51 -21.35
C LYS C 96 13.75 -3.70 -20.51
N MET C 97 12.78 -3.53 -19.64
CA MET C 97 12.32 -4.64 -18.83
C MET C 97 11.83 -5.74 -19.74
N SER C 98 11.13 -5.36 -20.80
CA SER C 98 10.50 -6.31 -21.67
C SER C 98 11.53 -7.10 -22.43
N THR C 99 12.60 -6.42 -22.86
CA THR C 99 13.68 -7.07 -23.61
C THR C 99 14.51 -7.99 -22.68
N GLU C 100 14.49 -7.72 -21.38
CA GLU C 100 15.22 -8.60 -20.43
C GLU C 100 14.33 -9.80 -20.05
N ARG C 101 13.05 -9.64 -20.15
CA ARG C 101 12.14 -10.61 -19.55
C ARG C 101 11.74 -11.68 -20.58
N ILE C 102 11.52 -11.28 -21.83
CA ILE C 102 11.09 -12.17 -22.87
C ILE C 102 12.32 -12.85 -23.48
N PRO C 103 12.30 -14.20 -23.63
CA PRO C 103 13.49 -14.84 -24.22
C PRO C 103 13.82 -14.26 -25.60
N ALA C 104 15.12 -14.03 -25.81
CA ALA C 104 15.71 -13.38 -27.00
C ALA C 104 15.30 -14.01 -28.33
N SER C 105 15.27 -15.34 -28.38
CA SER C 105 14.73 -16.08 -29.54
C SER C 105 13.25 -15.74 -29.84
N LYS C 106 12.52 -15.35 -28.79
CA LYS C 106 11.06 -15.15 -28.80
C LYS C 106 10.57 -13.77 -29.21
N GLN C 107 11.48 -12.81 -29.32
CA GLN C 107 11.15 -11.37 -29.41
C GLN C 107 10.61 -10.79 -30.70
N HIS C 108 11.16 -11.23 -31.81
CA HIS C 108 10.63 -10.86 -33.10
C HIS C 108 9.24 -11.35 -33.35
N GLN C 109 8.88 -12.54 -32.88
CA GLN C 109 7.54 -13.10 -33.11
C GLN C 109 6.51 -12.56 -32.13
N THR C 110 6.96 -11.66 -31.25
CA THR C 110 6.12 -11.12 -30.17
C THR C 110 5.47 -9.82 -30.57
N PRO C 111 4.12 -9.76 -30.65
CA PRO C 111 3.44 -8.51 -31.00
C PRO C 111 3.48 -7.43 -29.88
N VAL C 112 3.67 -6.15 -30.26
CA VAL C 112 3.59 -5.00 -29.37
C VAL C 112 2.58 -4.00 -29.93
N TYR C 113 1.60 -3.64 -29.08
CA TYR C 113 0.48 -2.69 -29.34
C TYR C 113 0.50 -1.55 -28.32
N LEU C 114 0.33 -0.29 -28.71
CA LEU C 114 -0.04 0.71 -27.72
C LEU C 114 -1.49 1.14 -28.01
N GLY C 115 -2.35 1.19 -26.97
CA GLY C 115 -3.72 1.79 -27.03
C GLY C 115 -3.75 2.96 -26.05
N ALA C 116 -4.03 4.15 -26.57
CA ALA C 116 -4.24 5.33 -25.75
C ALA C 116 -5.76 5.59 -25.56
N THR C 117 -6.13 6.08 -24.38
CA THR C 117 -7.50 6.23 -23.97
C THR C 117 -7.87 7.70 -23.72
N ALA C 118 -8.60 8.01 -22.67
CA ALA C 118 -9.23 9.34 -22.65
C ALA C 118 -8.24 10.53 -22.68
N GLY C 119 -7.05 10.36 -22.05
CA GLY C 119 -6.14 11.49 -22.03
C GLY C 119 -5.75 11.90 -23.44
N MET C 120 -5.51 10.92 -24.30
CA MET C 120 -5.18 11.17 -25.67
C MET C 120 -6.42 11.62 -26.52
N ARG C 121 -7.65 11.18 -26.18
CA ARG C 121 -8.84 11.73 -26.78
C ARG C 121 -8.90 13.24 -26.51
N LEU C 122 -8.59 13.65 -25.30
CA LEU C 122 -8.56 15.07 -24.96
C LEU C 122 -7.48 15.89 -25.75
N LEU C 123 -6.28 15.33 -25.91
CA LEU C 123 -5.22 15.99 -26.67
C LEU C 123 -5.66 16.13 -28.11
N ARG C 124 -6.11 15.03 -28.71
CA ARG C 124 -6.65 15.05 -30.02
C ARG C 124 -7.72 16.09 -30.21
N MET C 125 -8.66 16.18 -29.29
CA MET C 125 -9.70 17.19 -29.27
C MET C 125 -9.13 18.59 -29.42
N GLU C 126 -8.11 18.93 -28.63
CA GLU C 126 -7.47 20.26 -28.68
C GLU C 126 -6.65 20.45 -29.93
N SER C 127 -5.89 19.42 -30.34
CA SER C 127 -5.11 19.45 -31.55
C SER C 127 -4.89 18.06 -32.15
N LYS C 128 -5.53 17.79 -33.29
CA LYS C 128 -5.30 16.50 -33.91
C LYS C 128 -3.84 16.26 -34.29
N GLN C 129 -3.15 17.30 -34.78
CA GLN C 129 -1.77 17.17 -35.22
C GLN C 129 -0.86 16.89 -34.02
N SER C 130 -1.04 17.62 -32.92
CA SER C 130 -0.31 17.30 -31.68
C SER C 130 -0.48 15.85 -31.28
N ALA C 131 -1.72 15.30 -31.34
CA ALA C 131 -1.89 13.88 -30.97
C ALA C 131 -1.19 12.93 -31.94
N ASP C 132 -1.24 13.23 -33.23
CA ASP C 132 -0.59 12.35 -34.20
C ASP C 132 0.95 12.33 -34.06
N GLU C 133 1.51 13.49 -33.78
CA GLU C 133 2.94 13.63 -33.56
C GLU C 133 3.38 12.89 -32.27
N VAL C 134 2.51 12.82 -31.26
CA VAL C 134 2.80 12.08 -30.04
C VAL C 134 2.77 10.59 -30.35
N LEU C 135 1.77 10.18 -31.13
CA LEU C 135 1.63 8.78 -31.50
C LEU C 135 2.70 8.36 -32.53
N ALA C 136 3.11 9.32 -33.41
CA ALA C 136 4.30 9.18 -34.30
C ALA C 136 5.67 8.93 -33.58
N ALA C 137 5.96 9.70 -32.53
CA ALA C 137 7.10 9.53 -31.61
C ALA C 137 7.04 8.21 -30.84
N VAL C 138 5.87 7.86 -30.36
CA VAL C 138 5.69 6.61 -29.63
C VAL C 138 6.04 5.50 -30.58
N SER C 139 5.56 5.65 -31.81
CA SER C 139 5.73 4.65 -32.85
C SER C 139 7.17 4.44 -33.18
N ARG C 140 7.84 5.53 -33.51
CA ARG C 140 9.29 5.61 -33.82
C ARG C 140 10.07 4.87 -32.75
N SER C 141 9.70 5.10 -31.51
CA SER C 141 10.41 4.54 -30.39
CA SER C 141 10.38 4.52 -30.35
C SER C 141 10.12 3.03 -30.18
N LEU C 142 8.88 2.60 -30.22
CA LEU C 142 8.63 1.16 -30.04
C LEU C 142 9.17 0.28 -31.18
N LYS C 143 9.25 0.83 -32.40
CA LYS C 143 9.85 0.16 -33.56
C LYS C 143 11.38 -0.05 -33.37
N SER C 144 11.97 0.78 -32.50
CA SER C 144 13.39 0.77 -32.07
C SER C 144 13.78 -0.48 -31.34
N TYR C 145 12.78 -1.20 -30.81
CA TYR C 145 12.97 -2.41 -30.03
C TYR C 145 12.78 -3.61 -30.93
N PRO C 146 13.21 -4.80 -30.48
CA PRO C 146 13.28 -6.02 -31.28
C PRO C 146 11.97 -6.78 -31.35
N PHE C 147 10.88 -6.07 -31.10
CA PHE C 147 9.54 -6.67 -31.15
C PHE C 147 8.87 -6.40 -32.48
N ASP C 148 7.75 -7.06 -32.69
CA ASP C 148 6.93 -6.93 -33.89
C ASP C 148 5.91 -5.76 -33.62
N PHE C 149 6.30 -4.50 -33.91
CA PHE C 149 5.43 -3.31 -33.64
C PHE C 149 4.15 -3.44 -34.45
N GLN C 150 3.02 -3.60 -33.72
CA GLN C 150 1.68 -3.68 -34.33
C GLN C 150 0.89 -2.36 -34.31
N GLY C 151 1.49 -1.26 -33.87
CA GLY C 151 0.86 0.07 -33.92
C GLY C 151 0.47 0.67 -32.58
N ALA C 152 0.26 1.98 -32.58
CA ALA C 152 -0.06 2.76 -31.41
C ALA C 152 -1.21 3.67 -31.85
N LYS C 153 -2.38 3.56 -31.22
CA LYS C 153 -3.59 4.24 -31.67
C LYS C 153 -4.38 4.63 -30.48
N ILE C 154 -5.28 5.63 -30.64
CA ILE C 154 -6.26 6.03 -29.60
C ILE C 154 -7.45 5.13 -29.79
N ILE C 155 -7.69 4.24 -28.85
CA ILE C 155 -8.88 3.42 -28.95
C ILE C 155 -10.16 4.20 -28.56
N THR C 156 -11.26 3.69 -29.04
CA THR C 156 -12.57 4.42 -28.85
C THR C 156 -13.07 4.16 -27.42
N GLY C 157 -13.91 5.02 -26.88
CA GLY C 157 -14.48 4.72 -25.55
C GLY C 157 -15.32 3.44 -25.51
N GLN C 158 -16.04 3.11 -26.60
CA GLN C 158 -16.83 1.85 -26.66
C GLN C 158 -15.93 0.64 -26.72
N GLU C 159 -14.81 0.73 -27.43
CA GLU C 159 -13.81 -0.33 -27.43
C GLU C 159 -13.26 -0.57 -26.02
N GLU C 160 -12.83 0.53 -25.36
CA GLU C 160 -12.29 0.55 -24.02
C GLU C 160 -13.26 -0.18 -23.07
N GLY C 161 -14.54 0.16 -23.13
CA GLY C 161 -15.62 -0.53 -22.42
C GLY C 161 -15.77 -2.02 -22.73
N ALA C 162 -16.05 -2.36 -23.97
CA ALA C 162 -16.24 -3.75 -24.34
C ALA C 162 -15.02 -4.59 -24.02
N TYR C 163 -13.81 -4.09 -24.28
CA TYR C 163 -12.64 -4.94 -24.03
C TYR C 163 -12.44 -5.17 -22.59
N GLY C 164 -12.78 -4.21 -21.74
CA GLY C 164 -12.79 -4.52 -20.30
C GLY C 164 -13.79 -5.61 -19.85
N TRP C 165 -14.99 -5.57 -20.39
CA TRP C 165 -16.02 -6.57 -20.20
C TRP C 165 -15.54 -7.91 -20.70
N ILE C 166 -14.88 -7.93 -21.84
CA ILE C 166 -14.22 -9.15 -22.29
C ILE C 166 -13.15 -9.71 -21.36
N THR C 167 -12.24 -8.84 -20.92
CA THR C 167 -11.13 -9.16 -20.02
C THR C 167 -11.71 -9.88 -18.77
N ILE C 168 -12.69 -9.27 -18.09
CA ILE C 168 -13.11 -9.87 -16.82
C ILE C 168 -13.89 -11.19 -16.98
N ASN C 169 -14.76 -11.27 -17.98
CA ASN C 169 -15.52 -12.45 -18.20
C ASN C 169 -14.65 -13.59 -18.74
N TYR C 170 -13.57 -13.24 -19.47
CA TYR C 170 -12.59 -14.28 -19.89
C TYR C 170 -11.88 -14.82 -18.68
N LEU C 171 -11.34 -13.92 -17.84
CA LEU C 171 -10.61 -14.32 -16.62
C LEU C 171 -11.47 -15.04 -15.63
N LEU C 172 -12.77 -14.77 -15.61
CA LEU C 172 -13.71 -15.44 -14.69
C LEU C 172 -14.30 -16.72 -15.28
N GLY C 173 -13.89 -17.01 -16.51
CA GLY C 173 -14.41 -18.13 -17.27
C GLY C 173 -15.90 -18.07 -17.59
N ARG C 174 -16.48 -16.86 -17.64
CA ARG C 174 -17.96 -16.75 -17.84
C ARG C 174 -18.49 -17.20 -19.22
N PHE C 175 -17.62 -17.09 -20.20
CA PHE C 175 -17.95 -17.43 -21.54
C PHE C 175 -18.00 -18.98 -21.71
N LYS C 176 -17.34 -19.77 -20.86
CA LYS C 176 -17.34 -21.28 -21.02
C LYS C 176 -18.50 -22.06 -20.35
N GLY C 180 -24.10 -18.93 -19.54
CA GLY C 180 -25.03 -18.65 -18.44
C GLY C 180 -25.28 -17.16 -18.17
N SER C 181 -24.33 -16.51 -17.48
CA SER C 181 -24.39 -15.09 -17.08
C SER C 181 -23.04 -14.43 -17.10
N THR C 182 -22.95 -13.24 -17.62
CA THR C 182 -21.70 -12.50 -17.54
C THR C 182 -21.67 -11.45 -16.42
N PHE C 183 -20.50 -11.05 -15.98
CA PHE C 183 -20.40 -9.84 -15.15
C PHE C 183 -20.41 -8.59 -16.00
N GLY C 184 -21.02 -7.55 -15.51
CA GLY C 184 -20.88 -6.19 -15.97
C GLY C 184 -19.51 -5.65 -15.61
N ALA C 185 -19.05 -4.59 -16.31
CA ALA C 185 -17.70 -3.99 -16.10
C ALA C 185 -17.84 -2.52 -15.78
N LEU C 186 -17.34 -2.14 -14.64
CA LEU C 186 -17.25 -0.75 -14.24
C LEU C 186 -15.75 -0.31 -14.20
N ASP C 187 -15.39 0.69 -15.01
CA ASP C 187 -14.00 1.13 -15.13
C ASP C 187 -13.93 2.64 -14.82
N LEU C 188 -12.96 3.07 -14.02
CA LEU C 188 -12.79 4.48 -13.73
C LEU C 188 -11.28 4.74 -13.93
N GLY C 189 -10.95 5.79 -14.68
CA GLY C 189 -9.58 6.32 -14.70
C GLY C 189 -9.56 7.80 -14.37
N GLY C 190 -8.49 8.47 -14.76
CA GLY C 190 -8.34 9.86 -14.50
C GLY C 190 -9.25 10.73 -15.36
N ALA C 191 -9.50 10.27 -16.58
CA ALA C 191 -10.18 11.12 -17.57
C ALA C 191 -11.53 10.64 -18.09
N SER C 192 -11.84 9.33 -18.02
CA SER C 192 -13.16 8.84 -18.33
C SER C 192 -13.55 7.75 -17.41
N THR C 193 -14.82 7.39 -17.48
CA THR C 193 -15.42 6.19 -16.80
C THR C 193 -16.33 5.41 -17.79
N GLN C 194 -16.33 4.07 -17.77
CA GLN C 194 -17.12 3.23 -18.65
C GLN C 194 -17.97 2.31 -17.80
N ILE C 195 -19.12 1.96 -18.34
CA ILE C 195 -20.03 0.98 -17.75
C ILE C 195 -20.51 0.11 -18.92
N THR C 196 -20.42 -1.23 -18.77
CA THR C 196 -20.67 -2.14 -19.84
C THR C 196 -21.35 -3.37 -19.27
N PHE C 197 -22.48 -3.78 -19.81
CA PHE C 197 -23.14 -5.01 -19.35
C PHE C 197 -24.21 -5.53 -20.29
N VAL C 198 -24.57 -6.80 -20.14
CA VAL C 198 -25.65 -7.37 -20.89
C VAL C 198 -27.00 -7.12 -20.14
N PRO C 199 -27.91 -6.26 -20.70
CA PRO C 199 -29.17 -6.01 -19.97
C PRO C 199 -30.25 -7.04 -20.28
N LEU C 200 -31.35 -6.98 -19.56
CA LEU C 200 -32.59 -7.69 -19.97
C LEU C 200 -33.20 -7.15 -21.32
N ASN C 201 -33.62 -8.05 -22.19
CA ASN C 201 -34.08 -7.67 -23.52
C ASN C 201 -35.32 -6.76 -23.59
N SER C 202 -36.10 -6.71 -22.52
CA SER C 202 -37.33 -5.95 -22.46
C SER C 202 -37.05 -4.45 -22.08
N THR C 203 -35.76 -4.13 -21.93
CA THR C 203 -35.37 -2.84 -21.33
C THR C 203 -34.52 -1.93 -22.30
N LEU C 204 -34.37 -2.38 -23.56
CA LEU C 204 -33.49 -1.79 -24.66
C LEU C 204 -34.03 -0.47 -25.34
N GLU C 205 -34.07 0.62 -24.58
CA GLU C 205 -34.73 1.84 -25.04
C GLU C 205 -33.88 2.73 -25.92
N ALA C 206 -32.58 2.50 -26.08
CA ALA C 206 -31.75 3.39 -26.82
C ALA C 206 -30.82 2.49 -27.62
N PRO C 207 -31.26 1.94 -28.78
CA PRO C 207 -30.38 1.08 -29.52
C PRO C 207 -29.00 1.68 -29.95
N GLU C 208 -28.86 3.02 -30.03
CA GLU C 208 -27.57 3.67 -30.35
C GLU C 208 -26.52 3.31 -29.30
N THR C 209 -26.93 2.90 -28.11
CA THR C 209 -26.01 2.58 -27.05
C THR C 209 -25.64 1.13 -26.93
N SER C 210 -26.09 0.31 -27.86
CA SER C 210 -25.71 -1.11 -27.77
C SER C 210 -24.84 -1.61 -28.86
N LEU C 211 -24.07 -2.62 -28.53
CA LEU C 211 -23.26 -3.38 -29.47
C LEU C 211 -23.70 -4.83 -29.49
N GLN C 212 -23.60 -5.52 -30.62
CA GLN C 212 -23.86 -6.97 -30.71
CA GLN C 212 -23.83 -6.95 -30.67
C GLN C 212 -22.56 -7.72 -30.97
N PHE C 213 -22.24 -8.73 -30.16
CA PHE C 213 -21.18 -9.67 -30.65
C PHE C 213 -21.40 -11.15 -30.41
N ARG C 214 -20.80 -12.01 -31.24
CA ARG C 214 -20.87 -13.44 -30.98
C ARG C 214 -19.54 -13.92 -30.37
N LEU C 215 -19.61 -14.67 -29.28
CA LEU C 215 -18.43 -14.98 -28.49
C LEU C 215 -18.52 -16.37 -27.91
N TYR C 216 -17.50 -17.15 -28.25
CA TYR C 216 -17.45 -18.61 -28.04
C TYR C 216 -18.87 -19.12 -28.25
N GLY C 217 -19.29 -19.10 -29.52
CA GLY C 217 -20.62 -19.51 -29.93
C GLY C 217 -21.81 -18.93 -29.18
N THR C 218 -21.78 -17.66 -28.73
CA THR C 218 -22.97 -17.01 -28.15
C THR C 218 -23.07 -15.55 -28.57
N ASP C 219 -24.26 -15.13 -29.03
CA ASP C 219 -24.63 -13.69 -29.24
C ASP C 219 -24.88 -12.92 -27.94
N TYR C 220 -24.31 -11.72 -27.82
CA TYR C 220 -24.58 -10.79 -26.71
C TYR C 220 -24.87 -9.44 -27.25
N THR C 221 -25.93 -8.87 -26.68
CA THR C 221 -26.28 -7.47 -26.78
C THR C 221 -25.74 -6.85 -25.52
N VAL C 222 -24.83 -5.94 -25.67
CA VAL C 222 -24.16 -5.39 -24.58
C VAL C 222 -24.48 -3.90 -24.65
N TYR C 223 -24.91 -3.30 -23.56
CA TYR C 223 -24.87 -1.88 -23.44
C TYR C 223 -23.40 -1.43 -23.14
N THR C 224 -22.86 -0.41 -23.79
CA THR C 224 -21.63 0.16 -23.24
C THR C 224 -21.64 1.65 -23.53
N HIS C 225 -21.18 2.42 -22.57
CA HIS C 225 -20.99 3.85 -22.72
C HIS C 225 -19.73 4.33 -21.95
N SER C 226 -19.04 5.33 -22.52
CA SER C 226 -17.93 6.05 -21.89
C SER C 226 -18.30 7.52 -21.67
N PHE C 227 -18.00 7.97 -20.46
CA PHE C 227 -18.24 9.36 -20.06
C PHE C 227 -16.93 10.14 -19.99
N LEU C 228 -16.53 10.74 -21.13
CA LEU C 228 -15.39 11.54 -21.17
C LEU C 228 -15.49 12.78 -20.23
N CYS C 229 -14.41 13.09 -19.56
CA CYS C 229 -14.39 14.16 -18.60
C CYS C 229 -14.87 13.75 -17.23
N TYR C 230 -15.32 12.51 -17.10
CA TYR C 230 -15.89 11.96 -15.84
C TYR C 230 -15.03 10.92 -15.15
N GLY C 231 -13.78 10.87 -15.55
CA GLY C 231 -12.74 10.20 -14.73
C GLY C 231 -12.54 11.08 -13.51
N LYS C 232 -11.91 10.54 -12.48
CA LYS C 232 -11.81 11.26 -11.20
C LYS C 232 -10.97 12.55 -11.23
N ASP C 233 -9.87 12.59 -11.96
CA ASP C 233 -9.05 13.82 -12.10
C ASP C 233 -9.74 14.92 -12.91
N GLN C 234 -10.26 14.56 -14.07
CA GLN C 234 -11.04 15.50 -14.86
C GLN C 234 -12.26 16.02 -14.12
N ALA C 235 -12.87 15.16 -13.31
CA ALA C 235 -14.03 15.58 -12.53
C ALA C 235 -13.63 16.62 -11.48
N LEU C 236 -12.49 16.42 -10.78
CA LEU C 236 -11.94 17.43 -9.94
C LEU C 236 -11.69 18.72 -10.66
N TRP C 237 -11.06 18.71 -11.82
CA TRP C 237 -10.88 19.95 -12.56
CA TRP C 237 -10.85 19.96 -12.54
C TRP C 237 -12.16 20.64 -12.90
N GLN C 238 -13.17 19.87 -13.29
CA GLN C 238 -14.51 20.43 -13.59
C GLN C 238 -15.02 21.15 -12.37
N LYS C 239 -14.97 20.44 -11.25
CA LYS C 239 -15.46 20.91 -9.98
C LYS C 239 -14.78 22.17 -9.48
N LEU C 240 -13.46 22.24 -9.61
CA LEU C 240 -12.72 23.37 -9.16
C LEU C 240 -12.99 24.54 -10.03
N ALA C 241 -13.09 24.29 -11.33
CA ALA C 241 -13.43 25.33 -12.26
C ALA C 241 -14.85 25.88 -12.01
N GLN C 242 -15.78 25.00 -11.61
CA GLN C 242 -17.15 25.39 -11.36
C GLN C 242 -17.25 26.27 -10.13
N ASP C 243 -16.44 25.93 -9.14
CA ASP C 243 -16.47 26.48 -7.80
C ASP C 243 -15.77 27.83 -7.70
N ILE C 244 -14.66 28.02 -8.40
CA ILE C 244 -13.85 29.25 -8.27
C ILE C 244 -14.61 30.46 -8.83
N GLN C 245 -14.45 31.60 -8.15
CA GLN C 245 -15.21 32.81 -8.44
C GLN C 245 -14.29 33.95 -8.85
N VAL C 246 -14.80 34.90 -9.61
CA VAL C 246 -14.07 36.12 -9.93
C VAL C 246 -13.73 36.85 -8.61
N SER C 247 -14.53 36.54 -7.59
CA SER C 247 -14.49 37.14 -6.26
C SER C 247 -13.77 36.32 -5.22
N SER C 248 -13.35 35.10 -5.57
CA SER C 248 -12.81 34.12 -4.63
C SER C 248 -11.48 34.64 -4.05
N GLY C 249 -10.99 35.69 -4.67
CA GLY C 249 -9.86 36.43 -4.17
C GLY C 249 -8.58 35.63 -4.09
N GLY C 250 -8.50 34.55 -4.88
CA GLY C 250 -7.32 33.70 -4.92
C GLY C 250 -7.30 32.68 -3.78
N ILE C 251 -8.43 32.50 -3.13
CA ILE C 251 -8.58 31.40 -2.18
C ILE C 251 -9.82 30.63 -2.58
N LEU C 252 -9.77 29.30 -2.47
CA LEU C 252 -10.95 28.48 -2.63
C LEU C 252 -11.07 27.48 -1.47
N LYS C 253 -11.94 27.75 -0.51
CA LYS C 253 -12.22 26.80 0.57
C LYS C 253 -13.01 25.61 0.07
N ASP C 254 -12.44 24.41 0.15
CA ASP C 254 -13.05 23.24 -0.50
C ASP C 254 -13.27 22.09 0.49
N PRO C 255 -14.52 21.57 0.58
CA PRO C 255 -14.87 20.57 1.58
C PRO C 255 -14.43 19.19 1.21
N CYS C 256 -13.93 19.01 -0.01
CA CYS C 256 -13.41 17.73 -0.51
C CYS C 256 -11.93 17.42 -0.14
N PHE C 257 -11.33 18.34 0.62
CA PHE C 257 -9.97 18.21 1.08
C PHE C 257 -9.92 18.39 2.56
N TYR C 258 -8.99 17.68 3.21
CA TYR C 258 -8.90 17.64 4.67
C TYR C 258 -8.70 18.99 5.23
N PRO C 259 -9.23 19.23 6.45
CA PRO C 259 -8.87 20.49 7.09
C PRO C 259 -7.36 20.66 7.16
N GLY C 260 -6.89 21.83 6.74
CA GLY C 260 -5.51 22.15 6.85
C GLY C 260 -4.75 21.84 5.59
N TYR C 261 -5.39 21.17 4.64
CA TYR C 261 -4.81 20.94 3.36
C TYR C 261 -4.82 22.23 2.56
N LYS C 262 -3.68 22.56 1.98
CA LYS C 262 -3.56 23.73 1.10
C LYS C 262 -2.93 23.18 -0.16
N LYS C 263 -3.39 23.60 -1.34
CA LYS C 263 -2.66 23.39 -2.59
C LYS C 263 -2.88 24.53 -3.58
N VAL C 264 -1.81 25.03 -4.19
CA VAL C 264 -1.98 26.08 -5.20
C VAL C 264 -2.34 25.46 -6.54
N VAL C 265 -3.31 26.07 -7.20
CA VAL C 265 -3.83 25.61 -8.47
C VAL C 265 -3.55 26.76 -9.45
N ASN C 266 -2.95 26.39 -10.56
CA ASN C 266 -2.64 27.35 -11.57
C ASN C 266 -3.78 27.56 -12.60
N VAL C 267 -4.24 28.79 -12.82
CA VAL C 267 -5.45 28.98 -13.65
C VAL C 267 -5.32 28.52 -15.12
N SER C 268 -4.15 28.70 -15.71
CA SER C 268 -3.85 28.19 -17.05
C SER C 268 -3.80 26.66 -17.11
N GLU C 269 -3.46 26.06 -15.98
CA GLU C 269 -3.53 24.62 -15.85
C GLU C 269 -4.98 24.21 -15.77
N LEU C 270 -5.74 24.89 -14.93
CA LEU C 270 -7.11 24.49 -14.74
C LEU C 270 -7.90 24.58 -16.05
N TYR C 271 -7.60 25.61 -16.84
CA TYR C 271 -8.33 25.94 -18.04
C TYR C 271 -7.63 25.40 -19.30
N GLY C 272 -6.68 24.49 -19.12
CA GLY C 272 -5.93 23.97 -20.25
C GLY C 272 -6.42 22.58 -20.62
N THR C 273 -7.40 22.10 -19.89
CA THR C 273 -8.11 20.88 -20.28
C THR C 273 -9.47 21.19 -20.93
N PRO C 274 -9.85 20.37 -21.93
CA PRO C 274 -11.16 20.65 -22.49
C PRO C 274 -12.31 20.45 -21.50
N CYS C 275 -12.15 19.64 -20.47
CA CYS C 275 -13.20 19.40 -19.51
C CYS C 275 -13.70 20.63 -18.67
N THR C 276 -12.92 21.71 -18.66
CA THR C 276 -13.28 22.88 -17.90
C THR C 276 -13.77 24.02 -18.74
N LYS C 277 -13.82 23.82 -20.05
CA LYS C 277 -14.16 24.85 -21.02
C LYS C 277 -15.50 25.46 -20.69
N ARG C 278 -16.47 24.65 -20.23
CA ARG C 278 -17.83 25.13 -19.95
C ARG C 278 -17.91 25.93 -18.65
N PHE C 279 -16.90 25.84 -17.78
CA PHE C 279 -16.85 26.65 -16.52
C PHE C 279 -15.88 27.85 -16.46
N GLU C 280 -15.32 28.22 -17.58
CA GLU C 280 -14.35 29.27 -17.54
C GLU C 280 -15.01 30.56 -17.14
N LYS C 281 -14.19 31.45 -16.55
CA LYS C 281 -14.55 32.75 -16.08
C LYS C 281 -13.36 33.67 -16.39
N LYS C 282 -13.60 34.96 -16.41
CA LYS C 282 -12.50 35.90 -16.37
C LYS C 282 -12.11 35.98 -14.91
N LEU C 283 -10.86 35.70 -14.58
CA LEU C 283 -10.46 35.80 -13.20
C LEU C 283 -9.31 36.74 -13.19
N PRO C 284 -9.33 37.69 -12.26
CA PRO C 284 -8.27 38.65 -12.05
C PRO C 284 -7.25 38.12 -11.02
N PHE C 285 -7.08 36.80 -11.02
CA PHE C 285 -5.94 36.13 -10.42
C PHE C 285 -5.46 35.02 -11.33
N ASN C 286 -4.15 34.83 -11.38
CA ASN C 286 -3.60 33.85 -12.29
C ASN C 286 -3.38 32.42 -11.66
N GLN C 287 -3.59 32.32 -10.35
CA GLN C 287 -3.59 31.05 -9.63
C GLN C 287 -4.34 31.25 -8.33
N PHE C 288 -4.69 30.16 -7.64
CA PHE C 288 -5.49 30.21 -6.39
C PHE C 288 -5.10 29.08 -5.40
N GLN C 289 -5.41 29.27 -4.12
CA GLN C 289 -5.03 28.28 -3.17
C GLN C 289 -6.25 27.57 -2.69
N VAL C 290 -6.32 26.29 -2.97
CA VAL C 290 -7.34 25.42 -2.42
C VAL C 290 -7.09 25.19 -0.93
N GLN C 291 -8.09 25.47 -0.12
CA GLN C 291 -7.93 25.25 1.31
C GLN C 291 -9.01 24.27 1.76
N GLY C 292 -8.58 23.08 2.20
CA GLY C 292 -9.53 22.07 2.63
C GLY C 292 -10.34 22.50 3.81
N THR C 293 -11.61 22.12 3.84
CA THR C 293 -12.47 22.33 5.01
C THR C 293 -13.05 20.98 5.53
N GLY C 294 -12.74 19.90 4.82
CA GLY C 294 -13.04 18.52 5.25
C GLY C 294 -14.47 18.19 5.61
N ASP C 295 -15.39 18.21 4.65
CA ASP C 295 -16.82 17.95 4.99
C ASP C 295 -17.41 17.10 3.91
N TYR C 296 -17.68 15.83 4.20
CA TYR C 296 -18.13 14.83 3.23
C TYR C 296 -19.46 15.27 2.49
N GLU C 297 -20.42 15.75 3.27
CA GLU C 297 -21.74 15.98 2.74
C GLU C 297 -21.69 17.18 1.79
N GLN C 298 -20.92 18.22 2.17
CA GLN C 298 -20.68 19.40 1.28
C GLN C 298 -19.87 19.03 0.04
N CYS C 299 -18.91 18.12 0.23
CA CYS C 299 -18.15 17.55 -0.85
C CYS C 299 -19.06 16.83 -1.82
N HIS C 300 -19.86 15.91 -1.32
CA HIS C 300 -20.87 15.25 -2.12
CA HIS C 300 -20.90 15.25 -2.12
C HIS C 300 -21.75 16.24 -2.90
N GLN C 301 -22.28 17.25 -2.22
CA GLN C 301 -23.15 18.26 -2.85
C GLN C 301 -22.44 19.06 -3.93
N SER C 302 -21.17 19.35 -3.67
CA SER C 302 -20.23 20.00 -4.57
C SER C 302 -20.05 19.21 -5.88
N ILE C 303 -19.84 17.91 -5.72
CA ILE C 303 -19.63 16.94 -6.79
C ILE C 303 -20.87 16.76 -7.64
N LEU C 304 -22.04 16.63 -7.02
CA LEU C 304 -23.31 16.56 -7.76
C LEU C 304 -23.50 17.71 -8.72
N LYS C 305 -22.99 18.88 -8.39
CA LYS C 305 -23.13 20.03 -9.30
C LYS C 305 -22.53 19.90 -10.73
N ILE C 306 -21.53 19.05 -10.95
CA ILE C 306 -20.98 18.89 -12.32
C ILE C 306 -21.78 17.86 -13.14
N PHE C 307 -22.85 17.36 -12.56
CA PHE C 307 -23.71 16.38 -13.20
C PHE C 307 -25.11 16.96 -13.44
N ASN C 308 -25.76 16.64 -14.56
CA ASN C 308 -27.16 17.01 -14.79
C ASN C 308 -27.98 15.73 -14.52
N ASN C 309 -28.80 15.72 -13.49
CA ASN C 309 -29.67 14.56 -13.26
C ASN C 309 -31.18 14.89 -13.32
N SER C 310 -31.54 16.02 -13.86
CA SER C 310 -32.95 16.41 -13.71
C SER C 310 -33.86 15.94 -14.85
N HIS C 311 -33.29 15.72 -16.05
CA HIS C 311 -34.11 15.36 -17.18
C HIS C 311 -33.57 14.08 -17.72
N CYS C 312 -34.42 13.12 -17.76
CA CYS C 312 -34.08 11.86 -18.35
C CYS C 312 -35.28 11.47 -19.21
N PRO C 313 -35.12 11.47 -20.53
CA PRO C 313 -36.34 11.09 -21.25
C PRO C 313 -36.54 9.55 -21.36
N TYR C 314 -35.68 8.77 -20.71
CA TYR C 314 -35.81 7.31 -20.73
C TYR C 314 -36.35 6.80 -19.41
N SER C 315 -36.55 5.50 -19.27
CA SER C 315 -37.00 4.98 -17.99
C SER C 315 -36.00 5.25 -16.85
N GLN C 316 -34.73 5.22 -17.16
CA GLN C 316 -33.65 5.59 -16.23
C GLN C 316 -32.43 6.00 -17.04
N CYS C 317 -31.52 6.76 -16.39
CA CYS C 317 -30.35 7.37 -17.07
C CYS C 317 -29.16 7.19 -16.18
N ALA C 318 -28.02 7.39 -16.76
CA ALA C 318 -26.76 7.51 -16.02
C ALA C 318 -26.76 8.96 -15.53
N PHE C 319 -26.40 9.91 -16.40
CA PHE C 319 -26.50 11.34 -16.11
C PHE C 319 -26.36 12.02 -17.43
N ASN C 320 -26.58 13.34 -17.39
CA ASN C 320 -26.47 14.17 -18.60
C ASN C 320 -27.36 13.68 -19.81
N GLY C 321 -28.50 13.04 -19.50
CA GLY C 321 -29.53 12.70 -20.49
C GLY C 321 -29.23 11.33 -21.07
N VAL C 322 -28.15 10.69 -20.66
CA VAL C 322 -27.67 9.46 -21.30
C VAL C 322 -28.43 8.25 -20.75
N PHE C 323 -29.06 7.47 -21.63
CA PHE C 323 -29.72 6.22 -21.25
C PHE C 323 -28.80 5.28 -20.50
N LEU C 324 -29.31 4.56 -19.50
CA LEU C 324 -28.61 3.44 -18.92
C LEU C 324 -29.71 2.39 -18.73
N PRO C 325 -29.50 1.14 -19.10
CA PRO C 325 -30.54 0.14 -18.77
C PRO C 325 -30.70 -0.06 -17.28
N PRO C 326 -31.81 -0.69 -16.83
CA PRO C 326 -31.84 -1.15 -15.45
C PRO C 326 -30.67 -2.13 -15.27
N LEU C 327 -30.05 -2.14 -14.12
CA LEU C 327 -28.88 -2.96 -13.88
C LEU C 327 -29.28 -4.41 -13.81
N GLN C 328 -28.44 -5.24 -14.36
CA GLN C 328 -28.76 -6.64 -14.43
C GLN C 328 -27.49 -7.38 -14.04
N GLY C 329 -27.61 -8.45 -13.24
CA GLY C 329 -26.49 -9.31 -12.81
C GLY C 329 -25.45 -8.74 -11.86
N SER C 330 -24.30 -9.40 -11.75
CA SER C 330 -23.18 -8.86 -10.92
C SER C 330 -22.21 -8.03 -11.76
N PHE C 331 -21.43 -7.20 -11.10
CA PHE C 331 -20.51 -6.28 -11.75
C PHE C 331 -19.10 -6.38 -11.14
N GLY C 332 -18.03 -6.29 -11.98
CA GLY C 332 -16.68 -6.16 -11.49
C GLY C 332 -16.36 -4.69 -11.65
N ALA C 333 -15.87 -4.04 -10.57
CA ALA C 333 -15.39 -2.63 -10.58
C ALA C 333 -13.91 -2.61 -10.41
N PHE C 334 -13.23 -1.98 -11.34
CA PHE C 334 -11.75 -2.09 -11.38
C PHE C 334 -11.02 -0.79 -11.67
N SER C 335 -9.71 -0.83 -11.90
CA SER C 335 -8.97 0.44 -12.04
C SER C 335 -9.15 1.35 -10.81
N ALA C 336 -9.38 2.67 -10.97
CA ALA C 336 -9.46 3.51 -9.78
C ALA C 336 -10.56 3.11 -8.85
N PHE C 337 -11.60 2.48 -9.38
CA PHE C 337 -12.66 1.97 -8.51
C PHE C 337 -12.09 1.06 -7.46
N TYR C 338 -11.27 0.12 -7.87
CA TYR C 338 -10.74 -0.82 -6.94
C TYR C 338 -9.69 -0.21 -5.97
N PHE C 339 -8.80 0.64 -6.48
CA PHE C 339 -7.71 1.12 -5.67
C PHE C 339 -8.23 2.06 -4.62
N VAL C 340 -9.15 2.93 -4.99
CA VAL C 340 -9.80 3.84 -4.06
C VAL C 340 -10.65 3.05 -3.03
N MET C 341 -11.48 2.12 -3.51
CA MET C 341 -12.39 1.41 -2.61
C MET C 341 -11.57 0.54 -1.67
N ASP C 342 -10.53 -0.11 -2.17
CA ASP C 342 -9.71 -0.91 -1.32
C ASP C 342 -9.05 -0.12 -0.17
N PHE C 343 -8.54 1.08 -0.42
CA PHE C 343 -8.03 1.96 0.67
C PHE C 343 -9.06 2.16 1.82
N PHE C 344 -10.28 2.50 1.45
CA PHE C 344 -11.37 2.66 2.37
C PHE C 344 -11.78 1.39 3.07
N LYS C 345 -11.78 0.27 2.37
CA LYS C 345 -12.24 -0.99 2.98
C LYS C 345 -11.23 -1.45 4.02
N LYS C 346 -9.95 -1.12 3.77
CA LYS C 346 -8.87 -1.38 4.72
C LYS C 346 -9.07 -0.66 6.03
N MET C 347 -9.83 0.43 6.02
CA MET C 347 -10.23 1.09 7.26
C MET C 347 -11.21 0.36 8.16
N ALA C 348 -11.92 -0.68 7.72
CA ALA C 348 -12.55 -1.62 8.73
C ALA C 348 -11.85 -2.98 9.05
N SER C 353 -19.09 -4.01 4.42
CA SER C 353 -18.85 -3.20 3.18
C SER C 353 -20.06 -2.55 2.41
N SER C 354 -21.15 -2.36 3.14
CA SER C 354 -22.36 -1.74 2.66
C SER C 354 -22.16 -0.30 2.22
N GLN C 355 -23.12 0.21 1.44
CA GLN C 355 -23.10 1.58 1.04
C GLN C 355 -23.04 2.50 2.30
N GLU C 356 -23.79 2.17 3.33
CA GLU C 356 -23.84 3.04 4.46
C GLU C 356 -22.57 2.98 5.31
N LYS C 357 -22.03 1.79 5.52
CA LYS C 357 -20.74 1.65 6.18
C LYS C 357 -19.67 2.45 5.46
N MET C 358 -19.59 2.29 4.13
CA MET C 358 -18.57 2.99 3.36
C MET C 358 -18.74 4.51 3.37
N THR C 359 -19.98 4.96 3.34
CA THR C 359 -20.28 6.37 3.55
C THR C 359 -19.82 6.88 4.91
N GLU C 360 -20.12 6.15 5.98
CA GLU C 360 -19.62 6.53 7.29
C GLU C 360 -18.05 6.62 7.36
N ILE C 361 -17.39 5.66 6.75
CA ILE C 361 -15.94 5.59 6.75
C ILE C 361 -15.36 6.84 6.05
N THR C 362 -15.91 7.17 4.90
CA THR C 362 -15.43 8.29 4.09
C THR C 362 -15.66 9.60 4.82
N LYS C 363 -16.83 9.72 5.39
CA LYS C 363 -17.17 10.94 6.02
C LYS C 363 -16.22 11.13 7.20
N ASN C 364 -15.97 10.06 7.95
CA ASN C 364 -15.05 10.17 9.06
C ASN C 364 -13.63 10.49 8.59
N PHE C 365 -13.18 9.94 7.51
CA PHE C 365 -11.89 10.26 6.96
C PHE C 365 -11.70 11.70 6.44
N CYS C 366 -12.72 12.25 5.78
CA CYS C 366 -12.65 13.55 5.17
C CYS C 366 -12.44 14.61 6.23
N SER C 367 -12.89 14.32 7.43
CA SER C 367 -12.75 15.22 8.55
C SER C 367 -11.43 15.31 9.22
N LYS C 368 -10.55 14.37 8.93
CA LYS C 368 -9.26 14.28 9.58
C LYS C 368 -8.35 15.36 9.03
N PRO C 369 -7.67 16.12 9.89
CA PRO C 369 -6.78 17.12 9.36
C PRO C 369 -5.64 16.49 8.57
N TRP C 370 -5.11 17.25 7.65
CA TRP C 370 -4.10 16.77 6.71
C TRP C 370 -2.86 16.23 7.35
N GLU C 371 -2.33 16.85 8.41
CA GLU C 371 -1.14 16.31 9.15
C GLU C 371 -1.40 14.97 9.78
N GLU C 372 -2.58 14.83 10.39
CA GLU C 372 -3.05 13.56 10.97
C GLU C 372 -3.18 12.44 9.90
N VAL C 373 -3.71 12.78 8.73
CA VAL C 373 -3.78 11.87 7.58
C VAL C 373 -2.39 11.44 7.09
N LYS C 374 -1.49 12.38 6.85
CA LYS C 374 -0.17 12.00 6.43
C LYS C 374 0.54 11.13 7.49
N ALA C 375 0.38 11.45 8.78
CA ALA C 375 1.06 10.70 9.83
C ALA C 375 0.49 9.29 10.03
N SER C 376 -0.80 9.17 9.76
CA SER C 376 -1.59 7.91 9.80
C SER C 376 -1.27 6.97 8.65
N TYR C 377 -0.97 7.53 7.52
CA TYR C 377 -0.65 6.72 6.37
C TYR C 377 0.70 7.13 5.82
N PRO C 378 1.77 6.90 6.61
CA PRO C 378 3.16 7.36 6.26
C PRO C 378 3.77 6.69 4.96
N THR C 379 3.26 5.54 4.55
CA THR C 379 3.81 4.84 3.42
C THR C 379 3.14 5.23 2.08
N VAL C 380 2.00 5.93 2.09
CA VAL C 380 1.26 6.25 0.83
C VAL C 380 1.82 7.52 0.19
N LYS C 381 2.15 7.50 -1.08
CA LYS C 381 2.50 8.73 -1.79
C LYS C 381 1.47 9.88 -1.57
N GLU C 382 1.96 11.08 -1.26
CA GLU C 382 1.04 12.20 -1.00
C GLU C 382 0.13 12.52 -2.17
N LYS C 383 0.61 12.23 -3.39
CA LYS C 383 -0.16 12.43 -4.62
C LYS C 383 -1.53 11.75 -4.61
N TYR C 384 -1.58 10.54 -4.08
CA TYR C 384 -2.80 9.79 -3.82
C TYR C 384 -3.49 10.16 -2.54
N LEU C 385 -2.73 10.22 -1.43
CA LEU C 385 -3.32 10.40 -0.10
C LEU C 385 -4.15 11.68 -0.07
N SER C 386 -3.58 12.72 -0.68
CA SER C 386 -4.15 14.02 -0.89
CA SER C 386 -4.22 14.00 -0.75
C SER C 386 -5.60 13.96 -1.44
N GLU C 387 -5.84 13.04 -2.40
CA GLU C 387 -7.07 13.02 -3.16
C GLU C 387 -8.10 12.03 -2.64
N TYR C 388 -7.79 11.23 -1.65
CA TYR C 388 -8.67 10.15 -1.26
C TYR C 388 -10.04 10.56 -0.75
N CYS C 389 -10.18 11.62 -0.01
CA CYS C 389 -11.50 12.11 0.35
C CYS C 389 -12.34 12.50 -0.86
N PHE C 390 -11.80 13.33 -1.76
CA PHE C 390 -12.44 13.59 -3.03
C PHE C 390 -12.76 12.32 -3.81
N SER C 391 -11.82 11.43 -3.97
CA SER C 391 -11.99 10.26 -4.84
C SER C 391 -13.00 9.29 -4.31
N GLY C 392 -13.02 9.09 -2.99
CA GLY C 392 -13.94 8.22 -2.36
C GLY C 392 -15.34 8.81 -2.47
N THR C 393 -15.50 10.09 -2.18
CA THR C 393 -16.78 10.70 -2.31
C THR C 393 -17.24 10.69 -3.77
N TYR C 394 -16.34 10.98 -4.70
CA TYR C 394 -16.60 10.93 -6.15
C TYR C 394 -17.11 9.56 -6.63
N ILE C 395 -16.47 8.46 -6.19
CA ILE C 395 -16.80 7.09 -6.54
C ILE C 395 -18.16 6.69 -5.96
N LEU C 396 -18.44 7.07 -4.73
CA LEU C 396 -19.76 6.73 -4.13
C LEU C 396 -20.87 7.46 -4.93
N SER C 397 -20.66 8.74 -5.28
CA SER C 397 -21.64 9.45 -6.11
C SER C 397 -21.86 8.86 -7.48
N LEU C 398 -20.77 8.57 -8.16
CA LEU C 398 -20.81 8.00 -9.48
C LEU C 398 -21.54 6.66 -9.51
N LEU C 399 -21.20 5.78 -8.63
CA LEU C 399 -21.89 4.48 -8.49
C LEU C 399 -23.36 4.61 -8.12
N LEU C 400 -23.70 5.49 -7.18
CA LEU C 400 -25.04 5.53 -6.61
C LEU C 400 -26.00 6.40 -7.44
N GLN C 401 -25.65 7.67 -7.63
CA GLN C 401 -26.42 8.65 -8.42
C GLN C 401 -26.24 8.46 -9.90
N GLY C 402 -25.03 8.13 -10.34
CA GLY C 402 -24.71 7.97 -11.81
C GLY C 402 -25.15 6.60 -12.34
N TYR C 403 -24.55 5.57 -11.82
CA TYR C 403 -24.77 4.22 -12.37
C TYR C 403 -25.93 3.51 -11.65
N ASN C 404 -26.58 4.16 -10.69
CA ASN C 404 -27.80 3.66 -10.08
C ASN C 404 -27.70 2.42 -9.18
N PHE C 405 -26.52 2.21 -8.57
CA PHE C 405 -26.32 1.06 -7.69
C PHE C 405 -26.89 1.32 -6.27
N THR C 406 -28.11 1.86 -6.21
CA THR C 406 -28.83 2.09 -5.00
C THR C 406 -29.50 0.81 -4.47
N GLY C 407 -29.85 0.79 -3.20
CA GLY C 407 -30.55 -0.31 -2.59
C GLY C 407 -29.79 -1.60 -2.67
N THR C 408 -30.47 -2.67 -2.99
CA THR C 408 -29.84 -3.96 -3.02
C THR C 408 -28.86 -4.02 -4.20
N SER C 409 -28.93 -3.12 -5.15
CA SER C 409 -27.99 -3.19 -6.27
C SER C 409 -26.55 -3.03 -5.83
N TRP C 410 -26.32 -2.30 -4.76
CA TRP C 410 -24.97 -2.10 -4.28
C TRP C 410 -24.18 -3.39 -4.07
N ASP C 411 -24.80 -4.43 -3.56
CA ASP C 411 -24.11 -5.66 -3.22
C ASP C 411 -23.72 -6.56 -4.43
N GLN C 412 -24.13 -6.14 -5.63
CA GLN C 412 -23.80 -6.75 -6.94
C GLN C 412 -22.44 -6.26 -7.48
N ILE C 413 -21.85 -5.22 -6.88
CA ILE C 413 -20.50 -4.69 -7.18
C ILE C 413 -19.40 -5.47 -6.40
N HIS C 414 -18.48 -6.05 -7.18
CA HIS C 414 -17.33 -6.73 -6.75
C HIS C 414 -16.16 -5.94 -7.15
N PHE C 415 -15.45 -5.43 -6.16
CA PHE C 415 -14.26 -4.61 -6.48
C PHE C 415 -13.10 -5.58 -6.75
N MET C 416 -12.43 -5.44 -7.90
CA MET C 416 -11.43 -6.42 -8.37
C MET C 416 -10.17 -5.71 -8.84
N GLY C 417 -9.03 -6.22 -8.41
CA GLY C 417 -7.79 -5.76 -8.96
C GLY C 417 -7.30 -6.67 -10.06
N LYS C 418 -6.96 -7.88 -9.64
CA LYS C 418 -6.44 -8.96 -10.47
C LYS C 418 -7.38 -10.16 -10.38
N ILE C 419 -7.58 -10.85 -11.49
CA ILE C 419 -8.25 -12.13 -11.41
C ILE C 419 -7.18 -13.02 -11.92
N LYS C 420 -6.96 -14.12 -11.21
CA LYS C 420 -5.86 -15.09 -11.40
C LYS C 420 -4.58 -14.39 -11.80
N ASP C 421 -4.09 -13.47 -10.98
CA ASP C 421 -2.82 -12.83 -11.29
C ASP C 421 -2.80 -12.02 -12.59
N SER C 422 -3.93 -11.74 -13.21
CA SER C 422 -3.96 -10.76 -14.31
C SER C 422 -4.83 -9.59 -13.95
N ASN C 423 -4.34 -8.42 -14.27
CA ASN C 423 -5.14 -7.22 -14.07
C ASN C 423 -6.44 -7.13 -14.79
N ALA C 424 -7.46 -6.66 -14.06
CA ALA C 424 -8.74 -6.39 -14.62
C ALA C 424 -8.54 -5.05 -15.30
N GLY C 425 -8.92 -4.98 -16.56
CA GLY C 425 -8.79 -3.81 -17.40
C GLY C 425 -9.10 -4.19 -18.82
N TRP C 426 -8.79 -3.30 -19.76
CA TRP C 426 -9.13 -3.55 -21.14
C TRP C 426 -7.99 -4.13 -21.93
N THR C 427 -6.78 -4.22 -21.36
CA THR C 427 -5.63 -4.62 -22.18
C THR C 427 -5.70 -6.07 -22.53
N LEU C 428 -6.24 -6.91 -21.67
CA LEU C 428 -6.18 -8.31 -22.02
C LEU C 428 -7.07 -8.58 -23.19
N GLY C 429 -8.33 -8.14 -23.11
CA GLY C 429 -9.39 -8.36 -24.18
C GLY C 429 -8.91 -7.81 -25.52
N TYR C 430 -8.27 -6.64 -25.51
CA TYR C 430 -7.68 -6.01 -26.70
C TYR C 430 -6.72 -6.96 -27.34
N MET C 431 -5.85 -7.51 -26.50
CA MET C 431 -4.97 -8.53 -26.98
C MET C 431 -5.61 -9.86 -27.44
N LEU C 432 -6.64 -10.35 -26.76
CA LEU C 432 -7.28 -11.54 -27.22
C LEU C 432 -7.83 -11.28 -28.62
N ASN C 433 -8.35 -10.10 -28.85
CA ASN C 433 -9.03 -9.83 -30.11
C ASN C 433 -8.04 -9.58 -31.26
N LEU C 434 -7.01 -8.80 -30.96
CA LEU C 434 -6.05 -8.49 -32.01
C LEU C 434 -5.20 -9.69 -32.39
N THR C 435 -5.13 -10.72 -31.55
CA THR C 435 -4.40 -11.93 -31.92
C THR C 435 -5.33 -13.01 -32.45
N ASN C 436 -6.59 -12.67 -32.62
CA ASN C 436 -7.63 -13.55 -33.20
C ASN C 436 -7.87 -14.81 -32.42
N MET C 437 -7.93 -14.60 -31.11
CA MET C 437 -8.11 -15.62 -30.11
C MET C 437 -9.55 -15.71 -29.55
N ILE C 438 -10.42 -14.78 -29.94
CA ILE C 438 -11.84 -14.91 -29.57
C ILE C 438 -12.62 -15.38 -30.80
N PRO C 439 -13.25 -16.60 -30.71
CA PRO C 439 -14.05 -17.33 -31.75
C PRO C 439 -15.60 -17.13 -31.69
N ALA C 440 -16.35 -17.87 -32.52
CA ALA C 440 -17.82 -17.99 -32.44
C ALA C 440 -18.37 -19.16 -33.33
N ASN D 32 -22.56 -2.29 -70.99
CA ASN D 32 -22.83 -3.56 -70.20
C ASN D 32 -23.21 -3.47 -68.66
N VAL D 33 -24.50 -3.43 -68.42
CA VAL D 33 -25.11 -2.84 -67.26
C VAL D 33 -25.36 -3.86 -66.15
N LYS D 34 -25.21 -3.42 -64.89
CA LYS D 34 -25.62 -4.14 -63.70
C LYS D 34 -26.69 -3.36 -62.97
N TYR D 35 -27.53 -4.07 -62.23
CA TYR D 35 -28.65 -3.48 -61.54
C TYR D 35 -28.59 -3.93 -60.12
N GLY D 36 -29.19 -3.17 -59.24
CA GLY D 36 -29.28 -3.49 -57.86
C GLY D 36 -30.56 -2.84 -57.31
N ILE D 37 -31.23 -3.46 -56.34
CA ILE D 37 -32.48 -2.93 -55.80
C ILE D 37 -32.29 -2.82 -54.27
N VAL D 38 -32.69 -1.69 -53.70
CA VAL D 38 -32.68 -1.45 -52.25
C VAL D 38 -34.08 -0.99 -51.91
N LEU D 39 -34.70 -1.59 -50.90
CA LEU D 39 -35.98 -1.07 -50.39
C LEU D 39 -35.59 -0.37 -49.11
N ASP D 40 -36.06 0.89 -48.99
CA ASP D 40 -35.99 1.68 -47.76
C ASP D 40 -37.30 1.45 -47.00
N ALA D 41 -37.23 0.64 -45.93
CA ALA D 41 -38.41 0.35 -45.13
C ALA D 41 -38.49 1.30 -43.94
N GLY D 42 -39.14 2.46 -44.20
CA GLY D 42 -39.35 3.49 -43.24
C GLY D 42 -40.67 3.42 -42.55
N SER D 43 -40.87 4.21 -41.49
CA SER D 43 -42.09 4.12 -40.72
C SER D 43 -43.33 4.58 -41.43
N SER D 44 -43.23 5.60 -42.25
CA SER D 44 -44.31 6.11 -43.09
C SER D 44 -44.56 5.36 -44.37
N HIS D 45 -43.49 4.89 -45.00
CA HIS D 45 -43.55 4.27 -46.31
CA HIS D 45 -43.52 4.35 -46.37
C HIS D 45 -42.37 3.39 -46.58
N THR D 46 -42.59 2.37 -47.40
CA THR D 46 -41.56 1.58 -47.94
C THR D 46 -41.31 2.16 -49.37
N ASN D 47 -40.06 2.55 -49.65
CA ASN D 47 -39.72 2.99 -51.00
C ASN D 47 -38.71 2.04 -51.61
N LEU D 48 -38.97 1.59 -52.81
CA LEU D 48 -38.04 0.75 -53.53
C LEU D 48 -37.21 1.56 -54.59
N TYR D 49 -35.91 1.33 -54.65
CA TYR D 49 -35.04 1.96 -55.63
C TYR D 49 -34.34 0.94 -56.48
N ILE D 50 -34.30 1.16 -57.77
CA ILE D 50 -33.48 0.36 -58.67
C ILE D 50 -32.33 1.26 -59.10
N TYR D 51 -31.09 0.77 -58.94
CA TYR D 51 -29.88 1.46 -59.39
C TYR D 51 -29.28 0.72 -60.57
N LYS D 52 -28.53 1.43 -61.40
CA LYS D 52 -27.83 0.73 -62.43
C LYS D 52 -26.51 1.39 -62.67
N TRP D 53 -25.56 0.59 -63.13
CA TRP D 53 -24.22 1.06 -63.39
C TRP D 53 -23.48 0.21 -64.40
N PRO D 54 -22.46 0.82 -65.01
CA PRO D 54 -21.72 0.03 -65.97
C PRO D 54 -20.93 -1.06 -65.26
N ALA D 55 -20.94 -2.28 -65.81
CA ALA D 55 -20.20 -3.40 -65.20
C ALA D 55 -18.70 -3.11 -64.85
N VAL D 63 -19.96 4.69 -62.61
CA VAL D 63 -20.89 5.52 -61.82
C VAL D 63 -22.35 5.06 -61.76
N VAL D 64 -22.87 5.02 -60.52
CA VAL D 64 -24.18 4.47 -60.22
C VAL D 64 -25.27 5.53 -60.30
N GLN D 65 -26.35 5.17 -60.95
CA GLN D 65 -27.44 6.08 -61.11
C GLN D 65 -28.76 5.44 -60.64
N GLN D 66 -29.72 6.21 -60.12
CA GLN D 66 -31.07 5.67 -59.90
C GLN D 66 -31.72 5.41 -61.23
N LEU D 67 -32.26 4.21 -61.42
CA LEU D 67 -33.01 3.86 -62.63
C LEU D 67 -34.52 4.26 -62.43
N GLU D 68 -35.08 3.91 -61.26
CA GLU D 68 -36.48 4.15 -60.96
C GLU D 68 -36.71 3.99 -59.49
N GLU D 69 -37.65 4.76 -58.96
CA GLU D 69 -38.17 4.59 -57.62
C GLU D 69 -39.69 4.21 -57.69
N CYS D 70 -40.12 3.39 -56.72
CA CYS D 70 -41.53 3.07 -56.50
C CYS D 70 -41.85 3.27 -55.01
N GLN D 71 -42.90 4.00 -54.68
CA GLN D 71 -43.35 4.09 -53.30
C GLN D 71 -44.47 3.07 -53.09
N VAL D 72 -44.26 2.12 -52.18
CA VAL D 72 -45.33 1.19 -51.80
C VAL D 72 -46.52 1.98 -51.21
N LYS D 73 -47.73 1.64 -51.66
CA LYS D 73 -48.97 2.17 -51.11
C LYS D 73 -49.15 1.61 -49.69
N GLY D 74 -49.49 2.44 -48.73
CA GLY D 74 -49.62 2.04 -47.38
C GLY D 74 -48.66 2.59 -46.40
N PRO D 75 -48.80 2.16 -45.16
CA PRO D 75 -47.89 2.51 -44.11
C PRO D 75 -46.56 1.71 -44.18
N GLY D 76 -45.66 1.90 -43.22
CA GLY D 76 -44.44 1.17 -43.16
C GLY D 76 -44.65 -0.26 -42.68
N ILE D 77 -43.63 -1.12 -42.82
CA ILE D 77 -43.79 -2.56 -42.54
C ILE D 77 -44.12 -2.88 -41.08
N SER D 78 -43.72 -2.03 -40.16
CA SER D 78 -44.02 -2.28 -38.77
C SER D 78 -45.47 -2.22 -38.49
N LYS D 79 -46.28 -1.55 -39.32
CA LYS D 79 -47.71 -1.51 -39.09
CA LYS D 79 -47.72 -1.51 -39.11
C LYS D 79 -48.38 -2.88 -39.40
N TYR D 80 -47.60 -3.81 -39.93
CA TYR D 80 -48.07 -5.13 -40.34
C TYR D 80 -47.71 -6.17 -39.30
N ALA D 81 -47.31 -5.74 -38.11
CA ALA D 81 -46.88 -6.68 -37.04
C ALA D 81 -47.91 -7.78 -36.73
N GLN D 82 -49.20 -7.44 -36.76
CA GLN D 82 -50.20 -8.44 -36.51
C GLN D 82 -50.89 -8.95 -37.73
N LYS D 83 -50.36 -8.71 -38.93
CA LYS D 83 -51.02 -9.15 -40.18
C LYS D 83 -49.97 -9.40 -41.19
N THR D 84 -49.01 -10.23 -40.81
CA THR D 84 -47.84 -10.41 -41.64
C THR D 84 -48.20 -11.16 -42.89
N ASP D 85 -49.35 -11.85 -42.85
CA ASP D 85 -50.02 -12.48 -43.99
C ASP D 85 -50.29 -11.54 -45.17
N GLU D 86 -50.43 -10.25 -44.85
CA GLU D 86 -50.69 -9.21 -45.84
C GLU D 86 -49.49 -8.54 -46.48
N ILE D 87 -48.26 -8.81 -46.05
CA ILE D 87 -47.03 -8.15 -46.52
C ILE D 87 -46.75 -8.46 -47.97
N ALA D 88 -47.01 -9.68 -48.36
CA ALA D 88 -46.69 -10.09 -49.70
C ALA D 88 -47.51 -9.25 -50.71
N ALA D 89 -48.82 -9.14 -50.44
CA ALA D 89 -49.73 -8.38 -51.32
C ALA D 89 -49.30 -6.85 -51.29
N TYR D 90 -48.81 -6.41 -50.17
CA TYR D 90 -48.41 -5.02 -50.00
C TYR D 90 -47.15 -4.70 -50.83
N LEU D 91 -46.17 -5.59 -50.91
CA LEU D 91 -44.98 -5.39 -51.65
C LEU D 91 -45.16 -5.63 -53.13
N ALA D 92 -46.29 -6.21 -53.53
CA ALA D 92 -46.43 -6.76 -54.89
C ALA D 92 -46.31 -5.72 -56.04
N GLU D 93 -46.93 -4.56 -55.95
CA GLU D 93 -46.91 -3.65 -57.11
C GLU D 93 -45.46 -3.21 -57.40
N CYS D 94 -44.73 -2.77 -56.39
CA CYS D 94 -43.32 -2.30 -56.62
C CYS D 94 -42.38 -3.41 -57.01
N MET D 95 -42.53 -4.60 -56.45
CA MET D 95 -41.68 -5.71 -56.93
C MET D 95 -42.02 -6.13 -58.36
N LYS D 96 -43.31 -6.20 -58.70
CA LYS D 96 -43.70 -6.50 -60.10
C LYS D 96 -43.15 -5.40 -61.07
N MET D 97 -43.19 -4.12 -60.65
CA MET D 97 -42.61 -3.04 -61.46
CA MET D 97 -42.62 -3.06 -61.48
C MET D 97 -41.16 -3.38 -61.81
N SER D 98 -40.39 -3.81 -60.79
CA SER D 98 -38.97 -4.17 -60.93
C SER D 98 -38.80 -5.27 -61.92
N THR D 99 -39.67 -6.27 -61.88
CA THR D 99 -39.55 -7.38 -62.85
C THR D 99 -39.90 -6.92 -64.26
N GLU D 100 -40.68 -5.82 -64.42
CA GLU D 100 -40.97 -5.35 -65.80
C GLU D 100 -39.91 -4.34 -66.30
N ARG D 101 -39.17 -3.74 -65.38
CA ARG D 101 -38.19 -2.69 -65.64
CA ARG D 101 -38.21 -2.71 -65.73
C ARG D 101 -36.79 -3.24 -65.94
N ILE D 102 -36.38 -4.27 -65.19
CA ILE D 102 -35.06 -4.85 -65.40
C ILE D 102 -35.15 -6.01 -66.40
N PRO D 103 -34.23 -6.06 -67.41
CA PRO D 103 -34.31 -7.18 -68.38
C PRO D 103 -34.28 -8.57 -67.74
N ALA D 104 -35.16 -9.45 -68.22
CA ALA D 104 -35.39 -10.79 -67.60
C ALA D 104 -34.02 -11.48 -67.38
N SER D 105 -33.12 -11.32 -68.36
CA SER D 105 -31.84 -11.98 -68.37
C SER D 105 -30.85 -11.45 -67.37
N LYS D 106 -31.14 -10.32 -66.74
CA LYS D 106 -30.30 -9.75 -65.72
C LYS D 106 -30.87 -9.90 -64.34
N GLN D 107 -32.06 -10.47 -64.21
CA GLN D 107 -32.74 -10.44 -62.89
C GLN D 107 -32.09 -11.34 -61.87
N HIS D 108 -31.66 -12.54 -62.26
CA HIS D 108 -31.19 -13.52 -61.29
CA HIS D 108 -31.20 -13.53 -61.28
C HIS D 108 -29.92 -13.06 -60.66
N GLN D 109 -29.13 -12.24 -61.41
CA GLN D 109 -27.91 -11.66 -60.86
C GLN D 109 -28.03 -10.30 -60.21
N THR D 110 -29.22 -9.77 -60.13
CA THR D 110 -29.46 -8.51 -59.51
C THR D 110 -29.72 -8.67 -58.03
N PRO D 111 -28.92 -8.03 -57.17
CA PRO D 111 -29.20 -8.17 -55.73
C PRO D 111 -30.40 -7.38 -55.25
N VAL D 112 -31.16 -7.90 -54.28
CA VAL D 112 -32.17 -7.14 -53.57
C VAL D 112 -31.82 -7.07 -52.11
N TYR D 113 -31.78 -5.85 -51.58
CA TYR D 113 -31.61 -5.61 -50.13
C TYR D 113 -32.75 -4.82 -49.60
N LEU D 114 -33.15 -5.14 -48.38
CA LEU D 114 -34.11 -4.28 -47.65
C LEU D 114 -33.39 -3.81 -46.36
N GLY D 115 -33.43 -2.51 -46.09
CA GLY D 115 -32.95 -1.95 -44.85
C GLY D 115 -34.12 -1.20 -44.24
N ALA D 116 -34.41 -1.55 -43.01
CA ALA D 116 -35.47 -0.96 -42.26
C ALA D 116 -34.85 0.01 -41.19
N THR D 117 -35.63 1.06 -40.84
CA THR D 117 -35.10 2.17 -40.08
C THR D 117 -35.89 2.32 -38.80
N ALA D 118 -36.18 3.56 -38.39
CA ALA D 118 -36.59 3.81 -37.03
C ALA D 118 -37.93 3.15 -36.67
N GLY D 119 -38.87 3.03 -37.60
CA GLY D 119 -40.16 2.39 -37.26
C GLY D 119 -40.03 0.95 -36.77
N MET D 120 -39.15 0.21 -37.43
CA MET D 120 -38.74 -1.10 -37.06
C MET D 120 -37.86 -1.16 -35.81
N ARG D 121 -37.07 -0.11 -35.52
CA ARG D 121 -36.34 0.00 -34.28
C ARG D 121 -37.37 0.06 -33.16
N LEU D 122 -38.41 0.85 -33.32
CA LEU D 122 -39.44 0.96 -32.26
C LEU D 122 -40.28 -0.34 -32.10
N LEU D 123 -40.68 -0.96 -33.22
CA LEU D 123 -41.28 -2.30 -33.17
C LEU D 123 -40.41 -3.31 -32.39
N ARG D 124 -39.14 -3.42 -32.81
CA ARG D 124 -38.14 -4.27 -32.11
C ARG D 124 -38.03 -3.98 -30.63
N MET D 125 -37.93 -2.71 -30.27
CA MET D 125 -38.01 -2.27 -28.87
C MET D 125 -39.27 -2.81 -28.12
N GLU D 126 -40.45 -2.79 -28.78
CA GLU D 126 -41.68 -3.30 -28.20
C GLU D 126 -41.69 -4.82 -28.10
N SER D 127 -41.18 -5.48 -29.15
CA SER D 127 -41.19 -6.93 -29.23
C SER D 127 -40.23 -7.44 -30.26
N LYS D 128 -39.14 -8.01 -29.81
CA LYS D 128 -38.18 -8.61 -30.69
C LYS D 128 -38.83 -9.63 -31.59
N GLN D 129 -39.76 -10.41 -31.03
CA GLN D 129 -40.38 -11.44 -31.78
C GLN D 129 -41.28 -10.91 -32.89
N SER D 130 -42.06 -9.86 -32.64
CA SER D 130 -42.80 -9.23 -33.72
C SER D 130 -41.92 -8.68 -34.80
N ALA D 131 -40.85 -8.03 -34.43
CA ALA D 131 -39.96 -7.46 -35.46
C ALA D 131 -39.43 -8.60 -36.28
N ASP D 132 -39.05 -9.66 -35.60
CA ASP D 132 -38.56 -10.82 -36.33
C ASP D 132 -39.56 -11.43 -37.29
N GLU D 133 -40.83 -11.54 -36.90
CA GLU D 133 -41.90 -12.07 -37.77
C GLU D 133 -42.12 -11.18 -38.96
N VAL D 134 -42.07 -9.87 -38.75
CA VAL D 134 -42.21 -8.91 -39.84
C VAL D 134 -41.08 -9.12 -40.82
N LEU D 135 -39.84 -9.13 -40.32
CA LEU D 135 -38.65 -9.31 -41.18
C LEU D 135 -38.66 -10.68 -41.89
N ALA D 136 -39.12 -11.74 -41.22
CA ALA D 136 -39.27 -13.03 -41.88
C ALA D 136 -40.32 -12.97 -43.01
N ALA D 137 -41.46 -12.33 -42.77
CA ALA D 137 -42.49 -12.27 -43.79
C ALA D 137 -42.03 -11.43 -44.97
N VAL D 138 -41.37 -10.28 -44.71
CA VAL D 138 -40.79 -9.46 -45.75
C VAL D 138 -39.81 -10.29 -46.55
N SER D 139 -38.93 -11.05 -45.89
CA SER D 139 -37.91 -11.83 -46.56
C SER D 139 -38.53 -12.92 -47.41
N ARG D 140 -39.57 -13.61 -46.86
CA ARG D 140 -40.30 -14.61 -47.63
C ARG D 140 -40.88 -14.05 -48.95
N SER D 141 -41.47 -12.87 -48.85
CA SER D 141 -42.04 -12.17 -49.99
CA SER D 141 -42.02 -12.17 -50.01
C SER D 141 -40.96 -11.81 -51.02
N LEU D 142 -39.87 -11.20 -50.56
CA LEU D 142 -38.86 -10.69 -51.49
C LEU D 142 -38.18 -11.81 -52.13
N LYS D 143 -37.97 -12.89 -51.39
CA LYS D 143 -37.32 -14.08 -51.91
C LYS D 143 -38.12 -14.70 -53.03
N SER D 144 -39.42 -14.49 -53.07
CA SER D 144 -40.17 -15.21 -54.06
C SER D 144 -40.01 -14.60 -55.46
N TYR D 145 -39.47 -13.39 -55.55
CA TYR D 145 -39.22 -12.69 -56.84
C TYR D 145 -38.00 -13.25 -57.51
N PRO D 146 -37.83 -13.03 -58.84
CA PRO D 146 -36.69 -13.67 -59.52
C PRO D 146 -35.35 -12.99 -59.39
N PHE D 147 -35.14 -12.21 -58.35
CA PHE D 147 -33.87 -11.56 -58.10
C PHE D 147 -32.99 -12.33 -57.12
N ASP D 148 -31.75 -11.86 -56.94
CA ASP D 148 -30.83 -12.40 -55.94
C ASP D 148 -31.03 -11.74 -54.55
N PHE D 149 -31.93 -12.28 -53.71
CA PHE D 149 -32.23 -11.69 -52.41
C PHE D 149 -31.06 -11.79 -51.46
N GLN D 150 -30.68 -10.65 -50.87
CA GLN D 150 -29.48 -10.55 -50.08
C GLN D 150 -29.84 -10.12 -48.67
N GLY D 151 -31.11 -10.19 -48.32
CA GLY D 151 -31.49 -10.04 -46.90
C GLY D 151 -32.26 -8.76 -46.54
N ALA D 152 -32.97 -8.82 -45.42
CA ALA D 152 -33.67 -7.70 -44.88
C ALA D 152 -33.11 -7.50 -43.49
N LYS D 153 -32.78 -6.25 -43.13
CA LYS D 153 -32.25 -5.99 -41.81
C LYS D 153 -32.63 -4.65 -41.34
N ILE D 154 -32.68 -4.52 -40.02
CA ILE D 154 -32.80 -3.17 -39.47
C ILE D 154 -31.38 -2.56 -39.45
N ILE D 155 -31.16 -1.47 -40.19
CA ILE D 155 -29.90 -0.75 -40.09
C ILE D 155 -29.90 0.19 -38.84
N THR D 156 -28.71 0.49 -38.39
CA THR D 156 -28.51 1.35 -37.26
C THR D 156 -28.75 2.82 -37.61
N GLY D 157 -29.04 3.64 -36.62
CA GLY D 157 -29.20 5.07 -36.81
C GLY D 157 -27.91 5.71 -37.35
N GLN D 158 -26.72 5.27 -36.92
CA GLN D 158 -25.51 5.80 -37.44
C GLN D 158 -25.25 5.40 -38.85
N GLU D 159 -25.55 4.17 -39.21
CA GLU D 159 -25.48 3.77 -40.62
C GLU D 159 -26.40 4.59 -41.50
N GLU D 160 -27.65 4.69 -41.08
CA GLU D 160 -28.65 5.50 -41.77
C GLU D 160 -28.13 6.93 -42.08
N GLY D 161 -27.61 7.58 -41.06
CA GLY D 161 -27.04 8.95 -41.23
C GLY D 161 -25.83 8.99 -42.16
N ALA D 162 -24.89 8.06 -41.93
CA ALA D 162 -23.67 8.06 -42.67
C ALA D 162 -23.94 7.81 -44.11
N TYR D 163 -24.80 6.83 -44.41
CA TYR D 163 -25.10 6.49 -45.82
C TYR D 163 -25.74 7.58 -46.58
N GLY D 164 -26.58 8.36 -45.88
CA GLY D 164 -27.19 9.59 -46.45
C GLY D 164 -26.14 10.62 -46.79
N TRP D 165 -25.12 10.74 -45.95
CA TRP D 165 -24.06 11.66 -46.19
C TRP D 165 -23.21 11.20 -47.33
N ILE D 166 -22.98 9.91 -47.44
CA ILE D 166 -22.29 9.40 -48.59
C ILE D 166 -23.07 9.67 -49.87
N THR D 167 -24.37 9.36 -49.88
CA THR D 167 -25.24 9.63 -51.07
C THR D 167 -25.09 11.02 -51.68
N ILE D 168 -25.30 12.05 -50.89
CA ILE D 168 -25.37 13.37 -51.38
C ILE D 168 -24.03 13.86 -51.84
N ASN D 169 -22.97 13.50 -51.11
CA ASN D 169 -21.60 13.81 -51.47
C ASN D 169 -21.20 13.04 -52.68
N TYR D 170 -21.61 11.77 -52.77
CA TYR D 170 -21.40 11.03 -54.03
C TYR D 170 -22.11 11.73 -55.24
N LEU D 171 -23.37 12.05 -55.15
CA LEU D 171 -24.10 12.63 -56.27
C LEU D 171 -23.61 14.05 -56.59
N LEU D 172 -23.15 14.78 -55.59
CA LEU D 172 -22.57 16.11 -55.83
C LEU D 172 -21.10 16.05 -56.28
N GLY D 173 -20.54 14.85 -56.37
CA GLY D 173 -19.17 14.70 -56.90
C GLY D 173 -18.10 15.13 -55.94
N ARG D 174 -18.47 15.29 -54.66
CA ARG D 174 -17.55 15.92 -53.67
C ARG D 174 -16.40 15.03 -53.21
N PHE D 175 -16.53 13.71 -53.39
CA PHE D 175 -15.41 12.84 -53.09
C PHE D 175 -14.36 12.81 -54.24
N LYS D 176 -14.68 13.08 -55.50
CA LYS D 176 -13.64 12.89 -56.57
C LYS D 176 -12.64 14.04 -56.87
N GLY D 180 -12.50 18.75 -54.11
CA GLY D 180 -13.77 19.25 -53.54
C GLY D 180 -13.74 19.44 -52.01
N SER D 181 -14.92 19.32 -51.38
CA SER D 181 -15.14 19.25 -49.90
C SER D 181 -16.65 19.10 -49.61
N THR D 182 -17.06 18.62 -48.42
CA THR D 182 -18.38 17.93 -48.33
C THR D 182 -19.65 18.68 -47.82
N PHE D 183 -20.83 18.29 -48.24
CA PHE D 183 -22.07 18.75 -47.65
C PHE D 183 -22.44 17.88 -46.43
N GLY D 184 -23.02 18.51 -45.44
CA GLY D 184 -23.70 17.80 -44.37
C GLY D 184 -25.06 17.29 -44.86
N ALA D 185 -25.61 16.32 -44.12
CA ALA D 185 -26.87 15.65 -44.48
C ALA D 185 -27.86 15.80 -43.33
N LEU D 186 -29.02 16.33 -43.62
CA LEU D 186 -30.13 16.43 -42.69
C LEU D 186 -31.31 15.59 -43.16
N ASP D 187 -31.74 14.63 -42.37
CA ASP D 187 -32.75 13.64 -42.76
C ASP D 187 -33.90 13.60 -41.72
N LEU D 188 -35.13 13.62 -42.20
CA LEU D 188 -36.28 13.57 -41.34
C LEU D 188 -37.28 12.51 -41.90
N GLY D 189 -37.76 11.58 -41.05
CA GLY D 189 -38.80 10.69 -41.49
C GLY D 189 -39.91 10.79 -40.45
N GLY D 190 -40.77 9.78 -40.37
CA GLY D 190 -41.85 9.75 -39.39
C GLY D 190 -41.38 9.46 -37.99
N ALA D 191 -40.32 8.66 -37.84
CA ALA D 191 -39.90 8.15 -36.53
C ALA D 191 -38.52 8.66 -36.01
N SER D 192 -37.58 9.07 -36.90
CA SER D 192 -36.32 9.59 -36.46
C SER D 192 -35.90 10.73 -37.36
N THR D 193 -34.90 11.42 -36.86
CA THR D 193 -34.15 12.44 -37.60
C THR D 193 -32.64 12.27 -37.42
N GLN D 194 -31.85 12.48 -38.48
CA GLN D 194 -30.38 12.36 -38.49
C GLN D 194 -29.78 13.72 -38.97
N ILE D 195 -28.62 14.02 -38.36
CA ILE D 195 -27.71 15.12 -38.80
C ILE D 195 -26.32 14.49 -38.88
N THR D 196 -25.68 14.66 -40.05
CA THR D 196 -24.36 14.09 -40.32
C THR D 196 -23.48 15.13 -41.02
N PHE D 197 -22.30 15.45 -40.50
CA PHE D 197 -21.35 16.31 -41.24
C PHE D 197 -19.95 16.17 -40.70
N VAL D 198 -19.00 16.75 -41.41
CA VAL D 198 -17.64 16.75 -40.97
C VAL D 198 -17.47 17.99 -40.08
N PRO D 199 -17.18 17.79 -38.79
CA PRO D 199 -16.87 18.96 -37.96
C PRO D 199 -15.49 19.58 -38.28
N LEU D 200 -15.35 20.90 -38.10
CA LEU D 200 -14.01 21.53 -38.10
C LEU D 200 -13.19 20.89 -37.00
N ASN D 201 -11.93 20.58 -37.27
CA ASN D 201 -11.20 19.90 -36.19
C ASN D 201 -10.91 20.85 -35.01
N SER D 202 -10.77 20.25 -33.81
CA SER D 202 -10.80 20.99 -32.54
C SER D 202 -12.22 21.36 -32.01
N THR D 203 -13.28 20.97 -32.72
CA THR D 203 -14.58 21.37 -32.23
C THR D 203 -15.37 20.16 -31.75
N LEU D 204 -14.82 18.97 -31.96
CA LEU D 204 -15.54 17.74 -31.60
C LEU D 204 -15.28 17.33 -30.15
N GLU D 205 -16.06 17.92 -29.25
CA GLU D 205 -15.92 17.70 -27.83
C GLU D 205 -16.47 16.33 -27.43
N ALA D 206 -17.23 15.65 -28.29
CA ALA D 206 -17.72 14.31 -27.94
C ALA D 206 -17.28 13.33 -29.00
N PRO D 207 -16.04 12.83 -28.95
CA PRO D 207 -15.61 11.85 -29.97
C PRO D 207 -16.50 10.59 -30.13
N GLU D 208 -17.32 10.26 -29.14
CA GLU D 208 -18.21 9.11 -29.24
C GLU D 208 -19.33 9.23 -30.36
N THR D 209 -19.63 10.45 -30.77
CA THR D 209 -20.61 10.79 -31.78
C THR D 209 -19.98 10.77 -33.17
N SER D 210 -18.71 10.44 -33.30
CA SER D 210 -18.07 10.47 -34.60
C SER D 210 -17.70 9.10 -35.12
N LEU D 211 -17.47 9.01 -36.43
CA LEU D 211 -16.98 7.81 -37.12
C LEU D 211 -15.89 8.17 -38.08
N GLN D 212 -15.08 7.19 -38.42
CA GLN D 212 -13.98 7.30 -39.40
C GLN D 212 -14.21 6.70 -40.77
N PHE D 213 -13.97 7.45 -41.83
CA PHE D 213 -14.08 6.90 -43.20
C PHE D 213 -12.83 7.22 -43.96
N ARG D 214 -12.45 6.33 -44.87
CA ARG D 214 -11.48 6.62 -45.90
C ARG D 214 -12.25 6.39 -47.18
N LEU D 215 -12.38 7.41 -48.01
CA LEU D 215 -13.18 7.25 -49.22
C LEU D 215 -12.38 7.88 -50.25
N TYR D 216 -12.18 7.16 -51.36
CA TYR D 216 -11.38 7.64 -52.48
C TYR D 216 -10.10 8.37 -52.01
N GLY D 217 -9.36 7.72 -51.10
CA GLY D 217 -8.04 8.19 -50.74
C GLY D 217 -7.95 9.38 -49.78
N THR D 218 -9.05 9.66 -49.06
CA THR D 218 -9.14 10.78 -48.07
C THR D 218 -9.83 10.25 -46.83
N ASP D 219 -9.33 10.66 -45.67
CA ASP D 219 -9.87 10.29 -44.36
C ASP D 219 -10.90 11.33 -43.93
N TYR D 220 -12.02 10.92 -43.36
CA TYR D 220 -13.01 11.86 -42.93
C TYR D 220 -13.36 11.44 -41.53
N THR D 221 -13.46 12.40 -40.65
CA THR D 221 -14.09 12.16 -39.38
C THR D 221 -15.47 12.74 -39.51
N VAL D 222 -16.51 11.96 -39.28
CA VAL D 222 -17.89 12.42 -39.54
C VAL D 222 -18.64 12.38 -38.22
N TYR D 223 -19.19 13.51 -37.80
CA TYR D 223 -20.21 13.44 -36.73
C TYR D 223 -21.50 12.84 -37.34
N THR D 224 -22.14 11.95 -36.65
CA THR D 224 -23.48 11.56 -37.10
C THR D 224 -24.28 11.16 -35.82
N HIS D 225 -25.53 11.57 -35.76
CA HIS D 225 -26.42 11.21 -34.69
C HIS D 225 -27.86 11.03 -35.22
N SER D 226 -28.57 9.98 -34.75
CA SER D 226 -29.97 9.76 -35.00
C SER D 226 -30.76 9.97 -33.73
N PHE D 227 -31.81 10.75 -33.79
CA PHE D 227 -32.64 10.99 -32.62
C PHE D 227 -33.95 10.20 -32.77
N LEU D 228 -33.99 9.02 -32.18
CA LEU D 228 -35.17 8.16 -32.22
C LEU D 228 -36.30 8.85 -31.50
N CYS D 229 -37.52 8.81 -32.06
CA CYS D 229 -38.76 9.44 -31.50
C CYS D 229 -38.94 10.85 -31.93
N TYR D 230 -37.97 11.38 -32.67
CA TYR D 230 -38.03 12.75 -33.16
C TYR D 230 -38.19 12.93 -34.66
N GLY D 231 -38.60 11.87 -35.36
CA GLY D 231 -39.28 12.01 -36.61
C GLY D 231 -40.55 12.79 -36.37
N LYS D 232 -41.17 13.26 -37.44
CA LYS D 232 -42.27 14.20 -37.30
C LYS D 232 -43.57 13.57 -36.80
N ASP D 233 -43.82 12.31 -37.13
CA ASP D 233 -45.02 11.66 -36.64
C ASP D 233 -44.93 11.26 -35.18
N GLN D 234 -43.82 10.60 -34.81
CA GLN D 234 -43.49 10.30 -33.43
C GLN D 234 -43.42 11.59 -32.56
N ALA D 235 -42.91 12.69 -33.10
CA ALA D 235 -43.02 13.94 -32.34
C ALA D 235 -44.46 14.40 -32.08
N LEU D 236 -45.37 14.23 -33.04
CA LEU D 236 -46.75 14.62 -32.87
C LEU D 236 -47.32 13.75 -31.79
N TRP D 237 -47.01 12.46 -31.76
CA TRP D 237 -47.55 11.60 -30.68
CA TRP D 237 -47.60 11.63 -30.69
C TRP D 237 -47.07 12.05 -29.33
N GLN D 238 -45.78 12.34 -29.20
CA GLN D 238 -45.20 12.77 -27.92
C GLN D 238 -45.97 13.98 -27.48
N LYS D 239 -46.14 14.87 -28.41
CA LYS D 239 -46.78 16.16 -28.15
C LYS D 239 -48.25 16.04 -27.63
N LEU D 240 -49.05 15.23 -28.31
CA LEU D 240 -50.38 14.94 -27.92
C LEU D 240 -50.43 14.22 -26.63
N ALA D 241 -49.55 13.23 -26.46
CA ALA D 241 -49.52 12.53 -25.18
C ALA D 241 -49.14 13.45 -24.01
N GLN D 242 -48.19 14.36 -24.26
CA GLN D 242 -47.83 15.35 -23.24
C GLN D 242 -48.98 16.32 -22.90
N ASP D 243 -49.72 16.79 -23.88
CA ASP D 243 -50.85 17.73 -23.70
C ASP D 243 -52.19 17.17 -23.19
N ILE D 244 -52.58 15.96 -23.60
CA ILE D 244 -53.88 15.36 -23.16
C ILE D 244 -53.90 15.26 -21.63
N GLN D 245 -54.99 15.67 -20.97
CA GLN D 245 -55.03 15.71 -19.51
C GLN D 245 -56.22 14.87 -19.02
N VAL D 246 -56.12 14.37 -17.79
CA VAL D 246 -57.24 13.64 -17.23
C VAL D 246 -58.49 14.53 -17.35
N SER D 247 -58.26 15.83 -17.20
CA SER D 247 -59.29 16.89 -17.29
C SER D 247 -59.64 17.44 -18.70
N SER D 248 -59.16 16.84 -19.78
CA SER D 248 -59.64 17.18 -21.10
C SER D 248 -61.03 16.58 -21.23
N GLY D 249 -61.74 16.89 -22.26
CA GLY D 249 -63.08 16.34 -22.21
C GLY D 249 -63.11 15.05 -22.96
N GLY D 250 -61.97 14.57 -23.37
CA GLY D 250 -61.99 13.80 -24.57
C GLY D 250 -61.98 14.85 -25.69
N ILE D 251 -61.51 16.06 -25.36
CA ILE D 251 -61.39 17.18 -26.28
C ILE D 251 -60.02 17.77 -26.09
N LEU D 252 -59.25 17.94 -27.14
CA LEU D 252 -57.98 18.63 -26.95
C LEU D 252 -57.89 19.76 -27.91
N LYS D 253 -57.95 20.99 -27.42
CA LYS D 253 -57.74 22.15 -28.26
C LYS D 253 -56.25 22.22 -28.59
N ASP D 254 -55.89 22.22 -29.85
CA ASP D 254 -54.50 22.20 -30.18
C ASP D 254 -54.17 23.28 -31.17
N PRO D 255 -53.18 24.16 -30.90
CA PRO D 255 -52.80 25.26 -31.82
C PRO D 255 -52.06 24.87 -33.05
N CYS D 256 -51.63 23.63 -33.15
CA CYS D 256 -50.91 23.09 -34.32
C CYS D 256 -51.78 22.65 -35.51
N PHE D 257 -53.09 22.79 -35.36
CA PHE D 257 -54.07 22.48 -36.38
C PHE D 257 -55.02 23.64 -36.57
N TYR D 258 -55.53 23.76 -37.79
CA TYR D 258 -56.28 24.95 -38.23
C TYR D 258 -57.58 25.10 -37.51
N PRO D 259 -58.05 26.33 -37.38
CA PRO D 259 -59.35 26.50 -36.82
C PRO D 259 -60.35 25.64 -37.61
N GLY D 260 -61.22 24.93 -36.92
CA GLY D 260 -62.22 24.09 -37.55
C GLY D 260 -61.81 22.66 -37.87
N TYR D 261 -60.53 22.35 -37.71
CA TYR D 261 -60.05 21.02 -37.91
C TYR D 261 -60.39 20.18 -36.68
N LYS D 262 -60.80 18.94 -36.89
CA LYS D 262 -61.20 18.03 -35.83
C LYS D 262 -60.77 16.68 -36.25
N LYS D 263 -60.24 15.90 -35.31
CA LYS D 263 -59.75 14.57 -35.58
C LYS D 263 -59.75 13.73 -34.29
N VAL D 264 -60.28 12.50 -34.37
CA VAL D 264 -60.30 11.63 -33.23
C VAL D 264 -58.99 10.84 -33.13
N VAL D 265 -58.47 10.78 -31.90
CA VAL D 265 -57.26 10.08 -31.50
C VAL D 265 -57.69 9.02 -30.50
N ASN D 266 -57.30 7.80 -30.77
CA ASN D 266 -57.58 6.75 -29.88
C ASN D 266 -56.40 6.64 -28.90
N VAL D 267 -56.73 6.67 -27.61
CA VAL D 267 -55.73 6.71 -26.54
C VAL D 267 -54.78 5.49 -26.63
N SER D 268 -55.37 4.38 -27.04
CA SER D 268 -54.60 3.17 -27.13
C SER D 268 -53.64 3.16 -28.25
N GLU D 269 -53.97 3.73 -29.41
CA GLU D 269 -52.98 3.90 -30.45
C GLU D 269 -51.91 4.89 -30.03
N LEU D 270 -52.34 5.99 -29.41
CA LEU D 270 -51.43 6.97 -28.85
C LEU D 270 -50.34 6.38 -27.93
N TYR D 271 -50.75 5.53 -27.00
CA TYR D 271 -49.85 4.91 -26.08
C TYR D 271 -49.31 3.61 -26.62
N GLY D 272 -49.48 3.34 -27.90
CA GLY D 272 -48.97 2.12 -28.46
C GLY D 272 -47.59 2.27 -29.06
N THR D 273 -46.94 3.39 -28.88
CA THR D 273 -45.60 3.57 -29.33
C THR D 273 -44.67 3.78 -28.13
N PRO D 274 -43.44 3.22 -28.15
CA PRO D 274 -42.54 3.55 -27.05
C PRO D 274 -42.25 5.06 -26.88
N CYS D 275 -42.44 5.88 -27.92
CA CYS D 275 -42.14 7.32 -27.88
C CYS D 275 -43.01 8.10 -26.93
N THR D 276 -44.15 7.51 -26.53
CA THR D 276 -45.07 8.21 -25.63
C THR D 276 -45.04 7.69 -24.20
N LYS D 277 -44.20 6.68 -23.95
CA LYS D 277 -44.22 6.02 -22.63
C LYS D 277 -43.99 7.02 -21.49
N ARG D 278 -43.08 7.99 -21.72
CA ARG D 278 -42.73 8.98 -20.64
C ARG D 278 -43.89 9.93 -20.34
N PHE D 279 -44.85 10.02 -21.28
CA PHE D 279 -46.03 10.82 -21.08
C PHE D 279 -47.33 10.09 -20.72
N GLU D 280 -47.36 8.77 -20.64
CA GLU D 280 -48.65 8.13 -20.37
C GLU D 280 -49.29 8.46 -19.03
N LYS D 281 -50.61 8.56 -19.01
CA LYS D 281 -51.42 8.95 -17.84
C LYS D 281 -52.59 8.01 -17.85
N LYS D 282 -53.21 7.76 -16.73
CA LYS D 282 -54.46 7.09 -16.81
C LYS D 282 -55.56 8.08 -17.20
N LEU D 283 -56.25 7.80 -18.33
CA LEU D 283 -57.28 8.67 -18.91
C LEU D 283 -58.62 8.03 -18.73
N PRO D 284 -59.62 8.83 -18.34
CA PRO D 284 -61.03 8.37 -18.22
C PRO D 284 -61.79 8.11 -19.52
N PHE D 285 -61.18 8.37 -20.66
CA PHE D 285 -61.87 8.25 -21.91
C PHE D 285 -60.94 7.41 -22.74
N ASN D 286 -61.49 6.70 -23.70
CA ASN D 286 -60.73 5.84 -24.59
C ASN D 286 -60.25 6.49 -25.91
N GLN D 287 -60.80 7.66 -26.18
CA GLN D 287 -60.38 8.48 -27.32
C GLN D 287 -60.73 9.93 -27.06
N PHE D 288 -60.17 10.81 -27.88
CA PHE D 288 -60.42 12.24 -27.77
C PHE D 288 -60.37 12.92 -29.11
N GLN D 289 -61.08 14.03 -29.20
CA GLN D 289 -61.06 14.78 -30.45
C GLN D 289 -60.14 16.00 -30.34
N VAL D 290 -59.12 15.98 -31.19
CA VAL D 290 -58.29 17.16 -31.39
C VAL D 290 -59.11 18.21 -32.10
N GLN D 291 -59.17 19.42 -31.55
CA GLN D 291 -59.78 20.56 -32.26
C GLN D 291 -58.77 21.67 -32.54
N GLY D 292 -58.55 22.04 -33.80
CA GLY D 292 -57.50 23.03 -34.04
C GLY D 292 -57.90 24.43 -33.57
N THR D 293 -56.92 25.18 -33.09
CA THR D 293 -57.11 26.60 -32.78
C THR D 293 -56.16 27.47 -33.61
N GLY D 294 -55.32 26.81 -34.41
CA GLY D 294 -54.54 27.47 -35.41
C GLY D 294 -53.80 28.65 -34.87
N ASP D 295 -52.80 28.42 -34.04
CA ASP D 295 -51.93 29.50 -33.52
C ASP D 295 -50.48 29.10 -33.58
N TYR D 296 -49.76 29.67 -34.53
CA TYR D 296 -48.40 29.26 -34.72
C TYR D 296 -47.49 29.29 -33.44
N GLU D 297 -47.61 30.35 -32.64
CA GLU D 297 -46.68 30.55 -31.53
C GLU D 297 -47.01 29.65 -30.36
N GLN D 298 -48.29 29.44 -30.12
CA GLN D 298 -48.60 28.47 -29.13
C GLN D 298 -48.17 27.06 -29.62
N CYS D 299 -48.29 26.78 -30.94
CA CYS D 299 -47.84 25.51 -31.51
C CYS D 299 -46.35 25.28 -31.30
N HIS D 300 -45.56 26.29 -31.67
CA HIS D 300 -44.13 26.33 -31.39
C HIS D 300 -43.77 26.10 -29.92
N GLN D 301 -44.38 26.86 -29.01
CA GLN D 301 -44.12 26.60 -27.60
C GLN D 301 -44.49 25.19 -27.15
N SER D 302 -45.62 24.70 -27.62
CA SER D 302 -46.08 23.34 -27.32
CA SER D 302 -46.11 23.35 -27.37
C SER D 302 -45.14 22.27 -27.86
N ILE D 303 -44.57 22.50 -29.05
CA ILE D 303 -43.56 21.59 -29.58
C ILE D 303 -42.27 21.55 -28.72
N LEU D 304 -41.79 22.72 -28.31
CA LEU D 304 -40.57 22.85 -27.56
C LEU D 304 -40.67 22.07 -26.31
N LYS D 305 -41.87 21.93 -25.80
CA LYS D 305 -42.02 21.20 -24.59
C LYS D 305 -41.52 19.76 -24.64
N ILE D 306 -41.41 19.15 -25.81
CA ILE D 306 -41.01 17.76 -25.89
C ILE D 306 -39.48 17.60 -26.00
N PHE D 307 -38.79 18.73 -26.03
CA PHE D 307 -37.33 18.79 -26.11
C PHE D 307 -36.74 19.29 -24.81
N ASN D 308 -35.60 18.74 -24.41
CA ASN D 308 -34.94 19.29 -23.25
C ASN D 308 -33.77 20.13 -23.75
N ASN D 309 -33.85 21.44 -23.52
CA ASN D 309 -32.77 22.32 -23.92
C ASN D 309 -32.15 23.11 -22.78
N SER D 310 -32.28 22.66 -21.54
CA SER D 310 -31.76 23.40 -20.41
C SER D 310 -30.31 23.11 -20.15
N HIS D 311 -29.96 21.85 -20.15
CA HIS D 311 -28.63 21.56 -19.76
C HIS D 311 -27.94 21.05 -20.93
N CYS D 312 -26.84 21.71 -21.21
CA CYS D 312 -25.95 21.25 -22.21
C CYS D 312 -24.55 21.20 -21.59
N PRO D 313 -23.97 19.98 -21.46
CA PRO D 313 -22.65 20.02 -20.89
C PRO D 313 -21.54 20.15 -21.92
N TYR D 314 -21.79 20.79 -23.05
CA TYR D 314 -20.83 21.02 -24.07
C TYR D 314 -20.94 22.44 -24.46
N SER D 315 -20.15 22.85 -25.45
CA SER D 315 -20.26 24.20 -25.93
C SER D 315 -21.57 24.45 -26.60
N GLN D 316 -22.10 23.46 -27.32
CA GLN D 316 -23.46 23.55 -27.87
C GLN D 316 -23.96 22.10 -28.03
N CYS D 317 -25.28 21.96 -28.20
CA CYS D 317 -26.00 20.69 -28.20
C CYS D 317 -27.10 20.73 -29.24
N ALA D 318 -27.51 19.57 -29.72
CA ALA D 318 -28.77 19.37 -30.36
C ALA D 318 -29.89 19.55 -29.31
N PHE D 319 -30.20 18.53 -28.53
CA PHE D 319 -31.20 18.65 -27.51
C PHE D 319 -31.01 17.42 -26.68
N ASN D 320 -31.64 17.41 -25.52
CA ASN D 320 -31.56 16.24 -24.62
C ASN D 320 -30.14 15.93 -24.18
N GLY D 321 -29.28 16.95 -23.99
CA GLY D 321 -27.89 16.73 -23.58
C GLY D 321 -26.98 16.18 -24.69
N VAL D 322 -27.45 16.10 -25.93
CA VAL D 322 -26.64 15.44 -26.95
C VAL D 322 -25.72 16.47 -27.66
N PHE D 323 -24.41 16.22 -27.64
CA PHE D 323 -23.46 17.07 -28.30
C PHE D 323 -23.83 17.24 -29.78
N LEU D 324 -23.69 18.48 -30.24
CA LEU D 324 -23.65 18.78 -31.69
C LEU D 324 -22.47 19.68 -31.96
N PRO D 325 -21.71 19.40 -33.04
CA PRO D 325 -20.63 20.38 -33.29
C PRO D 325 -21.16 21.76 -33.78
N PRO D 326 -20.27 22.81 -33.79
CA PRO D 326 -20.65 24.01 -34.47
C PRO D 326 -20.92 23.68 -35.96
N LEU D 327 -21.98 24.24 -36.51
CA LEU D 327 -22.30 24.00 -37.88
C LEU D 327 -21.21 24.54 -38.79
N GLN D 328 -20.82 23.77 -39.78
CA GLN D 328 -19.88 24.28 -40.74
C GLN D 328 -20.28 23.77 -42.10
N GLY D 329 -20.14 24.61 -43.11
CA GLY D 329 -20.39 24.24 -44.49
C GLY D 329 -21.85 24.25 -44.91
N SER D 330 -22.09 23.79 -46.14
CA SER D 330 -23.42 23.66 -46.66
C SER D 330 -24.04 22.32 -46.23
N PHE D 331 -25.37 22.24 -46.24
CA PHE D 331 -26.17 21.05 -45.82
C PHE D 331 -27.21 20.77 -46.86
N GLY D 332 -27.45 19.50 -47.13
CA GLY D 332 -28.60 19.07 -47.90
C GLY D 332 -29.64 18.52 -46.91
N ALA D 333 -30.87 19.00 -47.01
CA ALA D 333 -31.94 18.54 -46.14
C ALA D 333 -32.91 17.82 -47.01
N PHE D 334 -33.24 16.59 -46.65
CA PHE D 334 -33.96 15.78 -47.56
C PHE D 334 -35.07 14.97 -46.85
N SER D 335 -35.70 14.05 -47.59
CA SER D 335 -36.96 13.39 -47.15
C SER D 335 -37.99 14.36 -46.69
N ALA D 336 -38.53 14.15 -45.51
CA ALA D 336 -39.55 15.05 -45.04
C ALA D 336 -39.14 16.50 -44.94
N PHE D 337 -37.88 16.77 -44.65
CA PHE D 337 -37.42 18.16 -44.66
C PHE D 337 -37.74 18.78 -46.03
N TYR D 338 -37.47 18.02 -47.12
CA TYR D 338 -37.74 18.50 -48.43
C TYR D 338 -39.24 18.67 -48.73
N PHE D 339 -40.06 17.66 -48.48
CA PHE D 339 -41.43 17.74 -48.89
C PHE D 339 -42.20 18.75 -48.12
N VAL D 340 -41.90 18.93 -46.84
CA VAL D 340 -42.59 19.91 -46.02
C VAL D 340 -42.19 21.32 -46.51
N MET D 341 -40.89 21.54 -46.66
CA MET D 341 -40.42 22.86 -47.01
C MET D 341 -40.83 23.16 -48.39
N ASP D 342 -40.86 22.17 -49.28
CA ASP D 342 -41.38 22.37 -50.64
C ASP D 342 -42.82 22.99 -50.71
N PHE D 343 -43.72 22.54 -49.84
CA PHE D 343 -45.05 23.07 -49.74
C PHE D 343 -45.02 24.55 -49.34
N PHE D 344 -44.34 24.85 -48.25
CA PHE D 344 -44.22 26.24 -47.79
C PHE D 344 -43.51 27.15 -48.80
N LYS D 345 -42.49 26.59 -49.43
CA LYS D 345 -41.68 27.31 -50.39
C LYS D 345 -42.53 27.83 -51.48
N LYS D 346 -43.46 27.01 -51.93
CA LYS D 346 -44.36 27.33 -53.05
CA LYS D 346 -44.32 27.35 -53.06
C LYS D 346 -45.18 28.53 -52.67
N MET D 347 -45.49 28.67 -51.37
CA MET D 347 -46.17 29.90 -50.91
C MET D 347 -45.24 31.16 -50.82
N ALA D 348 -43.96 31.01 -51.17
CA ALA D 348 -42.96 32.09 -51.01
C ALA D 348 -42.06 32.33 -52.24
N ASN D 349 -42.65 32.48 -53.42
CA ASN D 349 -41.85 32.63 -54.66
C ASN D 349 -41.48 31.31 -55.40
N ASP D 350 -41.51 30.17 -54.69
CA ASP D 350 -40.81 28.91 -55.09
C ASP D 350 -39.30 28.98 -54.59
N SER D 351 -39.08 29.78 -53.56
CA SER D 351 -37.75 30.15 -53.04
C SER D 351 -37.84 29.98 -51.55
N VAL D 352 -36.84 29.31 -50.97
CA VAL D 352 -36.71 29.23 -49.50
C VAL D 352 -36.03 30.52 -49.04
N SER D 353 -36.87 31.37 -48.51
CA SER D 353 -36.47 32.67 -48.15
C SER D 353 -35.94 32.51 -46.68
N SER D 354 -35.84 33.61 -45.96
CA SER D 354 -35.26 33.63 -44.64
C SER D 354 -36.08 32.86 -43.68
N GLN D 355 -35.43 32.59 -42.56
CA GLN D 355 -36.09 31.97 -41.45
C GLN D 355 -37.33 32.80 -41.07
N GLU D 356 -37.18 34.12 -41.06
CA GLU D 356 -38.24 35.00 -40.64
C GLU D 356 -39.44 35.02 -41.65
N LYS D 357 -39.15 34.95 -42.96
CA LYS D 357 -40.18 34.88 -43.98
C LYS D 357 -40.97 33.56 -43.85
N MET D 358 -40.25 32.47 -43.67
CA MET D 358 -40.86 31.17 -43.57
C MET D 358 -41.75 31.04 -42.34
N THR D 359 -41.29 31.63 -41.25
CA THR D 359 -42.03 31.76 -40.01
C THR D 359 -43.30 32.62 -40.17
N GLU D 360 -43.22 33.75 -40.87
CA GLU D 360 -44.38 34.57 -41.27
C GLU D 360 -45.38 33.75 -42.11
N ILE D 361 -44.88 33.06 -43.12
CA ILE D 361 -45.71 32.17 -43.91
C ILE D 361 -46.48 31.12 -43.13
N THR D 362 -45.82 30.46 -42.21
CA THR D 362 -46.39 29.38 -41.49
C THR D 362 -47.38 29.90 -40.49
N LYS D 363 -47.08 31.07 -39.92
CA LYS D 363 -47.99 31.75 -38.99
C LYS D 363 -49.35 32.07 -39.60
N ASN D 364 -49.31 32.68 -40.77
CA ASN D 364 -50.48 32.87 -41.68
C ASN D 364 -51.27 31.66 -42.07
N PHE D 365 -50.54 30.64 -42.49
CA PHE D 365 -51.09 29.37 -42.86
C PHE D 365 -51.84 28.65 -41.70
N CYS D 366 -51.22 28.61 -40.52
CA CYS D 366 -51.77 27.89 -39.39
C CYS D 366 -53.08 28.55 -38.99
N SER D 367 -53.23 29.87 -39.25
CA SER D 367 -54.45 30.68 -38.99
C SER D 367 -55.63 30.41 -39.86
N LYS D 368 -55.42 29.80 -41.02
CA LYS D 368 -56.47 29.68 -42.02
C LYS D 368 -57.43 28.58 -41.62
N PRO D 369 -58.75 28.84 -41.69
CA PRO D 369 -59.75 27.82 -41.37
C PRO D 369 -59.50 26.54 -42.20
N TRP D 370 -59.75 25.35 -41.64
CA TRP D 370 -59.61 24.12 -42.37
C TRP D 370 -60.40 24.08 -43.67
N GLU D 371 -61.62 24.65 -43.70
CA GLU D 371 -62.32 24.70 -44.98
C GLU D 371 -61.50 25.46 -46.04
N GLU D 372 -60.89 26.57 -45.63
CA GLU D 372 -60.18 27.45 -46.52
C GLU D 372 -58.93 26.76 -47.03
N VAL D 373 -58.25 26.06 -46.14
CA VAL D 373 -57.04 25.28 -46.46
C VAL D 373 -57.34 24.22 -47.54
N LYS D 374 -58.39 23.44 -47.32
CA LYS D 374 -58.80 22.40 -48.28
C LYS D 374 -59.12 22.96 -49.63
N ALA D 375 -59.82 24.09 -49.62
CA ALA D 375 -60.25 24.74 -50.83
C ALA D 375 -59.10 25.34 -51.61
N SER D 376 -58.11 25.83 -50.89
CA SER D 376 -56.89 26.48 -51.44
C SER D 376 -55.89 25.53 -52.09
N TYR D 377 -55.84 24.32 -51.57
CA TYR D 377 -54.90 23.23 -52.03
C TYR D 377 -55.66 21.93 -52.35
N PRO D 378 -56.53 21.97 -53.36
CA PRO D 378 -57.35 20.82 -53.67
C PRO D 378 -56.59 19.60 -54.22
N THR D 379 -55.37 19.80 -54.72
CA THR D 379 -54.64 18.67 -55.28
C THR D 379 -53.80 17.90 -54.27
N VAL D 380 -53.76 18.33 -53.00
CA VAL D 380 -52.86 17.79 -52.02
C VAL D 380 -53.64 16.80 -51.17
N LYS D 381 -53.11 15.59 -51.04
CA LYS D 381 -53.75 14.56 -50.20
C LYS D 381 -54.06 15.16 -48.84
N GLU D 382 -55.30 14.98 -48.37
CA GLU D 382 -55.67 15.50 -47.04
C GLU D 382 -54.87 15.00 -45.86
N LYS D 383 -54.34 13.79 -45.93
CA LYS D 383 -53.46 13.31 -44.88
C LYS D 383 -52.18 14.16 -44.77
N TYR D 384 -51.62 14.63 -45.89
CA TYR D 384 -50.51 15.61 -45.76
C TYR D 384 -50.98 17.00 -45.37
N LEU D 385 -52.06 17.46 -45.99
CA LEU D 385 -52.55 18.80 -45.81
C LEU D 385 -52.89 19.08 -44.37
N SER D 386 -53.48 18.08 -43.71
CA SER D 386 -54.07 18.31 -42.38
C SER D 386 -52.95 18.60 -41.34
N GLU D 387 -51.75 18.11 -41.67
CA GLU D 387 -50.60 18.18 -40.82
C GLU D 387 -49.53 19.24 -41.15
N TYR D 388 -49.74 20.05 -42.17
CA TYR D 388 -48.69 20.97 -42.59
C TYR D 388 -48.44 22.06 -41.59
N CYS D 389 -49.47 22.58 -40.89
CA CYS D 389 -49.19 23.57 -39.82
C CYS D 389 -48.28 22.94 -38.78
N PHE D 390 -48.62 21.75 -38.26
CA PHE D 390 -47.76 21.07 -37.32
C PHE D 390 -46.38 20.75 -37.89
N SER D 391 -46.29 20.21 -39.10
CA SER D 391 -44.97 19.79 -39.51
CA SER D 391 -45.02 19.77 -39.66
C SER D 391 -44.07 20.93 -39.97
N GLY D 392 -44.63 22.01 -40.49
CA GLY D 392 -43.80 23.16 -40.79
C GLY D 392 -43.29 23.74 -39.48
N THR D 393 -44.14 23.93 -38.47
CA THR D 393 -43.66 24.50 -37.18
C THR D 393 -42.60 23.57 -36.61
N TYR D 394 -42.82 22.24 -36.72
CA TYR D 394 -41.89 21.27 -36.19
C TYR D 394 -40.52 21.35 -36.85
N ILE D 395 -40.48 21.37 -38.17
CA ILE D 395 -39.22 21.45 -38.88
CA ILE D 395 -39.22 21.43 -38.85
C ILE D 395 -38.49 22.76 -38.59
N LEU D 396 -39.21 23.86 -38.51
CA LEU D 396 -38.59 25.15 -38.10
C LEU D 396 -37.97 25.01 -36.69
N SER D 397 -38.69 24.44 -35.75
CA SER D 397 -38.15 24.28 -34.41
C SER D 397 -36.96 23.32 -34.35
N LEU D 398 -37.07 22.17 -35.00
CA LEU D 398 -35.98 21.24 -35.09
C LEU D 398 -34.75 21.85 -35.71
N LEU D 399 -34.91 22.48 -36.84
CA LEU D 399 -33.76 23.13 -37.49
C LEU D 399 -33.14 24.28 -36.71
N LEU D 400 -33.94 25.11 -36.07
CA LEU D 400 -33.44 26.29 -35.38
C LEU D 400 -33.00 26.01 -33.96
N GLN D 401 -33.92 25.56 -33.10
CA GLN D 401 -33.60 25.24 -31.72
C GLN D 401 -32.83 23.95 -31.55
N GLY D 402 -33.04 22.95 -32.42
CA GLY D 402 -32.38 21.69 -32.22
C GLY D 402 -31.06 21.66 -32.88
N TYR D 403 -31.06 21.81 -34.20
CA TYR D 403 -29.80 21.76 -34.96
C TYR D 403 -29.04 23.07 -35.10
N ASN D 404 -29.57 24.09 -34.47
CA ASN D 404 -28.83 25.35 -34.27
C ASN D 404 -28.59 26.18 -35.54
N PHE D 405 -29.44 26.06 -36.54
CA PHE D 405 -29.35 26.85 -37.75
C PHE D 405 -30.02 28.20 -37.53
N THR D 406 -29.88 28.78 -36.36
CA THR D 406 -30.39 30.15 -36.15
C THR D 406 -29.58 31.30 -36.78
N GLY D 407 -30.25 32.44 -36.92
CA GLY D 407 -29.73 33.56 -37.68
C GLY D 407 -29.18 33.12 -39.03
N THR D 408 -27.86 33.33 -39.19
CA THR D 408 -27.03 33.15 -40.41
C THR D 408 -26.99 31.79 -41.06
N SER D 409 -26.59 30.81 -40.25
CA SER D 409 -26.51 29.39 -40.59
C SER D 409 -27.69 28.87 -41.48
N TRP D 410 -28.89 29.41 -41.20
CA TRP D 410 -30.06 29.13 -41.98
C TRP D 410 -29.83 29.00 -43.46
N ASP D 411 -28.93 29.81 -44.00
CA ASP D 411 -28.83 29.92 -45.47
C ASP D 411 -27.95 28.83 -46.11
N GLN D 412 -27.28 28.09 -45.24
CA GLN D 412 -26.46 26.97 -45.61
CA GLN D 412 -26.44 27.00 -45.68
C GLN D 412 -27.30 25.71 -45.94
N ILE D 413 -28.57 25.72 -45.59
CA ILE D 413 -29.43 24.55 -45.91
C ILE D 413 -29.93 24.64 -47.35
N HIS D 414 -29.70 23.57 -48.10
CA HIS D 414 -30.29 23.38 -49.38
C HIS D 414 -31.32 22.27 -49.26
N PHE D 415 -32.60 22.56 -49.47
CA PHE D 415 -33.66 21.51 -49.35
C PHE D 415 -33.71 20.80 -50.68
N MET D 416 -33.54 19.47 -50.72
CA MET D 416 -33.43 18.76 -51.99
C MET D 416 -34.12 17.42 -52.01
N GLY D 417 -34.62 17.07 -53.18
CA GLY D 417 -35.24 15.78 -53.29
C GLY D 417 -34.38 14.86 -54.09
N LYS D 418 -34.08 15.28 -55.32
CA LYS D 418 -33.16 14.56 -56.21
C LYS D 418 -31.86 15.34 -56.48
N ILE D 419 -30.75 14.65 -56.67
CA ILE D 419 -29.58 15.29 -57.17
C ILE D 419 -29.23 14.56 -58.46
N LYS D 420 -29.07 15.27 -59.57
CA LYS D 420 -28.75 14.59 -60.83
C LYS D 420 -29.81 13.47 -61.12
N ASP D 421 -31.10 13.76 -60.98
CA ASP D 421 -32.09 12.67 -61.12
C ASP D 421 -32.03 11.41 -60.17
N SER D 422 -31.23 11.40 -59.10
CA SER D 422 -31.33 10.35 -58.10
C SER D 422 -31.78 10.98 -56.81
N ASN D 423 -32.71 10.34 -56.13
CA ASN D 423 -33.05 10.78 -54.80
C ASN D 423 -32.00 10.86 -53.77
N ALA D 424 -31.99 12.00 -53.08
CA ALA D 424 -31.20 12.17 -51.87
C ALA D 424 -31.82 11.24 -50.78
N GLY D 425 -31.00 10.50 -50.03
CA GLY D 425 -31.54 9.55 -49.06
C GLY D 425 -30.41 8.64 -48.71
N TRP D 426 -30.62 7.57 -47.94
CA TRP D 426 -29.45 6.77 -47.56
C TRP D 426 -29.25 5.57 -48.47
N THR D 427 -30.22 5.29 -49.33
CA THR D 427 -30.17 4.01 -50.09
C THR D 427 -29.05 3.90 -51.07
N LEU D 428 -28.71 5.00 -51.76
CA LEU D 428 -27.60 4.91 -52.70
C LEU D 428 -26.24 4.63 -52.04
N GLY D 429 -25.91 5.40 -51.01
CA GLY D 429 -24.81 5.11 -50.11
C GLY D 429 -24.72 3.67 -49.68
N TYR D 430 -25.84 3.16 -49.13
CA TYR D 430 -25.94 1.75 -48.77
C TYR D 430 -25.60 0.81 -49.96
N MET D 431 -26.19 1.03 -51.13
CA MET D 431 -25.92 0.24 -52.32
C MET D 431 -24.43 0.24 -52.70
N LEU D 432 -23.82 1.41 -52.64
CA LEU D 432 -22.38 1.60 -52.98
C LEU D 432 -21.49 0.83 -52.05
N ASN D 433 -21.86 0.78 -50.78
CA ASN D 433 -21.11 0.02 -49.85
C ASN D 433 -21.25 -1.47 -50.08
N LEU D 434 -22.46 -1.92 -50.31
CA LEU D 434 -22.71 -3.35 -50.53
C LEU D 434 -22.17 -3.86 -51.85
N THR D 435 -21.98 -2.97 -52.80
CA THR D 435 -21.45 -3.41 -54.07
C THR D 435 -19.93 -3.07 -54.21
N ASN D 436 -19.40 -2.46 -53.14
CA ASN D 436 -18.03 -2.04 -53.06
C ASN D 436 -17.64 -1.07 -54.16
N MET D 437 -18.12 0.18 -54.11
CA MET D 437 -17.41 1.24 -54.80
C MET D 437 -16.59 2.11 -53.78
N ILE D 438 -15.35 1.66 -53.52
CA ILE D 438 -14.35 2.15 -52.48
C ILE D 438 -14.84 2.12 -51.02
#